data_4HDD
# 
_entry.id   4HDD 
# 
_audit_conform.dict_name       mmcif_pdbx.dic 
_audit_conform.dict_version    5.397 
_audit_conform.dict_location   http://mmcif.pdb.org/dictionaries/ascii/mmcif_pdbx.dic 
# 
loop_
_database_2.database_id 
_database_2.database_code 
_database_2.pdbx_database_accession 
_database_2.pdbx_DOI 
PDB   4HDD         pdb_00004hdd 10.2210/pdb4hdd/pdb 
RCSB  RCSB075324   ?            ?                   
WWPDB D_1000075324 ?            ?                   
# 
loop_
_pdbx_audit_revision_history.ordinal 
_pdbx_audit_revision_history.data_content_type 
_pdbx_audit_revision_history.major_revision 
_pdbx_audit_revision_history.minor_revision 
_pdbx_audit_revision_history.revision_date 
1 'Structure model' 1 0 2013-02-06 
2 'Structure model' 1 1 2013-05-22 
3 'Structure model' 1 2 2024-10-30 
# 
_pdbx_audit_revision_details.ordinal             1 
_pdbx_audit_revision_details.revision_ordinal    1 
_pdbx_audit_revision_details.data_content_type   'Structure model' 
_pdbx_audit_revision_details.provider            repository 
_pdbx_audit_revision_details.type                'Initial release' 
_pdbx_audit_revision_details.description         ? 
_pdbx_audit_revision_details.details             ? 
# 
loop_
_pdbx_audit_revision_group.ordinal 
_pdbx_audit_revision_group.revision_ordinal 
_pdbx_audit_revision_group.data_content_type 
_pdbx_audit_revision_group.group 
1 2 'Structure model' 'Database references'  
2 3 'Structure model' 'Data collection'      
3 3 'Structure model' 'Database references'  
4 3 'Structure model' 'Derived calculations' 
5 3 'Structure model' 'Structure summary'    
# 
loop_
_pdbx_audit_revision_category.ordinal 
_pdbx_audit_revision_category.revision_ordinal 
_pdbx_audit_revision_category.data_content_type 
_pdbx_audit_revision_category.category 
1 3 'Structure model' chem_comp_atom            
2 3 'Structure model' chem_comp_bond            
3 3 'Structure model' database_2                
4 3 'Structure model' pdbx_entry_details        
5 3 'Structure model' pdbx_modification_feature 
6 3 'Structure model' struct_conn               
7 3 'Structure model' struct_ref_seq_dif        
8 3 'Structure model' struct_site               
# 
loop_
_pdbx_audit_revision_item.ordinal 
_pdbx_audit_revision_item.revision_ordinal 
_pdbx_audit_revision_item.data_content_type 
_pdbx_audit_revision_item.item 
1 3 'Structure model' '_database_2.pdbx_DOI'                
2 3 'Structure model' '_database_2.pdbx_database_accession' 
3 3 'Structure model' '_struct_conn.pdbx_leaving_atom_flag' 
4 3 'Structure model' '_struct_ref_seq_dif.details'         
5 3 'Structure model' '_struct_site.pdbx_auth_asym_id'      
6 3 'Structure model' '_struct_site.pdbx_auth_comp_id'      
7 3 'Structure model' '_struct_site.pdbx_auth_seq_id'       
# 
_pdbx_database_status.entry_id                        4HDD 
_pdbx_database_status.status_code                     REL 
_pdbx_database_status.deposit_site                    RCSB 
_pdbx_database_status.process_site                    RCSB 
_pdbx_database_status.recvd_initial_deposition_date   2012-10-02 
_pdbx_database_status.status_code_sf                  REL 
_pdbx_database_status.status_code_mr                  ? 
_pdbx_database_status.SG_entry                        ? 
_pdbx_database_status.status_code_cs                  ? 
_pdbx_database_status.methods_development_category    ? 
_pdbx_database_status.pdb_format_compatible           Y 
_pdbx_database_status.status_code_nmr_data            ? 
# 
_pdbx_database_related.db_name        PDB 
_pdbx_database_related.db_id          2lep 
_pdbx_database_related.details        . 
_pdbx_database_related.content_type   unspecified 
# 
loop_
_audit_author.name 
_audit_author.pdbx_ordinal 
'Lazareno-Saez, C.' 1 
'Arutyunova, E.'    2 
'Coquelle, N.'      3 
'Lemieux, M.J.'     4 
# 
_citation.id                        primary 
_citation.title                     'Domain swapping in the cytoplasmic domain of the Escherichia coli rhomboid protease.' 
_citation.journal_abbrev            J.Mol.Biol. 
_citation.journal_volume            425 
_citation.page_first                1127 
_citation.page_last                 1142 
_citation.year                      2013 
_citation.journal_id_ASTM           JMOBAK 
_citation.country                   UK 
_citation.journal_id_ISSN           0022-2836 
_citation.journal_id_CSD            0070 
_citation.book_publisher            ? 
_citation.pdbx_database_id_PubMed   23353827 
_citation.pdbx_database_id_DOI      10.1016/j.jmb.2013.01.019 
# 
loop_
_citation_author.citation_id 
_citation_author.name 
_citation_author.ordinal 
_citation_author.identifier_ORCID 
primary 'Lazareno-Saez, C.' 1 ? 
primary 'Arutyunova, E.'    2 ? 
primary 'Coquelle, N.'      3 ? 
primary 'Lemieux, M.J.'     4 ? 
# 
loop_
_entity.id 
_entity.type 
_entity.src_method 
_entity.pdbx_description 
_entity.formula_weight 
_entity.pdbx_number_of_molecules 
_entity.pdbx_ec 
_entity.pdbx_mutation 
_entity.pdbx_fragment 
_entity.details 
1 polymer     man 'Rhomboid protease GlpG' 9112.795 1  3.4.21.105 ? 'N-terminal cytoplasmic domain (UNP residues 2-74)' ? 
2 non-polymer syn 'ACETATE ION'            59.044   1  ?          ? ?                                                   ? 
3 water       nat water                    18.015   66 ?          ? ?                                                   ? 
# 
_entity_name_com.entity_id   1 
_entity_name_com.name        'Intramembrane serine protease' 
# 
_entity_poly.entity_id                      1 
_entity_poly.type                           'polypeptide(L)' 
_entity_poly.nstd_linkage                   no 
_entity_poly.nstd_monomer                   yes 
_entity_poly.pdbx_seq_one_letter_code       
;L(MSE)ITSFANPRVAQAFVDY(MSE)ATQGVILTIQQHNQSDVWLADESQAERVRAELARFLENPADPRYLAASWQAGH
TENLYFQ
;
_entity_poly.pdbx_seq_one_letter_code_can   LMITSFANPRVAQAFVDYMATQGVILTIQQHNQSDVWLADESQAERVRAELARFLENPADPRYLAASWQAGHTENLYFQ 
_entity_poly.pdbx_strand_id                 A 
_entity_poly.pdbx_target_identifier         ? 
# 
loop_
_pdbx_entity_nonpoly.entity_id 
_pdbx_entity_nonpoly.name 
_pdbx_entity_nonpoly.comp_id 
2 'ACETATE ION' ACT 
3 water         HOH 
# 
loop_
_entity_poly_seq.entity_id 
_entity_poly_seq.num 
_entity_poly_seq.mon_id 
_entity_poly_seq.hetero 
1 1  LEU n 
1 2  MSE n 
1 3  ILE n 
1 4  THR n 
1 5  SER n 
1 6  PHE n 
1 7  ALA n 
1 8  ASN n 
1 9  PRO n 
1 10 ARG n 
1 11 VAL n 
1 12 ALA n 
1 13 GLN n 
1 14 ALA n 
1 15 PHE n 
1 16 VAL n 
1 17 ASP n 
1 18 TYR n 
1 19 MSE n 
1 20 ALA n 
1 21 THR n 
1 22 GLN n 
1 23 GLY n 
1 24 VAL n 
1 25 ILE n 
1 26 LEU n 
1 27 THR n 
1 28 ILE n 
1 29 GLN n 
1 30 GLN n 
1 31 HIS n 
1 32 ASN n 
1 33 GLN n 
1 34 SER n 
1 35 ASP n 
1 36 VAL n 
1 37 TRP n 
1 38 LEU n 
1 39 ALA n 
1 40 ASP n 
1 41 GLU n 
1 42 SER n 
1 43 GLN n 
1 44 ALA n 
1 45 GLU n 
1 46 ARG n 
1 47 VAL n 
1 48 ARG n 
1 49 ALA n 
1 50 GLU n 
1 51 LEU n 
1 52 ALA n 
1 53 ARG n 
1 54 PHE n 
1 55 LEU n 
1 56 GLU n 
1 57 ASN n 
1 58 PRO n 
1 59 ALA n 
1 60 ASP n 
1 61 PRO n 
1 62 ARG n 
1 63 TYR n 
1 64 LEU n 
1 65 ALA n 
1 66 ALA n 
1 67 SER n 
1 68 TRP n 
1 69 GLN n 
1 70 ALA n 
1 71 GLY n 
1 72 HIS n 
1 73 THR n 
1 74 GLU n 
1 75 ASN n 
1 76 LEU n 
1 77 TYR n 
1 78 PHE n 
1 79 GLN n 
# 
_entity_src_gen.entity_id                          1 
_entity_src_gen.pdbx_src_id                        1 
_entity_src_gen.pdbx_alt_source_flag               sample 
_entity_src_gen.pdbx_seq_type                      ? 
_entity_src_gen.pdbx_beg_seq_num                   ? 
_entity_src_gen.pdbx_end_seq_num                   ? 
_entity_src_gen.gene_src_common_name               ? 
_entity_src_gen.gene_src_genus                     ? 
_entity_src_gen.pdbx_gene_src_gene                 'b3424, glpG, JW5687' 
_entity_src_gen.gene_src_species                   ? 
_entity_src_gen.gene_src_strain                    TOP10 
_entity_src_gen.gene_src_tissue                    ? 
_entity_src_gen.gene_src_tissue_fraction           ? 
_entity_src_gen.gene_src_details                   ? 
_entity_src_gen.pdbx_gene_src_fragment             ? 
_entity_src_gen.pdbx_gene_src_scientific_name      'Escherichia coli' 
_entity_src_gen.pdbx_gene_src_ncbi_taxonomy_id     562 
_entity_src_gen.pdbx_gene_src_variant              ? 
_entity_src_gen.pdbx_gene_src_cell_line            ? 
_entity_src_gen.pdbx_gene_src_atcc                 ? 
_entity_src_gen.pdbx_gene_src_organ                ? 
_entity_src_gen.pdbx_gene_src_organelle            ? 
_entity_src_gen.pdbx_gene_src_cell                 ? 
_entity_src_gen.pdbx_gene_src_cellular_location    ? 
_entity_src_gen.host_org_common_name               ? 
_entity_src_gen.pdbx_host_org_scientific_name      'Escherichia coli' 
_entity_src_gen.pdbx_host_org_ncbi_taxonomy_id     562 
_entity_src_gen.host_org_genus                     ? 
_entity_src_gen.pdbx_host_org_gene                 ? 
_entity_src_gen.pdbx_host_org_organ                ? 
_entity_src_gen.host_org_species                   ? 
_entity_src_gen.pdbx_host_org_tissue               ? 
_entity_src_gen.pdbx_host_org_tissue_fraction      ? 
_entity_src_gen.pdbx_host_org_strain               TOP10 
_entity_src_gen.pdbx_host_org_variant              ? 
_entity_src_gen.pdbx_host_org_cell_line            ? 
_entity_src_gen.pdbx_host_org_atcc                 ? 
_entity_src_gen.pdbx_host_org_culture_collection   ? 
_entity_src_gen.pdbx_host_org_cell                 ? 
_entity_src_gen.pdbx_host_org_organelle            ? 
_entity_src_gen.pdbx_host_org_cellular_location    ? 
_entity_src_gen.pdbx_host_org_vector_type          plasmid 
_entity_src_gen.pdbx_host_org_vector               ? 
_entity_src_gen.host_org_details                   ? 
_entity_src_gen.expression_system_id               ? 
_entity_src_gen.plasmid_name                       'pBad Myc/HisA' 
_entity_src_gen.plasmid_details                    ? 
_entity_src_gen.pdbx_description                   ? 
# 
loop_
_chem_comp.id 
_chem_comp.type 
_chem_comp.mon_nstd_flag 
_chem_comp.name 
_chem_comp.pdbx_synonyms 
_chem_comp.formula 
_chem_comp.formula_weight 
ACT non-polymer         . 'ACETATE ION'    ? 'C2 H3 O2 -1'    59.044  
ALA 'L-peptide linking' y ALANINE          ? 'C3 H7 N O2'     89.093  
ARG 'L-peptide linking' y ARGININE         ? 'C6 H15 N4 O2 1' 175.209 
ASN 'L-peptide linking' y ASPARAGINE       ? 'C4 H8 N2 O3'    132.118 
ASP 'L-peptide linking' y 'ASPARTIC ACID'  ? 'C4 H7 N O4'     133.103 
GLN 'L-peptide linking' y GLUTAMINE        ? 'C5 H10 N2 O3'   146.144 
GLU 'L-peptide linking' y 'GLUTAMIC ACID'  ? 'C5 H9 N O4'     147.129 
GLY 'peptide linking'   y GLYCINE          ? 'C2 H5 N O2'     75.067  
HIS 'L-peptide linking' y HISTIDINE        ? 'C6 H10 N3 O2 1' 156.162 
HOH non-polymer         . WATER            ? 'H2 O'           18.015  
ILE 'L-peptide linking' y ISOLEUCINE       ? 'C6 H13 N O2'    131.173 
LEU 'L-peptide linking' y LEUCINE          ? 'C6 H13 N O2'    131.173 
MSE 'L-peptide linking' n SELENOMETHIONINE ? 'C5 H11 N O2 Se' 196.106 
PHE 'L-peptide linking' y PHENYLALANINE    ? 'C9 H11 N O2'    165.189 
PRO 'L-peptide linking' y PROLINE          ? 'C5 H9 N O2'     115.130 
SER 'L-peptide linking' y SERINE           ? 'C3 H7 N O3'     105.093 
THR 'L-peptide linking' y THREONINE        ? 'C4 H9 N O3'     119.119 
TRP 'L-peptide linking' y TRYPTOPHAN       ? 'C11 H12 N2 O2'  204.225 
TYR 'L-peptide linking' y TYROSINE         ? 'C9 H11 N O3'    181.189 
VAL 'L-peptide linking' y VALINE           ? 'C5 H11 N O2'    117.146 
# 
loop_
_pdbx_poly_seq_scheme.asym_id 
_pdbx_poly_seq_scheme.entity_id 
_pdbx_poly_seq_scheme.seq_id 
_pdbx_poly_seq_scheme.mon_id 
_pdbx_poly_seq_scheme.ndb_seq_num 
_pdbx_poly_seq_scheme.pdb_seq_num 
_pdbx_poly_seq_scheme.auth_seq_num 
_pdbx_poly_seq_scheme.pdb_mon_id 
_pdbx_poly_seq_scheme.auth_mon_id 
_pdbx_poly_seq_scheme.pdb_strand_id 
_pdbx_poly_seq_scheme.pdb_ins_code 
_pdbx_poly_seq_scheme.hetero 
A 1 1  LEU 1  2  2  LEU LEU A . n 
A 1 2  MSE 2  3  3  MSE MSE A . n 
A 1 3  ILE 3  4  4  ILE ILE A . n 
A 1 4  THR 4  5  5  THR THR A . n 
A 1 5  SER 5  6  6  SER SER A . n 
A 1 6  PHE 6  7  7  PHE PHE A . n 
A 1 7  ALA 7  8  8  ALA ALA A . n 
A 1 8  ASN 8  9  9  ASN ASN A . n 
A 1 9  PRO 9  10 10 PRO PRO A . n 
A 1 10 ARG 10 11 11 ARG ARG A . n 
A 1 11 VAL 11 12 12 VAL VAL A . n 
A 1 12 ALA 12 13 13 ALA ALA A . n 
A 1 13 GLN 13 14 14 GLN GLN A . n 
A 1 14 ALA 14 15 15 ALA ALA A . n 
A 1 15 PHE 15 16 16 PHE PHE A . n 
A 1 16 VAL 16 17 17 VAL VAL A . n 
A 1 17 ASP 17 18 18 ASP ASP A . n 
A 1 18 TYR 18 19 19 TYR TYR A . n 
A 1 19 MSE 19 20 20 MSE MSE A . n 
A 1 20 ALA 20 21 21 ALA ALA A . n 
A 1 21 THR 21 22 22 THR THR A . n 
A 1 22 GLN 22 23 23 GLN GLN A . n 
A 1 23 GLY 23 24 24 GLY GLY A . n 
A 1 24 VAL 24 25 25 VAL VAL A . n 
A 1 25 ILE 25 26 26 ILE ILE A . n 
A 1 26 LEU 26 27 27 LEU LEU A . n 
A 1 27 THR 27 28 28 THR THR A . n 
A 1 28 ILE 28 29 29 ILE ILE A . n 
A 1 29 GLN 29 30 30 GLN GLN A . n 
A 1 30 GLN 30 31 31 GLN GLN A . n 
A 1 31 HIS 31 32 32 HIS HIS A . n 
A 1 32 ASN 32 33 33 ASN ASN A . n 
A 1 33 GLN 33 34 34 GLN GLN A . n 
A 1 34 SER 34 35 35 SER SER A . n 
A 1 35 ASP 35 36 36 ASP ASP A . n 
A 1 36 VAL 36 37 37 VAL VAL A . n 
A 1 37 TRP 37 38 38 TRP TRP A . n 
A 1 38 LEU 38 39 39 LEU LEU A . n 
A 1 39 ALA 39 40 40 ALA ALA A . n 
A 1 40 ASP 40 41 41 ASP ASP A . n 
A 1 41 GLU 41 42 42 GLU GLU A . n 
A 1 42 SER 42 43 43 SER SER A . n 
A 1 43 GLN 43 44 44 GLN GLN A . n 
A 1 44 ALA 44 45 45 ALA ALA A . n 
A 1 45 GLU 45 46 46 GLU GLU A . n 
A 1 46 ARG 46 47 47 ARG ARG A . n 
A 1 47 VAL 47 48 48 VAL VAL A . n 
A 1 48 ARG 48 49 49 ARG ARG A . n 
A 1 49 ALA 49 50 50 ALA ALA A . n 
A 1 50 GLU 50 51 51 GLU GLU A . n 
A 1 51 LEU 51 52 52 LEU LEU A . n 
A 1 52 ALA 52 53 53 ALA ALA A . n 
A 1 53 ARG 53 54 54 ARG ARG A . n 
A 1 54 PHE 54 55 55 PHE PHE A . n 
A 1 55 LEU 55 56 56 LEU LEU A . n 
A 1 56 GLU 56 57 57 GLU GLU A . n 
A 1 57 ASN 57 58 58 ASN ASN A . n 
A 1 58 PRO 58 59 59 PRO PRO A . n 
A 1 59 ALA 59 60 60 ALA ALA A . n 
A 1 60 ASP 60 61 61 ASP ASP A . n 
A 1 61 PRO 61 62 62 PRO PRO A . n 
A 1 62 ARG 62 63 63 ARG ARG A . n 
A 1 63 TYR 63 64 64 TYR TYR A . n 
A 1 64 LEU 64 65 65 LEU LEU A . n 
A 1 65 ALA 65 66 66 ALA ALA A . n 
A 1 66 ALA 66 67 67 ALA ALA A . n 
A 1 67 SER 67 68 ?  ?   ?   A . n 
A 1 68 TRP 68 69 ?  ?   ?   A . n 
A 1 69 GLN 69 70 ?  ?   ?   A . n 
A 1 70 ALA 70 71 ?  ?   ?   A . n 
A 1 71 GLY 71 72 ?  ?   ?   A . n 
A 1 72 HIS 72 73 ?  ?   ?   A . n 
A 1 73 THR 73 74 ?  ?   ?   A . n 
A 1 74 GLU 74 75 ?  ?   ?   A . n 
A 1 75 ASN 75 76 ?  ?   ?   A . n 
A 1 76 LEU 76 77 ?  ?   ?   A . n 
A 1 77 TYR 77 78 ?  ?   ?   A . n 
A 1 78 PHE 78 79 ?  ?   ?   A . n 
A 1 79 GLN 79 80 ?  ?   ?   A . n 
# 
loop_
_pdbx_nonpoly_scheme.asym_id 
_pdbx_nonpoly_scheme.entity_id 
_pdbx_nonpoly_scheme.mon_id 
_pdbx_nonpoly_scheme.ndb_seq_num 
_pdbx_nonpoly_scheme.pdb_seq_num 
_pdbx_nonpoly_scheme.auth_seq_num 
_pdbx_nonpoly_scheme.pdb_mon_id 
_pdbx_nonpoly_scheme.auth_mon_id 
_pdbx_nonpoly_scheme.pdb_strand_id 
_pdbx_nonpoly_scheme.pdb_ins_code 
B 2 ACT 1  101 1  ACT ACT A . 
C 3 HOH 1  201 1  HOH HOH A . 
C 3 HOH 2  202 2  HOH HOH A . 
C 3 HOH 3  203 3  HOH HOH A . 
C 3 HOH 4  204 4  HOH HOH A . 
C 3 HOH 5  205 5  HOH HOH A . 
C 3 HOH 6  206 6  HOH HOH A . 
C 3 HOH 7  207 7  HOH HOH A . 
C 3 HOH 8  208 8  HOH HOH A . 
C 3 HOH 9  209 9  HOH HOH A . 
C 3 HOH 10 210 10 HOH HOH A . 
C 3 HOH 11 211 11 HOH HOH A . 
C 3 HOH 12 212 12 HOH HOH A . 
C 3 HOH 13 213 13 HOH HOH A . 
C 3 HOH 14 214 14 HOH HOH A . 
C 3 HOH 15 215 15 HOH HOH A . 
C 3 HOH 16 216 16 HOH HOH A . 
C 3 HOH 17 217 17 HOH HOH A . 
C 3 HOH 18 218 18 HOH HOH A . 
C 3 HOH 19 219 19 HOH HOH A . 
C 3 HOH 20 220 20 HOH HOH A . 
C 3 HOH 21 221 21 HOH HOH A . 
C 3 HOH 22 222 22 HOH HOH A . 
C 3 HOH 23 223 24 HOH HOH A . 
C 3 HOH 24 224 25 HOH HOH A . 
C 3 HOH 25 225 26 HOH HOH A . 
C 3 HOH 26 226 27 HOH HOH A . 
C 3 HOH 27 227 28 HOH HOH A . 
C 3 HOH 28 228 29 HOH HOH A . 
C 3 HOH 29 229 30 HOH HOH A . 
C 3 HOH 30 230 31 HOH HOH A . 
C 3 HOH 31 231 32 HOH HOH A . 
C 3 HOH 32 232 33 HOH HOH A . 
C 3 HOH 33 233 34 HOH HOH A . 
C 3 HOH 34 234 35 HOH HOH A . 
C 3 HOH 35 235 36 HOH HOH A . 
C 3 HOH 36 236 37 HOH HOH A . 
C 3 HOH 37 237 38 HOH HOH A . 
C 3 HOH 38 238 39 HOH HOH A . 
C 3 HOH 39 239 40 HOH HOH A . 
C 3 HOH 40 240 41 HOH HOH A . 
C 3 HOH 41 241 42 HOH HOH A . 
C 3 HOH 42 242 43 HOH HOH A . 
C 3 HOH 43 243 44 HOH HOH A . 
C 3 HOH 44 244 45 HOH HOH A . 
C 3 HOH 45 245 46 HOH HOH A . 
C 3 HOH 46 246 49 HOH HOH A . 
C 3 HOH 47 247 50 HOH HOH A . 
C 3 HOH 48 248 51 HOH HOH A . 
C 3 HOH 49 249 52 HOH HOH A . 
C 3 HOH 50 250 53 HOH HOH A . 
C 3 HOH 51 251 54 HOH HOH A . 
C 3 HOH 52 252 57 HOH HOH A . 
C 3 HOH 53 253 59 HOH HOH A . 
C 3 HOH 54 254 61 HOH HOH A . 
C 3 HOH 55 255 62 HOH HOH A . 
C 3 HOH 56 256 63 HOH HOH A . 
C 3 HOH 57 257 64 HOH HOH A . 
C 3 HOH 58 258 65 HOH HOH A . 
C 3 HOH 59 259 66 HOH HOH A . 
C 3 HOH 60 260 67 HOH HOH A . 
C 3 HOH 61 261 68 HOH HOH A . 
C 3 HOH 62 262 69 HOH HOH A . 
C 3 HOH 63 263 70 HOH HOH A . 
C 3 HOH 64 264 72 HOH HOH A . 
C 3 HOH 65 265 73 HOH HOH A . 
C 3 HOH 66 266 74 HOH HOH A . 
# 
loop_
_pdbx_unobs_or_zero_occ_atoms.id 
_pdbx_unobs_or_zero_occ_atoms.PDB_model_num 
_pdbx_unobs_or_zero_occ_atoms.polymer_flag 
_pdbx_unobs_or_zero_occ_atoms.occupancy_flag 
_pdbx_unobs_or_zero_occ_atoms.auth_asym_id 
_pdbx_unobs_or_zero_occ_atoms.auth_comp_id 
_pdbx_unobs_or_zero_occ_atoms.auth_seq_id 
_pdbx_unobs_or_zero_occ_atoms.PDB_ins_code 
_pdbx_unobs_or_zero_occ_atoms.auth_atom_id 
_pdbx_unobs_or_zero_occ_atoms.label_alt_id 
_pdbx_unobs_or_zero_occ_atoms.label_asym_id 
_pdbx_unobs_or_zero_occ_atoms.label_comp_id 
_pdbx_unobs_or_zero_occ_atoms.label_seq_id 
_pdbx_unobs_or_zero_occ_atoms.label_atom_id 
1 1 Y 1 A GLU 46 ? OE1 ? A GLU 45 OE1 
2 1 Y 1 A GLU 46 ? OE2 ? A GLU 45 OE2 
# 
loop_
_software.pdbx_ordinal 
_software.name 
_software.version 
_software.date 
_software.type 
_software.contact_author 
_software.contact_author_email 
_software.classification 
_software.location 
_software.language 
_software.citation_id 
1 XSCALE      .             ?                package 'Wolfgang Kabsch' ?                        'data scaling'    
http://www.mpimf-heidelberg.mpg.de/~kabsch/xds/html_doc/xscale_program.html ?   ? 
2 PHENIX      1.7.3_928     ?                package 'Paul D. Adams'   PDAdams@lbl.gov          refinement        
http://www.phenix-online.org/                                               C++ ? 
3 PDB_EXTRACT 3.11          'April 22, 2011' package PDB               deposit@deposit.rcsb.org 'data extraction' 
http://sw-tools.pdb.org/apps/PDB_EXTRACT/                                   C++ ? 
4 MxDC        .             ?                ?       ?                 ?                        'data collection' ? ?   ? 
5 XDS         .             ?                ?       ?                 ?                        'data reduction'  ? ?   ? 
6 PHENIX      '(1.7.3_928)' ?                ?       ?                 ?                        phasing           ? ?   ? 
# 
_cell.length_a           51.760 
_cell.length_b           51.760 
_cell.length_c           91.560 
_cell.angle_alpha        90.000 
_cell.angle_beta         90.000 
_cell.angle_gamma        90.000 
_cell.entry_id           4HDD 
_cell.pdbx_unique_axis   ? 
_cell.Z_PDB              16 
_cell.length_a_esd       ? 
_cell.length_b_esd       ? 
_cell.length_c_esd       ? 
_cell.angle_alpha_esd    ? 
_cell.angle_beta_esd     ? 
_cell.angle_gamma_esd    ? 
# 
_symmetry.space_group_name_H-M             'I 4 2 2' 
_symmetry.entry_id                         4HDD 
_symmetry.Int_Tables_number                97 
_symmetry.pdbx_full_space_group_name_H-M   ? 
_symmetry.cell_setting                     ? 
_symmetry.space_group_name_Hall            ? 
# 
_exptl.crystals_number   1 
_exptl.entry_id          4HDD 
_exptl.method            'X-RAY DIFFRACTION' 
# 
loop_
_exptl_crystal.id 
_exptl_crystal.density_Matthews 
_exptl_crystal.density_meas 
_exptl_crystal.density_percent_sol 
_exptl_crystal.description 
_exptl_crystal.F_000 
_exptl_crystal.preparation 
1 1.68 ? 26.89 ? ? ? 
2 ?    ? ?     ? ? ? 
# 
loop_
_exptl_crystal_grow.crystal_id 
_exptl_crystal_grow.method 
_exptl_crystal_grow.pH 
_exptl_crystal_grow.temp 
_exptl_crystal_grow.pdbx_details 
_exptl_crystal_grow.temp_details 
_exptl_crystal_grow.pdbx_pH_range 
1 'VAPOR DIFFUSION, HANGING DROP' 6.9 298 
;0.49M sodium phosphate monobasic monohydrate - 0.91M potassium phosphate dibasic, pH 6.9, VAPOR DIFFUSION, HANGING DROP, temperature 298K
;
? ? 
2 'VAPOR DIFFUSION, HANGING DROP' 4.6 298 
'100mM sodium acetate trihydrate, 0.2M ammonium sulfate, 25% PEG 4000, pH 4.6, VAPOR DIFFUSION, HANGING DROP, temperature 298K' ? 
? 
# 
loop_
_diffrn.id 
_diffrn.ambient_temp 
_diffrn.ambient_temp_details 
_diffrn.crystal_id 
1 100 ? 1 
2 100 ? 2 
# 
loop_
_diffrn_detector.diffrn_id 
_diffrn_detector.detector 
_diffrn_detector.type 
_diffrn_detector.pdbx_collection_date 
_diffrn_detector.details 
1 CCD 'ADSC QUANTUM 315r' 2011-09-08 ? 
2 CCD 'RAYONIX MX-300'    2011-10-06 ? 
# 
loop_
_diffrn_radiation.diffrn_id 
_diffrn_radiation.pdbx_diffrn_protocol 
_diffrn_radiation.monochromator 
_diffrn_radiation.wavelength_id 
_diffrn_radiation.pdbx_monochromatic_or_laue_m_l 
_diffrn_radiation.pdbx_scattering_type 
1 MAD                 'Si(111)' 1 M x-ray 
2 'SINGLE WAVELENGTH' 'Si(111)' 1 M x-ray 
# 
loop_
_diffrn_radiation_wavelength.id 
_diffrn_radiation_wavelength.wavelength 
_diffrn_radiation_wavelength.wt 
1 0.9793 1.0 
2 1.116  1.0 
3 0.9795 1.0 
# 
loop_
_diffrn_source.diffrn_id 
_diffrn_source.source 
_diffrn_source.type 
_diffrn_source.pdbx_wavelength_list 
_diffrn_source.pdbx_wavelength 
_diffrn_source.pdbx_synchrotron_site 
_diffrn_source.pdbx_synchrotron_beamline 
1 SYNCHROTRON 'ALS BEAMLINE 12.3.1'  '0.9793, 1.116' ? ALS  12.3.1 
2 SYNCHROTRON 'CLSI BEAMLINE 08ID-1' 0.9795          ? CLSI 08ID-1 
# 
_reflns.entry_id                     4HDD 
_reflns.d_resolution_high            1.350 
_reflns.number_obs                   25782 
_reflns.pdbx_Rmerge_I_obs            0.032 
_reflns.pdbx_netI_over_sigmaI        14.830 
_reflns.percent_possible_obs         98.600 
_reflns.B_iso_Wilson_estimate        21.595 
_reflns.observed_criterion_sigma_I   -3.000 
_reflns.observed_criterion_sigma_F   -3.000 
_reflns.d_resolution_low             45.058 
_reflns.number_all                   25782 
_reflns.pdbx_Rsym_value              ? 
_reflns.pdbx_redundancy              ? 
_reflns.R_free_details               ? 
_reflns.limit_h_max                  ? 
_reflns.limit_h_min                  ? 
_reflns.limit_k_max                  ? 
_reflns.limit_k_min                  ? 
_reflns.limit_l_max                  ? 
_reflns.limit_l_min                  ? 
_reflns.observed_criterion_F_max     ? 
_reflns.observed_criterion_F_min     ? 
_reflns.pdbx_chi_squared             ? 
_reflns.pdbx_scaling_rejects         ? 
_reflns.pdbx_ordinal                 1 
_reflns.pdbx_diffrn_id               1,2 
# 
loop_
_reflns_shell.d_res_high 
_reflns_shell.d_res_low 
_reflns_shell.number_measured_obs 
_reflns_shell.number_measured_all 
_reflns_shell.number_unique_obs 
_reflns_shell.Rmerge_I_obs 
_reflns_shell.meanI_over_sigI_obs 
_reflns_shell.pdbx_Rsym_value 
_reflns_shell.pdbx_chi_squared 
_reflns_shell.pdbx_redundancy 
_reflns_shell.percent_possible_obs 
_reflns_shell.number_unique_all 
_reflns_shell.percent_possible_all 
_reflns_shell.pdbx_ordinal 
_reflns_shell.pdbx_diffrn_id 
1.350 1.390 3748 ? 1882 0.481 2.070  ? ? ? ? ? 98.500 1  1,2 
1.390 1.420 3796 ? 1887 0.379 2.510  ? ? ? ? ? 99.000 2  1,2 
1.420 1.460 3752 ? 1846 0.274 3.310  ? ? ? ? ? 99.200 3  1,2 
1.460 1.510 3563 ? 1743 0.183 4.710  ? ? ? ? ? 99.100 4  1,2 
1.510 1.560 3501 ? 1697 0.154 5.840  ? ? ? ? ? 99.200 5  1,2 
1.560 1.610 3467 ? 1659 0.122 7.340  ? ? ? ? ? 99.200 6  1,2 
1.610 1.670 3423 ? 1616 0.092 9.220  ? ? ? ? ? 99.300 7  1,2 
1.670 1.740 3204 ? 1519 0.071 11.170 ? ? ? ? ? 99.500 8  1,2 
1.740 1.820 3103 ? 1474 0.057 13.720 ? ? ? ? ? 99.100 9  1,2 
1.820 1.910 2976 ? 1405 0.045 16.380 ? ? ? ? ? 99.100 10 1,2 
1.910 2.010 2843 ? 1336 0.038 19.940 ? ? ? ? ? 99.500 11 1,2 
2.010 2.130 2683 ? 1262 0.030 23.490 ? ? ? ? ? 98.700 12 1,2 
2.130 2.280 2494 ? 1175 0.027 26.250 ? ? ? ? ? 97.700 13 1,2 
2.280 2.460 2395 ? 1129 0.024 28.480 ? ? ? ? ? 99.300 14 1,2 
2.460 2.700 2181 ? 1007 0.024 31.600 ? ? ? ? ? 98.700 15 1,2 
2.700 3.020 1979 ? 918  0.022 32.320 ? ? ? ? ? 99.000 16 1,2 
3.020 3.490 1742 ? 800  0.021 35.280 ? ? ? ? ? 96.900 17 1,2 
3.490 4.270 1450 ? 666  0.023 36.920 ? ? ? ? ? 96.200 18 1,2 
4.270 6.040 1085 ? 490  0.026 37.500 ? ? ? ? ? 92.800 19 1,2 
6.040 ?     595  ? 271  0.029 37.570 ? ? ? ? ? 87.700 20 1,2 
# 
_refine.entry_id                                 4HDD 
_refine.ls_d_res_high                            1.3500 
_refine.ls_d_res_low                             45.0580 
_refine.pdbx_ls_sigma_F                          -3.000 
_refine.pdbx_data_cutoff_high_absF               ? 
_refine.pdbx_data_cutoff_low_absF                ? 
_refine.ls_percent_reflns_obs                    99.4100 
_refine.ls_number_reflns_obs                     14001 
_refine.ls_number_reflns_all                     14001 
_refine.pdbx_ls_cross_valid_method               ? 
_refine.pdbx_R_Free_selection_details            RANDOM 
_refine.details                                  ? 
_refine.ls_R_factor_all                          ? 
_refine.ls_R_factor_obs                          0.1629 
_refine.ls_R_factor_R_work                       0.1618 
_refine.ls_wR_factor_R_work                      ? 
_refine.ls_R_factor_R_free                       0.1820 
_refine.ls_wR_factor_R_free                      ? 
_refine.ls_percent_reflns_R_free                 5.0300 
_refine.ls_number_reflns_R_free                  704 
_refine.ls_R_factor_R_free_error                 ? 
_refine.B_iso_mean                               21.7243 
_refine.solvent_model_param_bsol                 48.6680 
_refine.solvent_model_param_ksol                 0.4340 
_refine.pdbx_isotropic_thermal_model             ? 
_refine.aniso_B[1][1]                            -1.1799 
_refine.aniso_B[2][2]                            -1.1799 
_refine.aniso_B[3][3]                            2.3598 
_refine.aniso_B[1][2]                            -0.0000 
_refine.aniso_B[1][3]                            0.0000 
_refine.aniso_B[2][3]                            0.0000 
_refine.correlation_coeff_Fo_to_Fc               ? 
_refine.correlation_coeff_Fo_to_Fc_free          ? 
_refine.overall_SU_R_Cruickshank_DPI             ? 
_refine.overall_SU_R_free                        ? 
_refine.pdbx_overall_ESU_R                       ? 
_refine.pdbx_overall_ESU_R_Free                  ? 
_refine.overall_SU_ML                            0.1800 
_refine.overall_SU_B                             ? 
_refine.solvent_model_details                    'FLAT BULK SOLVENT MODEL' 
_refine.pdbx_solvent_vdw_probe_radii             1.1100 
_refine.pdbx_solvent_ion_probe_radii             ? 
_refine.pdbx_solvent_shrinkage_radii             0.9000 
_refine.ls_number_parameters                     ? 
_refine.ls_number_restraints                     ? 
_refine.pdbx_starting_model                      ? 
_refine.pdbx_method_to_determine_struct          MAD 
_refine.pdbx_stereochemistry_target_values       'phased maximum-likelihood' 
_refine.pdbx_stereochem_target_val_spec_case     ? 
_refine.overall_FOM_work_R_set                   0.8858 
_refine.B_iso_max                                74.930 
_refine.B_iso_min                                8.590 
_refine.pdbx_overall_phase_error                 17.6100 
_refine.occupancy_max                            1.000 
_refine.occupancy_min                            0.420 
_refine.pdbx_ls_sigma_I                          ? 
_refine.ls_redundancy_reflns_obs                 ? 
_refine.ls_R_factor_R_free_error_details         ? 
_refine.pdbx_data_cutoff_high_rms_absF           ? 
_refine.overall_FOM_free_R_set                   ? 
_refine.pdbx_diffrn_id                           1,2 
_refine.pdbx_refine_id                           'X-RAY DIFFRACTION' 
_refine.pdbx_TLS_residual_ADP_flag               ? 
_refine.pdbx_overall_SU_R_free_Cruickshank_DPI   ? 
_refine.pdbx_overall_SU_R_Blow_DPI               ? 
_refine.pdbx_overall_SU_R_free_Blow_DPI          ? 
# 
_refine_hist.pdbx_refine_id                   'X-RAY DIFFRACTION' 
_refine_hist.cycle_id                         LAST 
_refine_hist.pdbx_number_atoms_protein        522 
_refine_hist.pdbx_number_atoms_nucleic_acid   0 
_refine_hist.pdbx_number_atoms_ligand         4 
_refine_hist.number_atoms_solvent             66 
_refine_hist.number_atoms_total               592 
_refine_hist.d_res_high                       1.3500 
_refine_hist.d_res_low                        45.0580 
# 
loop_
_refine_ls_restr.type 
_refine_ls_restr.number 
_refine_ls_restr.dev_ideal 
_refine_ls_restr.dev_ideal_target 
_refine_ls_restr.weight 
_refine_ls_restr.pdbx_restraint_function 
_refine_ls_restr.pdbx_refine_id 
f_bond_d           553 0.014  ? ? ? 'X-RAY DIFFRACTION' 
f_angle_d          756 1.437  ? ? ? 'X-RAY DIFFRACTION' 
f_chiral_restr     86  0.091  ? ? ? 'X-RAY DIFFRACTION' 
f_plane_restr      102 0.007  ? ? ? 'X-RAY DIFFRACTION' 
f_dihedral_angle_d 204 16.056 ? ? ? 'X-RAY DIFFRACTION' 
# 
loop_
_refine_ls_shell.d_res_high 
_refine_ls_shell.d_res_low 
_refine_ls_shell.pdbx_total_number_of_bins_used 
_refine_ls_shell.percent_reflns_obs 
_refine_ls_shell.number_reflns_R_work 
_refine_ls_shell.R_factor_all 
_refine_ls_shell.R_factor_R_work 
_refine_ls_shell.R_factor_R_free 
_refine_ls_shell.percent_reflns_R_free 
_refine_ls_shell.number_reflns_R_free 
_refine_ls_shell.R_factor_R_free_error 
_refine_ls_shell.number_reflns_all 
_refine_ls_shell.number_reflns_obs 
_refine_ls_shell.redundancy_reflns_obs 
_refine_ls_shell.pdbx_refine_id 
1.3501 1.4543  5 100.0000 2600 . 0.2032 0.3067 . 137 . 2737 . . 'X-RAY DIFFRACTION' 
1.4543 1.6007  5 100.0000 2625 . 0.1529 0.2135 . 138 . 2763 . . 'X-RAY DIFFRACTION' 
1.6007 1.8323  5 100.0000 2662 . 0.1452 0.1880 . 141 . 2803 . . 'X-RAY DIFFRACTION' 
1.8323 2.3085  5 100.0000 2657 . 0.1355 0.1654 . 140 . 2797 . . 'X-RAY DIFFRACTION' 
2.3085 45.0836 5 98.0000  2753 . 0.1735 0.1697 . 148 . 2901 . . 'X-RAY DIFFRACTION' 
# 
_struct.entry_id                  4HDD 
_struct.title                     'Domain swapping in the cytoplasmic domain of the Escherichia coli rhomboid protease' 
_struct.pdbx_model_details        ? 
_struct.pdbx_CASP_flag            ? 
_struct.pdbx_model_type_details   ? 
# 
_struct_keywords.entry_id        4HDD 
_struct_keywords.text            'domain swapping, peptidase, rhomboid protease, intramembrane protease, membrane, HYDROLASE' 
_struct_keywords.pdbx_keywords   HYDROLASE 
# 
loop_
_struct_asym.id 
_struct_asym.pdbx_blank_PDB_chainid_flag 
_struct_asym.pdbx_modified 
_struct_asym.entity_id 
_struct_asym.details 
A N N 1 ? 
B N N 2 ? 
C N N 3 ? 
# 
_struct_ref.id                         1 
_struct_ref.db_name                    UNP 
_struct_ref.db_code                    GLPG_ECOLI 
_struct_ref.pdbx_db_accession          P09391 
_struct_ref.entity_id                  1 
_struct_ref.pdbx_seq_one_letter_code   LMITSFANPRVAQAFVDYMATQGVILTIQQHNQSDVWLADESQAERVRAELARFLENPADPRYLAASWQAGHT 
_struct_ref.pdbx_align_begin           2 
_struct_ref.pdbx_db_isoform            ? 
# 
_struct_ref_seq.align_id                      1 
_struct_ref_seq.ref_id                        1 
_struct_ref_seq.pdbx_PDB_id_code              4HDD 
_struct_ref_seq.pdbx_strand_id                A 
_struct_ref_seq.seq_align_beg                 1 
_struct_ref_seq.pdbx_seq_align_beg_ins_code   ? 
_struct_ref_seq.seq_align_end                 73 
_struct_ref_seq.pdbx_seq_align_end_ins_code   ? 
_struct_ref_seq.pdbx_db_accession             P09391 
_struct_ref_seq.db_align_beg                  2 
_struct_ref_seq.pdbx_db_align_beg_ins_code    ? 
_struct_ref_seq.db_align_end                  74 
_struct_ref_seq.pdbx_db_align_end_ins_code    ? 
_struct_ref_seq.pdbx_auth_seq_align_beg       2 
_struct_ref_seq.pdbx_auth_seq_align_end       74 
# 
loop_
_struct_ref_seq_dif.align_id 
_struct_ref_seq_dif.pdbx_pdb_id_code 
_struct_ref_seq_dif.mon_id 
_struct_ref_seq_dif.pdbx_pdb_strand_id 
_struct_ref_seq_dif.seq_num 
_struct_ref_seq_dif.pdbx_pdb_ins_code 
_struct_ref_seq_dif.pdbx_seq_db_name 
_struct_ref_seq_dif.pdbx_seq_db_accession_code 
_struct_ref_seq_dif.db_mon_id 
_struct_ref_seq_dif.pdbx_seq_db_seq_num 
_struct_ref_seq_dif.details 
_struct_ref_seq_dif.pdbx_auth_seq_num 
_struct_ref_seq_dif.pdbx_ordinal 
1 4HDD GLU A 74 ? UNP P09391 ? ? 'expression tag' 75 1 
1 4HDD ASN A 75 ? UNP P09391 ? ? 'expression tag' 76 2 
1 4HDD LEU A 76 ? UNP P09391 ? ? 'expression tag' 77 3 
1 4HDD TYR A 77 ? UNP P09391 ? ? 'expression tag' 78 4 
1 4HDD PHE A 78 ? UNP P09391 ? ? 'expression tag' 79 5 
1 4HDD GLN A 79 ? UNP P09391 ? ? 'expression tag' 80 6 
# 
loop_
_pdbx_struct_assembly.id 
_pdbx_struct_assembly.details 
_pdbx_struct_assembly.method_details 
_pdbx_struct_assembly.oligomeric_details 
_pdbx_struct_assembly.oligomeric_count 
1 author_and_software_defined_assembly PISA dimeric   2 
2 software_defined_assembly            PISA octameric 8 
# 
loop_
_pdbx_struct_assembly_prop.biol_id 
_pdbx_struct_assembly_prop.type 
_pdbx_struct_assembly_prop.value 
_pdbx_struct_assembly_prop.details 
1 'ABSA (A^2)' 5100  ? 
1 MORE         -29   ? 
1 'SSA (A^2)'  7910  ? 
2 'ABSA (A^2)' 29320 ? 
2 MORE         -173  ? 
2 'SSA (A^2)'  22700 ? 
# 
loop_
_pdbx_struct_assembly_gen.assembly_id 
_pdbx_struct_assembly_gen.oper_expression 
_pdbx_struct_assembly_gen.asym_id_list 
1 1,2             A,B,C 
2 1,3,4,5,2,6,7,8 A,B,C 
# 
loop_
_pdbx_struct_oper_list.id 
_pdbx_struct_oper_list.type 
_pdbx_struct_oper_list.name 
_pdbx_struct_oper_list.symmetry_operation 
_pdbx_struct_oper_list.matrix[1][1] 
_pdbx_struct_oper_list.matrix[1][2] 
_pdbx_struct_oper_list.matrix[1][3] 
_pdbx_struct_oper_list.vector[1] 
_pdbx_struct_oper_list.matrix[2][1] 
_pdbx_struct_oper_list.matrix[2][2] 
_pdbx_struct_oper_list.matrix[2][3] 
_pdbx_struct_oper_list.vector[2] 
_pdbx_struct_oper_list.matrix[3][1] 
_pdbx_struct_oper_list.matrix[3][2] 
_pdbx_struct_oper_list.matrix[3][3] 
_pdbx_struct_oper_list.vector[3] 
1 'identity operation'         1_555 x,y,z      1.0000000000  0.0000000000  0.0000000000  0.0000000000   0.0000000000  1.0000000000  0.0000000000  0.0000000000  0.0000000000  0.0000000000  1.0000000000  0.0000000000  
2 'crystal symmetry operation' 5_556 -x,y,-z+1  0.5582385470  0.1828750984  -0.8092752456 -1.1164433805  0.1828750984  -0.9785377523 -0.0949766584 7.4870757404  -0.8092752456 -0.0949766584 -0.5797007946 -0.4577990002 
3 'crystal symmetry operation' 2_555 -x,-y,z    -0.9990852834 -0.0420553864 -0.0077421573 -22.6573221452 -0.0420553864 0.9335556993  0.3559565995  -2.2396304395 -0.0077421573 0.3559565995  -0.9344704159 9.4887628631  
4 'crystal symmetry operation' 3_555 -y,x,z     0.0004573583  0.1599827817  -0.9871196991 -6.4610562903  -0.2020381681 0.9667778497  0.1565923626  -3.0689584975 0.9793775418  0.1993642369  0.0327647920  15.9072201009 
5 'crystal symmetry operation' 4_555 y,-x,z     0.0004573583  -0.2020381681 0.9793775418  -16.1962658549 0.1599827817  0.9667778497  0.1993642369  0.8293280579  -0.9871196991 0.1565923626  0.0327647920  -6.4184572378 
6 'crystal symmetry operation' 6_556 x,-y,-z+1  -0.5591532636 -0.1408197119 0.8170174029  -21.8532275057 -0.1408197119 -0.9550179470 -0.2609799411 4.6339676716  0.8170174029  -0.2609799411 0.5141712106  12.5902801863 
7 'crystal symmetry operation' 7_556 y,x,-z+1   -0.8292784355 0.1047676082  -0.5489271579 -18.1578095963 0.1047676082  -0.9357067061 -0.3368630411 7.7977865765  -0.5489271579 -0.3368630411 0.7649851416  -4.1589747941 
8 'crystal symmetry operation' 8_556 -y,-x,-z+1 0.8283637189  -0.0627122217 0.5566693152  -4.8118612899  -0.0627122217 -0.9978489932 -0.0190935584 4.3232568355  0.5566693152  -0.0190935584 -0.8305147257 16.2914559801 
# 
_struct_biol.id        1 
_struct_biol.details   ? 
# 
loop_
_struct_conf.conf_type_id 
_struct_conf.id 
_struct_conf.pdbx_PDB_helix_id 
_struct_conf.beg_label_comp_id 
_struct_conf.beg_label_asym_id 
_struct_conf.beg_label_seq_id 
_struct_conf.pdbx_beg_PDB_ins_code 
_struct_conf.end_label_comp_id 
_struct_conf.end_label_asym_id 
_struct_conf.end_label_seq_id 
_struct_conf.pdbx_end_PDB_ins_code 
_struct_conf.beg_auth_comp_id 
_struct_conf.beg_auth_asym_id 
_struct_conf.beg_auth_seq_id 
_struct_conf.end_auth_comp_id 
_struct_conf.end_auth_asym_id 
_struct_conf.end_auth_seq_id 
_struct_conf.pdbx_PDB_helix_class 
_struct_conf.details 
_struct_conf.pdbx_PDB_helix_length 
HELX_P HELX_P1 1 ASN A 8  ? GLN A 22 ? ASN A 9  GLN A 23 1 ? 15 
HELX_P HELX_P2 2 ASP A 40 ? SER A 42 ? ASP A 41 SER A 43 5 ? 3  
HELX_P HELX_P3 3 GLN A 43 ? ASN A 57 ? GLN A 44 ASN A 58 1 ? 15 
HELX_P HELX_P4 4 ASP A 60 ? ALA A 65 ? ASP A 61 ALA A 66 1 ? 6  
# 
_struct_conf_type.id          HELX_P 
_struct_conf_type.criteria    ? 
_struct_conf_type.reference   ? 
# 
loop_
_struct_conn.id 
_struct_conn.conn_type_id 
_struct_conn.pdbx_leaving_atom_flag 
_struct_conn.pdbx_PDB_id 
_struct_conn.ptnr1_label_asym_id 
_struct_conn.ptnr1_label_comp_id 
_struct_conn.ptnr1_label_seq_id 
_struct_conn.ptnr1_label_atom_id 
_struct_conn.pdbx_ptnr1_label_alt_id 
_struct_conn.pdbx_ptnr1_PDB_ins_code 
_struct_conn.pdbx_ptnr1_standard_comp_id 
_struct_conn.ptnr1_symmetry 
_struct_conn.ptnr2_label_asym_id 
_struct_conn.ptnr2_label_comp_id 
_struct_conn.ptnr2_label_seq_id 
_struct_conn.ptnr2_label_atom_id 
_struct_conn.pdbx_ptnr2_label_alt_id 
_struct_conn.pdbx_ptnr2_PDB_ins_code 
_struct_conn.ptnr1_auth_asym_id 
_struct_conn.ptnr1_auth_comp_id 
_struct_conn.ptnr1_auth_seq_id 
_struct_conn.ptnr2_auth_asym_id 
_struct_conn.ptnr2_auth_comp_id 
_struct_conn.ptnr2_auth_seq_id 
_struct_conn.ptnr2_symmetry 
_struct_conn.pdbx_ptnr3_label_atom_id 
_struct_conn.pdbx_ptnr3_label_seq_id 
_struct_conn.pdbx_ptnr3_label_comp_id 
_struct_conn.pdbx_ptnr3_label_asym_id 
_struct_conn.pdbx_ptnr3_label_alt_id 
_struct_conn.pdbx_ptnr3_PDB_ins_code 
_struct_conn.details 
_struct_conn.pdbx_dist_value 
_struct_conn.pdbx_value_order 
_struct_conn.pdbx_role 
covale1 covale both ? A LEU 1  C ? ? ? 1_555 A MSE 2  N ? ? A LEU 2  A MSE 3  1_555 ? ? ? ? ? ? ? 1.319 ? ? 
covale2 covale both ? A MSE 2  C ? ? ? 1_555 A ILE 3  N ? ? A MSE 3  A ILE 4  1_555 ? ? ? ? ? ? ? 1.308 ? ? 
covale3 covale both ? A TYR 18 C ? ? ? 1_555 A MSE 19 N ? ? A TYR 19 A MSE 20 1_555 ? ? ? ? ? ? ? 1.326 ? ? 
covale4 covale both ? A MSE 19 C ? ? ? 1_555 A ALA 20 N ? ? A MSE 20 A ALA 21 1_555 ? ? ? ? ? ? ? 1.334 ? ? 
# 
_struct_conn_type.id          covale 
_struct_conn_type.criteria    ? 
_struct_conn_type.reference   ? 
# 
loop_
_pdbx_modification_feature.ordinal 
_pdbx_modification_feature.label_comp_id 
_pdbx_modification_feature.label_asym_id 
_pdbx_modification_feature.label_seq_id 
_pdbx_modification_feature.label_alt_id 
_pdbx_modification_feature.modified_residue_label_comp_id 
_pdbx_modification_feature.modified_residue_label_asym_id 
_pdbx_modification_feature.modified_residue_label_seq_id 
_pdbx_modification_feature.modified_residue_label_alt_id 
_pdbx_modification_feature.auth_comp_id 
_pdbx_modification_feature.auth_asym_id 
_pdbx_modification_feature.auth_seq_id 
_pdbx_modification_feature.PDB_ins_code 
_pdbx_modification_feature.symmetry 
_pdbx_modification_feature.modified_residue_auth_comp_id 
_pdbx_modification_feature.modified_residue_auth_asym_id 
_pdbx_modification_feature.modified_residue_auth_seq_id 
_pdbx_modification_feature.modified_residue_PDB_ins_code 
_pdbx_modification_feature.modified_residue_symmetry 
_pdbx_modification_feature.comp_id_linking_atom 
_pdbx_modification_feature.modified_residue_id_linking_atom 
_pdbx_modification_feature.modified_residue_id 
_pdbx_modification_feature.ref_pcm_id 
_pdbx_modification_feature.ref_comp_id 
_pdbx_modification_feature.type 
_pdbx_modification_feature.category 
1 MSE A 2  ? . . . . MSE A 3  ? 1_555 . . . . . . . MET 1 MSE Selenomethionine 'Named protein modification' 
2 MSE A 19 ? . . . . MSE A 20 ? 1_555 . . . . . . . MET 1 MSE Selenomethionine 'Named protein modification' 
# 
_struct_site.id                   AC1 
_struct_site.pdbx_evidence_code   Software 
_struct_site.pdbx_auth_asym_id    A 
_struct_site.pdbx_auth_comp_id    ACT 
_struct_site.pdbx_auth_seq_id     101 
_struct_site.pdbx_auth_ins_code   ? 
_struct_site.pdbx_num_residues    4 
_struct_site.details              'BINDING SITE FOR RESIDUE ACT A 101' 
# 
loop_
_struct_site_gen.id 
_struct_site_gen.site_id 
_struct_site_gen.pdbx_num_res 
_struct_site_gen.label_comp_id 
_struct_site_gen.label_asym_id 
_struct_site_gen.label_seq_id 
_struct_site_gen.pdbx_auth_ins_code 
_struct_site_gen.auth_comp_id 
_struct_site_gen.auth_asym_id 
_struct_site_gen.auth_seq_id 
_struct_site_gen.label_atom_id 
_struct_site_gen.label_alt_id 
_struct_site_gen.symmetry 
_struct_site_gen.details 
1 AC1 4 TYR A 18 ? TYR A 19  . ? 5_556  ? 
2 AC1 4 ARG A 53 ? ARG A 54  . ? 15_456 ? 
3 AC1 4 ARG A 53 ? ARG A 54  . ? 1_555  ? 
4 AC1 4 HOH C .  ? HOH A 225 . ? 5_556  ? 
# 
_pdbx_entry_details.entry_id                   4HDD 
_pdbx_entry_details.compound_details           ? 
_pdbx_entry_details.source_details             ? 
_pdbx_entry_details.nonpolymer_details         ? 
_pdbx_entry_details.sequence_details           ? 
_pdbx_entry_details.has_ligand_of_interest     ? 
_pdbx_entry_details.has_protein_modification   Y 
# 
loop_
_pdbx_validate_close_contact.id 
_pdbx_validate_close_contact.PDB_model_num 
_pdbx_validate_close_contact.auth_atom_id_1 
_pdbx_validate_close_contact.auth_asym_id_1 
_pdbx_validate_close_contact.auth_comp_id_1 
_pdbx_validate_close_contact.auth_seq_id_1 
_pdbx_validate_close_contact.PDB_ins_code_1 
_pdbx_validate_close_contact.label_alt_id_1 
_pdbx_validate_close_contact.auth_atom_id_2 
_pdbx_validate_close_contact.auth_asym_id_2 
_pdbx_validate_close_contact.auth_comp_id_2 
_pdbx_validate_close_contact.auth_seq_id_2 
_pdbx_validate_close_contact.PDB_ins_code_2 
_pdbx_validate_close_contact.label_alt_id_2 
_pdbx_validate_close_contact.dist 
1 1 O   A HOH 258 ? ? O A HOH 259 ? ? 2.08 
2 1 O   A HOH 226 ? ? O A HOH 258 ? ? 2.10 
3 1 NE2 A GLN 30  ? ? O A HOH 237 ? ? 2.12 
4 1 O   A HOH 210 ? ? O A HOH 231 ? ? 2.19 
# 
_pdbx_validate_symm_contact.id                1 
_pdbx_validate_symm_contact.PDB_model_num     1 
_pdbx_validate_symm_contact.auth_atom_id_1    O 
_pdbx_validate_symm_contact.auth_asym_id_1    A 
_pdbx_validate_symm_contact.auth_comp_id_1    HOH 
_pdbx_validate_symm_contact.auth_seq_id_1     260 
_pdbx_validate_symm_contact.PDB_ins_code_1    ? 
_pdbx_validate_symm_contact.label_alt_id_1    ? 
_pdbx_validate_symm_contact.site_symmetry_1   1_555 
_pdbx_validate_symm_contact.auth_atom_id_2    O 
_pdbx_validate_symm_contact.auth_asym_id_2    A 
_pdbx_validate_symm_contact.auth_comp_id_2    HOH 
_pdbx_validate_symm_contact.auth_seq_id_2     262 
_pdbx_validate_symm_contact.PDB_ins_code_2    ? 
_pdbx_validate_symm_contact.label_alt_id_2    ? 
_pdbx_validate_symm_contact.site_symmetry_2   5_556 
_pdbx_validate_symm_contact.dist              2.11 
# 
_pdbx_validate_rmsd_angle.id                         1 
_pdbx_validate_rmsd_angle.PDB_model_num              1 
_pdbx_validate_rmsd_angle.auth_atom_id_1             NE 
_pdbx_validate_rmsd_angle.auth_asym_id_1             A 
_pdbx_validate_rmsd_angle.auth_comp_id_1             ARG 
_pdbx_validate_rmsd_angle.auth_seq_id_1              49 
_pdbx_validate_rmsd_angle.PDB_ins_code_1             ? 
_pdbx_validate_rmsd_angle.label_alt_id_1             ? 
_pdbx_validate_rmsd_angle.auth_atom_id_2             CZ 
_pdbx_validate_rmsd_angle.auth_asym_id_2             A 
_pdbx_validate_rmsd_angle.auth_comp_id_2             ARG 
_pdbx_validate_rmsd_angle.auth_seq_id_2              49 
_pdbx_validate_rmsd_angle.PDB_ins_code_2             ? 
_pdbx_validate_rmsd_angle.label_alt_id_2             ? 
_pdbx_validate_rmsd_angle.auth_atom_id_3             NH1 
_pdbx_validate_rmsd_angle.auth_asym_id_3             A 
_pdbx_validate_rmsd_angle.auth_comp_id_3             ARG 
_pdbx_validate_rmsd_angle.auth_seq_id_3              49 
_pdbx_validate_rmsd_angle.PDB_ins_code_3             ? 
_pdbx_validate_rmsd_angle.label_alt_id_3             ? 
_pdbx_validate_rmsd_angle.angle_value                123.40 
_pdbx_validate_rmsd_angle.angle_target_value         120.30 
_pdbx_validate_rmsd_angle.angle_deviation            3.10 
_pdbx_validate_rmsd_angle.angle_standard_deviation   0.50 
_pdbx_validate_rmsd_angle.linker_flag                N 
# 
loop_
_pdbx_validate_torsion.id 
_pdbx_validate_torsion.PDB_model_num 
_pdbx_validate_torsion.auth_comp_id 
_pdbx_validate_torsion.auth_asym_id 
_pdbx_validate_torsion.auth_seq_id 
_pdbx_validate_torsion.PDB_ins_code 
_pdbx_validate_torsion.label_alt_id 
_pdbx_validate_torsion.phi 
_pdbx_validate_torsion.psi 
1 1 THR A 5  ? ? -170.15 -176.28 
2 1 ASN A 58 ? ? -163.24 85.75   
# 
loop_
_pdbx_struct_mod_residue.id 
_pdbx_struct_mod_residue.label_asym_id 
_pdbx_struct_mod_residue.label_comp_id 
_pdbx_struct_mod_residue.label_seq_id 
_pdbx_struct_mod_residue.auth_asym_id 
_pdbx_struct_mod_residue.auth_comp_id 
_pdbx_struct_mod_residue.auth_seq_id 
_pdbx_struct_mod_residue.PDB_ins_code 
_pdbx_struct_mod_residue.parent_comp_id 
_pdbx_struct_mod_residue.details 
1 A MSE 2  A MSE 3  ? MET SELENOMETHIONINE 
2 A MSE 19 A MSE 20 ? MET SELENOMETHIONINE 
# 
loop_
_pdbx_unobs_or_zero_occ_residues.id 
_pdbx_unobs_or_zero_occ_residues.PDB_model_num 
_pdbx_unobs_or_zero_occ_residues.polymer_flag 
_pdbx_unobs_or_zero_occ_residues.occupancy_flag 
_pdbx_unobs_or_zero_occ_residues.auth_asym_id 
_pdbx_unobs_or_zero_occ_residues.auth_comp_id 
_pdbx_unobs_or_zero_occ_residues.auth_seq_id 
_pdbx_unobs_or_zero_occ_residues.PDB_ins_code 
_pdbx_unobs_or_zero_occ_residues.label_asym_id 
_pdbx_unobs_or_zero_occ_residues.label_comp_id 
_pdbx_unobs_or_zero_occ_residues.label_seq_id 
1  1 Y 1 A SER 68 ? A SER 67 
2  1 Y 1 A TRP 69 ? A TRP 68 
3  1 Y 1 A GLN 70 ? A GLN 69 
4  1 Y 1 A ALA 71 ? A ALA 70 
5  1 Y 1 A GLY 72 ? A GLY 71 
6  1 Y 1 A HIS 73 ? A HIS 72 
7  1 Y 1 A THR 74 ? A THR 73 
8  1 Y 1 A GLU 75 ? A GLU 74 
9  1 Y 1 A ASN 76 ? A ASN 75 
10 1 Y 1 A LEU 77 ? A LEU 76 
11 1 Y 1 A TYR 78 ? A TYR 77 
12 1 Y 1 A PHE 79 ? A PHE 78 
13 1 Y 1 A GLN 80 ? A GLN 79 
# 
loop_
_chem_comp_atom.comp_id 
_chem_comp_atom.atom_id 
_chem_comp_atom.type_symbol 
_chem_comp_atom.pdbx_aromatic_flag 
_chem_comp_atom.pdbx_stereo_config 
_chem_comp_atom.pdbx_ordinal 
ACT C    C  N N 1   
ACT O    O  N N 2   
ACT OXT  O  N N 3   
ACT CH3  C  N N 4   
ACT H1   H  N N 5   
ACT H2   H  N N 6   
ACT H3   H  N N 7   
ALA N    N  N N 8   
ALA CA   C  N S 9   
ALA C    C  N N 10  
ALA O    O  N N 11  
ALA CB   C  N N 12  
ALA OXT  O  N N 13  
ALA H    H  N N 14  
ALA H2   H  N N 15  
ALA HA   H  N N 16  
ALA HB1  H  N N 17  
ALA HB2  H  N N 18  
ALA HB3  H  N N 19  
ALA HXT  H  N N 20  
ARG N    N  N N 21  
ARG CA   C  N S 22  
ARG C    C  N N 23  
ARG O    O  N N 24  
ARG CB   C  N N 25  
ARG CG   C  N N 26  
ARG CD   C  N N 27  
ARG NE   N  N N 28  
ARG CZ   C  N N 29  
ARG NH1  N  N N 30  
ARG NH2  N  N N 31  
ARG OXT  O  N N 32  
ARG H    H  N N 33  
ARG H2   H  N N 34  
ARG HA   H  N N 35  
ARG HB2  H  N N 36  
ARG HB3  H  N N 37  
ARG HG2  H  N N 38  
ARG HG3  H  N N 39  
ARG HD2  H  N N 40  
ARG HD3  H  N N 41  
ARG HE   H  N N 42  
ARG HH11 H  N N 43  
ARG HH12 H  N N 44  
ARG HH21 H  N N 45  
ARG HH22 H  N N 46  
ARG HXT  H  N N 47  
ASN N    N  N N 48  
ASN CA   C  N S 49  
ASN C    C  N N 50  
ASN O    O  N N 51  
ASN CB   C  N N 52  
ASN CG   C  N N 53  
ASN OD1  O  N N 54  
ASN ND2  N  N N 55  
ASN OXT  O  N N 56  
ASN H    H  N N 57  
ASN H2   H  N N 58  
ASN HA   H  N N 59  
ASN HB2  H  N N 60  
ASN HB3  H  N N 61  
ASN HD21 H  N N 62  
ASN HD22 H  N N 63  
ASN HXT  H  N N 64  
ASP N    N  N N 65  
ASP CA   C  N S 66  
ASP C    C  N N 67  
ASP O    O  N N 68  
ASP CB   C  N N 69  
ASP CG   C  N N 70  
ASP OD1  O  N N 71  
ASP OD2  O  N N 72  
ASP OXT  O  N N 73  
ASP H    H  N N 74  
ASP H2   H  N N 75  
ASP HA   H  N N 76  
ASP HB2  H  N N 77  
ASP HB3  H  N N 78  
ASP HD2  H  N N 79  
ASP HXT  H  N N 80  
GLN N    N  N N 81  
GLN CA   C  N S 82  
GLN C    C  N N 83  
GLN O    O  N N 84  
GLN CB   C  N N 85  
GLN CG   C  N N 86  
GLN CD   C  N N 87  
GLN OE1  O  N N 88  
GLN NE2  N  N N 89  
GLN OXT  O  N N 90  
GLN H    H  N N 91  
GLN H2   H  N N 92  
GLN HA   H  N N 93  
GLN HB2  H  N N 94  
GLN HB3  H  N N 95  
GLN HG2  H  N N 96  
GLN HG3  H  N N 97  
GLN HE21 H  N N 98  
GLN HE22 H  N N 99  
GLN HXT  H  N N 100 
GLU N    N  N N 101 
GLU CA   C  N S 102 
GLU C    C  N N 103 
GLU O    O  N N 104 
GLU CB   C  N N 105 
GLU CG   C  N N 106 
GLU CD   C  N N 107 
GLU OE1  O  N N 108 
GLU OE2  O  N N 109 
GLU OXT  O  N N 110 
GLU H    H  N N 111 
GLU H2   H  N N 112 
GLU HA   H  N N 113 
GLU HB2  H  N N 114 
GLU HB3  H  N N 115 
GLU HG2  H  N N 116 
GLU HG3  H  N N 117 
GLU HE2  H  N N 118 
GLU HXT  H  N N 119 
GLY N    N  N N 120 
GLY CA   C  N N 121 
GLY C    C  N N 122 
GLY O    O  N N 123 
GLY OXT  O  N N 124 
GLY H    H  N N 125 
GLY H2   H  N N 126 
GLY HA2  H  N N 127 
GLY HA3  H  N N 128 
GLY HXT  H  N N 129 
HIS N    N  N N 130 
HIS CA   C  N S 131 
HIS C    C  N N 132 
HIS O    O  N N 133 
HIS CB   C  N N 134 
HIS CG   C  Y N 135 
HIS ND1  N  Y N 136 
HIS CD2  C  Y N 137 
HIS CE1  C  Y N 138 
HIS NE2  N  Y N 139 
HIS OXT  O  N N 140 
HIS H    H  N N 141 
HIS H2   H  N N 142 
HIS HA   H  N N 143 
HIS HB2  H  N N 144 
HIS HB3  H  N N 145 
HIS HD1  H  N N 146 
HIS HD2  H  N N 147 
HIS HE1  H  N N 148 
HIS HE2  H  N N 149 
HIS HXT  H  N N 150 
HOH O    O  N N 151 
HOH H1   H  N N 152 
HOH H2   H  N N 153 
ILE N    N  N N 154 
ILE CA   C  N S 155 
ILE C    C  N N 156 
ILE O    O  N N 157 
ILE CB   C  N S 158 
ILE CG1  C  N N 159 
ILE CG2  C  N N 160 
ILE CD1  C  N N 161 
ILE OXT  O  N N 162 
ILE H    H  N N 163 
ILE H2   H  N N 164 
ILE HA   H  N N 165 
ILE HB   H  N N 166 
ILE HG12 H  N N 167 
ILE HG13 H  N N 168 
ILE HG21 H  N N 169 
ILE HG22 H  N N 170 
ILE HG23 H  N N 171 
ILE HD11 H  N N 172 
ILE HD12 H  N N 173 
ILE HD13 H  N N 174 
ILE HXT  H  N N 175 
LEU N    N  N N 176 
LEU CA   C  N S 177 
LEU C    C  N N 178 
LEU O    O  N N 179 
LEU CB   C  N N 180 
LEU CG   C  N N 181 
LEU CD1  C  N N 182 
LEU CD2  C  N N 183 
LEU OXT  O  N N 184 
LEU H    H  N N 185 
LEU H2   H  N N 186 
LEU HA   H  N N 187 
LEU HB2  H  N N 188 
LEU HB3  H  N N 189 
LEU HG   H  N N 190 
LEU HD11 H  N N 191 
LEU HD12 H  N N 192 
LEU HD13 H  N N 193 
LEU HD21 H  N N 194 
LEU HD22 H  N N 195 
LEU HD23 H  N N 196 
LEU HXT  H  N N 197 
MSE N    N  N N 198 
MSE CA   C  N S 199 
MSE C    C  N N 200 
MSE O    O  N N 201 
MSE OXT  O  N N 202 
MSE CB   C  N N 203 
MSE CG   C  N N 204 
MSE SE   SE N N 205 
MSE CE   C  N N 206 
MSE H    H  N N 207 
MSE H2   H  N N 208 
MSE HA   H  N N 209 
MSE HXT  H  N N 210 
MSE HB2  H  N N 211 
MSE HB3  H  N N 212 
MSE HG2  H  N N 213 
MSE HG3  H  N N 214 
MSE HE1  H  N N 215 
MSE HE2  H  N N 216 
MSE HE3  H  N N 217 
PHE N    N  N N 218 
PHE CA   C  N S 219 
PHE C    C  N N 220 
PHE O    O  N N 221 
PHE CB   C  N N 222 
PHE CG   C  Y N 223 
PHE CD1  C  Y N 224 
PHE CD2  C  Y N 225 
PHE CE1  C  Y N 226 
PHE CE2  C  Y N 227 
PHE CZ   C  Y N 228 
PHE OXT  O  N N 229 
PHE H    H  N N 230 
PHE H2   H  N N 231 
PHE HA   H  N N 232 
PHE HB2  H  N N 233 
PHE HB3  H  N N 234 
PHE HD1  H  N N 235 
PHE HD2  H  N N 236 
PHE HE1  H  N N 237 
PHE HE2  H  N N 238 
PHE HZ   H  N N 239 
PHE HXT  H  N N 240 
PRO N    N  N N 241 
PRO CA   C  N S 242 
PRO C    C  N N 243 
PRO O    O  N N 244 
PRO CB   C  N N 245 
PRO CG   C  N N 246 
PRO CD   C  N N 247 
PRO OXT  O  N N 248 
PRO H    H  N N 249 
PRO HA   H  N N 250 
PRO HB2  H  N N 251 
PRO HB3  H  N N 252 
PRO HG2  H  N N 253 
PRO HG3  H  N N 254 
PRO HD2  H  N N 255 
PRO HD3  H  N N 256 
PRO HXT  H  N N 257 
SER N    N  N N 258 
SER CA   C  N S 259 
SER C    C  N N 260 
SER O    O  N N 261 
SER CB   C  N N 262 
SER OG   O  N N 263 
SER OXT  O  N N 264 
SER H    H  N N 265 
SER H2   H  N N 266 
SER HA   H  N N 267 
SER HB2  H  N N 268 
SER HB3  H  N N 269 
SER HG   H  N N 270 
SER HXT  H  N N 271 
THR N    N  N N 272 
THR CA   C  N S 273 
THR C    C  N N 274 
THR O    O  N N 275 
THR CB   C  N R 276 
THR OG1  O  N N 277 
THR CG2  C  N N 278 
THR OXT  O  N N 279 
THR H    H  N N 280 
THR H2   H  N N 281 
THR HA   H  N N 282 
THR HB   H  N N 283 
THR HG1  H  N N 284 
THR HG21 H  N N 285 
THR HG22 H  N N 286 
THR HG23 H  N N 287 
THR HXT  H  N N 288 
TRP N    N  N N 289 
TRP CA   C  N S 290 
TRP C    C  N N 291 
TRP O    O  N N 292 
TRP CB   C  N N 293 
TRP CG   C  Y N 294 
TRP CD1  C  Y N 295 
TRP CD2  C  Y N 296 
TRP NE1  N  Y N 297 
TRP CE2  C  Y N 298 
TRP CE3  C  Y N 299 
TRP CZ2  C  Y N 300 
TRP CZ3  C  Y N 301 
TRP CH2  C  Y N 302 
TRP OXT  O  N N 303 
TRP H    H  N N 304 
TRP H2   H  N N 305 
TRP HA   H  N N 306 
TRP HB2  H  N N 307 
TRP HB3  H  N N 308 
TRP HD1  H  N N 309 
TRP HE1  H  N N 310 
TRP HE3  H  N N 311 
TRP HZ2  H  N N 312 
TRP HZ3  H  N N 313 
TRP HH2  H  N N 314 
TRP HXT  H  N N 315 
TYR N    N  N N 316 
TYR CA   C  N S 317 
TYR C    C  N N 318 
TYR O    O  N N 319 
TYR CB   C  N N 320 
TYR CG   C  Y N 321 
TYR CD1  C  Y N 322 
TYR CD2  C  Y N 323 
TYR CE1  C  Y N 324 
TYR CE2  C  Y N 325 
TYR CZ   C  Y N 326 
TYR OH   O  N N 327 
TYR OXT  O  N N 328 
TYR H    H  N N 329 
TYR H2   H  N N 330 
TYR HA   H  N N 331 
TYR HB2  H  N N 332 
TYR HB3  H  N N 333 
TYR HD1  H  N N 334 
TYR HD2  H  N N 335 
TYR HE1  H  N N 336 
TYR HE2  H  N N 337 
TYR HH   H  N N 338 
TYR HXT  H  N N 339 
VAL N    N  N N 340 
VAL CA   C  N S 341 
VAL C    C  N N 342 
VAL O    O  N N 343 
VAL CB   C  N N 344 
VAL CG1  C  N N 345 
VAL CG2  C  N N 346 
VAL OXT  O  N N 347 
VAL H    H  N N 348 
VAL H2   H  N N 349 
VAL HA   H  N N 350 
VAL HB   H  N N 351 
VAL HG11 H  N N 352 
VAL HG12 H  N N 353 
VAL HG13 H  N N 354 
VAL HG21 H  N N 355 
VAL HG22 H  N N 356 
VAL HG23 H  N N 357 
VAL HXT  H  N N 358 
# 
loop_
_chem_comp_bond.comp_id 
_chem_comp_bond.atom_id_1 
_chem_comp_bond.atom_id_2 
_chem_comp_bond.value_order 
_chem_comp_bond.pdbx_aromatic_flag 
_chem_comp_bond.pdbx_stereo_config 
_chem_comp_bond.pdbx_ordinal 
ACT C   O    doub N N 1   
ACT C   OXT  sing N N 2   
ACT C   CH3  sing N N 3   
ACT CH3 H1   sing N N 4   
ACT CH3 H2   sing N N 5   
ACT CH3 H3   sing N N 6   
ALA N   CA   sing N N 7   
ALA N   H    sing N N 8   
ALA N   H2   sing N N 9   
ALA CA  C    sing N N 10  
ALA CA  CB   sing N N 11  
ALA CA  HA   sing N N 12  
ALA C   O    doub N N 13  
ALA C   OXT  sing N N 14  
ALA CB  HB1  sing N N 15  
ALA CB  HB2  sing N N 16  
ALA CB  HB3  sing N N 17  
ALA OXT HXT  sing N N 18  
ARG N   CA   sing N N 19  
ARG N   H    sing N N 20  
ARG N   H2   sing N N 21  
ARG CA  C    sing N N 22  
ARG CA  CB   sing N N 23  
ARG CA  HA   sing N N 24  
ARG C   O    doub N N 25  
ARG C   OXT  sing N N 26  
ARG CB  CG   sing N N 27  
ARG CB  HB2  sing N N 28  
ARG CB  HB3  sing N N 29  
ARG CG  CD   sing N N 30  
ARG CG  HG2  sing N N 31  
ARG CG  HG3  sing N N 32  
ARG CD  NE   sing N N 33  
ARG CD  HD2  sing N N 34  
ARG CD  HD3  sing N N 35  
ARG NE  CZ   sing N N 36  
ARG NE  HE   sing N N 37  
ARG CZ  NH1  sing N N 38  
ARG CZ  NH2  doub N N 39  
ARG NH1 HH11 sing N N 40  
ARG NH1 HH12 sing N N 41  
ARG NH2 HH21 sing N N 42  
ARG NH2 HH22 sing N N 43  
ARG OXT HXT  sing N N 44  
ASN N   CA   sing N N 45  
ASN N   H    sing N N 46  
ASN N   H2   sing N N 47  
ASN CA  C    sing N N 48  
ASN CA  CB   sing N N 49  
ASN CA  HA   sing N N 50  
ASN C   O    doub N N 51  
ASN C   OXT  sing N N 52  
ASN CB  CG   sing N N 53  
ASN CB  HB2  sing N N 54  
ASN CB  HB3  sing N N 55  
ASN CG  OD1  doub N N 56  
ASN CG  ND2  sing N N 57  
ASN ND2 HD21 sing N N 58  
ASN ND2 HD22 sing N N 59  
ASN OXT HXT  sing N N 60  
ASP N   CA   sing N N 61  
ASP N   H    sing N N 62  
ASP N   H2   sing N N 63  
ASP CA  C    sing N N 64  
ASP CA  CB   sing N N 65  
ASP CA  HA   sing N N 66  
ASP C   O    doub N N 67  
ASP C   OXT  sing N N 68  
ASP CB  CG   sing N N 69  
ASP CB  HB2  sing N N 70  
ASP CB  HB3  sing N N 71  
ASP CG  OD1  doub N N 72  
ASP CG  OD2  sing N N 73  
ASP OD2 HD2  sing N N 74  
ASP OXT HXT  sing N N 75  
GLN N   CA   sing N N 76  
GLN N   H    sing N N 77  
GLN N   H2   sing N N 78  
GLN CA  C    sing N N 79  
GLN CA  CB   sing N N 80  
GLN CA  HA   sing N N 81  
GLN C   O    doub N N 82  
GLN C   OXT  sing N N 83  
GLN CB  CG   sing N N 84  
GLN CB  HB2  sing N N 85  
GLN CB  HB3  sing N N 86  
GLN CG  CD   sing N N 87  
GLN CG  HG2  sing N N 88  
GLN CG  HG3  sing N N 89  
GLN CD  OE1  doub N N 90  
GLN CD  NE2  sing N N 91  
GLN NE2 HE21 sing N N 92  
GLN NE2 HE22 sing N N 93  
GLN OXT HXT  sing N N 94  
GLU N   CA   sing N N 95  
GLU N   H    sing N N 96  
GLU N   H2   sing N N 97  
GLU CA  C    sing N N 98  
GLU CA  CB   sing N N 99  
GLU CA  HA   sing N N 100 
GLU C   O    doub N N 101 
GLU C   OXT  sing N N 102 
GLU CB  CG   sing N N 103 
GLU CB  HB2  sing N N 104 
GLU CB  HB3  sing N N 105 
GLU CG  CD   sing N N 106 
GLU CG  HG2  sing N N 107 
GLU CG  HG3  sing N N 108 
GLU CD  OE1  doub N N 109 
GLU CD  OE2  sing N N 110 
GLU OE2 HE2  sing N N 111 
GLU OXT HXT  sing N N 112 
GLY N   CA   sing N N 113 
GLY N   H    sing N N 114 
GLY N   H2   sing N N 115 
GLY CA  C    sing N N 116 
GLY CA  HA2  sing N N 117 
GLY CA  HA3  sing N N 118 
GLY C   O    doub N N 119 
GLY C   OXT  sing N N 120 
GLY OXT HXT  sing N N 121 
HIS N   CA   sing N N 122 
HIS N   H    sing N N 123 
HIS N   H2   sing N N 124 
HIS CA  C    sing N N 125 
HIS CA  CB   sing N N 126 
HIS CA  HA   sing N N 127 
HIS C   O    doub N N 128 
HIS C   OXT  sing N N 129 
HIS CB  CG   sing N N 130 
HIS CB  HB2  sing N N 131 
HIS CB  HB3  sing N N 132 
HIS CG  ND1  sing Y N 133 
HIS CG  CD2  doub Y N 134 
HIS ND1 CE1  doub Y N 135 
HIS ND1 HD1  sing N N 136 
HIS CD2 NE2  sing Y N 137 
HIS CD2 HD2  sing N N 138 
HIS CE1 NE2  sing Y N 139 
HIS CE1 HE1  sing N N 140 
HIS NE2 HE2  sing N N 141 
HIS OXT HXT  sing N N 142 
HOH O   H1   sing N N 143 
HOH O   H2   sing N N 144 
ILE N   CA   sing N N 145 
ILE N   H    sing N N 146 
ILE N   H2   sing N N 147 
ILE CA  C    sing N N 148 
ILE CA  CB   sing N N 149 
ILE CA  HA   sing N N 150 
ILE C   O    doub N N 151 
ILE C   OXT  sing N N 152 
ILE CB  CG1  sing N N 153 
ILE CB  CG2  sing N N 154 
ILE CB  HB   sing N N 155 
ILE CG1 CD1  sing N N 156 
ILE CG1 HG12 sing N N 157 
ILE CG1 HG13 sing N N 158 
ILE CG2 HG21 sing N N 159 
ILE CG2 HG22 sing N N 160 
ILE CG2 HG23 sing N N 161 
ILE CD1 HD11 sing N N 162 
ILE CD1 HD12 sing N N 163 
ILE CD1 HD13 sing N N 164 
ILE OXT HXT  sing N N 165 
LEU N   CA   sing N N 166 
LEU N   H    sing N N 167 
LEU N   H2   sing N N 168 
LEU CA  C    sing N N 169 
LEU CA  CB   sing N N 170 
LEU CA  HA   sing N N 171 
LEU C   O    doub N N 172 
LEU C   OXT  sing N N 173 
LEU CB  CG   sing N N 174 
LEU CB  HB2  sing N N 175 
LEU CB  HB3  sing N N 176 
LEU CG  CD1  sing N N 177 
LEU CG  CD2  sing N N 178 
LEU CG  HG   sing N N 179 
LEU CD1 HD11 sing N N 180 
LEU CD1 HD12 sing N N 181 
LEU CD1 HD13 sing N N 182 
LEU CD2 HD21 sing N N 183 
LEU CD2 HD22 sing N N 184 
LEU CD2 HD23 sing N N 185 
LEU OXT HXT  sing N N 186 
MSE N   CA   sing N N 187 
MSE N   H    sing N N 188 
MSE N   H2   sing N N 189 
MSE CA  C    sing N N 190 
MSE CA  CB   sing N N 191 
MSE CA  HA   sing N N 192 
MSE C   O    doub N N 193 
MSE C   OXT  sing N N 194 
MSE OXT HXT  sing N N 195 
MSE CB  CG   sing N N 196 
MSE CB  HB2  sing N N 197 
MSE CB  HB3  sing N N 198 
MSE CG  SE   sing N N 199 
MSE CG  HG2  sing N N 200 
MSE CG  HG3  sing N N 201 
MSE SE  CE   sing N N 202 
MSE CE  HE1  sing N N 203 
MSE CE  HE2  sing N N 204 
MSE CE  HE3  sing N N 205 
PHE N   CA   sing N N 206 
PHE N   H    sing N N 207 
PHE N   H2   sing N N 208 
PHE CA  C    sing N N 209 
PHE CA  CB   sing N N 210 
PHE CA  HA   sing N N 211 
PHE C   O    doub N N 212 
PHE C   OXT  sing N N 213 
PHE CB  CG   sing N N 214 
PHE CB  HB2  sing N N 215 
PHE CB  HB3  sing N N 216 
PHE CG  CD1  doub Y N 217 
PHE CG  CD2  sing Y N 218 
PHE CD1 CE1  sing Y N 219 
PHE CD1 HD1  sing N N 220 
PHE CD2 CE2  doub Y N 221 
PHE CD2 HD2  sing N N 222 
PHE CE1 CZ   doub Y N 223 
PHE CE1 HE1  sing N N 224 
PHE CE2 CZ   sing Y N 225 
PHE CE2 HE2  sing N N 226 
PHE CZ  HZ   sing N N 227 
PHE OXT HXT  sing N N 228 
PRO N   CA   sing N N 229 
PRO N   CD   sing N N 230 
PRO N   H    sing N N 231 
PRO CA  C    sing N N 232 
PRO CA  CB   sing N N 233 
PRO CA  HA   sing N N 234 
PRO C   O    doub N N 235 
PRO C   OXT  sing N N 236 
PRO CB  CG   sing N N 237 
PRO CB  HB2  sing N N 238 
PRO CB  HB3  sing N N 239 
PRO CG  CD   sing N N 240 
PRO CG  HG2  sing N N 241 
PRO CG  HG3  sing N N 242 
PRO CD  HD2  sing N N 243 
PRO CD  HD3  sing N N 244 
PRO OXT HXT  sing N N 245 
SER N   CA   sing N N 246 
SER N   H    sing N N 247 
SER N   H2   sing N N 248 
SER CA  C    sing N N 249 
SER CA  CB   sing N N 250 
SER CA  HA   sing N N 251 
SER C   O    doub N N 252 
SER C   OXT  sing N N 253 
SER CB  OG   sing N N 254 
SER CB  HB2  sing N N 255 
SER CB  HB3  sing N N 256 
SER OG  HG   sing N N 257 
SER OXT HXT  sing N N 258 
THR N   CA   sing N N 259 
THR N   H    sing N N 260 
THR N   H2   sing N N 261 
THR CA  C    sing N N 262 
THR CA  CB   sing N N 263 
THR CA  HA   sing N N 264 
THR C   O    doub N N 265 
THR C   OXT  sing N N 266 
THR CB  OG1  sing N N 267 
THR CB  CG2  sing N N 268 
THR CB  HB   sing N N 269 
THR OG1 HG1  sing N N 270 
THR CG2 HG21 sing N N 271 
THR CG2 HG22 sing N N 272 
THR CG2 HG23 sing N N 273 
THR OXT HXT  sing N N 274 
TRP N   CA   sing N N 275 
TRP N   H    sing N N 276 
TRP N   H2   sing N N 277 
TRP CA  C    sing N N 278 
TRP CA  CB   sing N N 279 
TRP CA  HA   sing N N 280 
TRP C   O    doub N N 281 
TRP C   OXT  sing N N 282 
TRP CB  CG   sing N N 283 
TRP CB  HB2  sing N N 284 
TRP CB  HB3  sing N N 285 
TRP CG  CD1  doub Y N 286 
TRP CG  CD2  sing Y N 287 
TRP CD1 NE1  sing Y N 288 
TRP CD1 HD1  sing N N 289 
TRP CD2 CE2  doub Y N 290 
TRP CD2 CE3  sing Y N 291 
TRP NE1 CE2  sing Y N 292 
TRP NE1 HE1  sing N N 293 
TRP CE2 CZ2  sing Y N 294 
TRP CE3 CZ3  doub Y N 295 
TRP CE3 HE3  sing N N 296 
TRP CZ2 CH2  doub Y N 297 
TRP CZ2 HZ2  sing N N 298 
TRP CZ3 CH2  sing Y N 299 
TRP CZ3 HZ3  sing N N 300 
TRP CH2 HH2  sing N N 301 
TRP OXT HXT  sing N N 302 
TYR N   CA   sing N N 303 
TYR N   H    sing N N 304 
TYR N   H2   sing N N 305 
TYR CA  C    sing N N 306 
TYR CA  CB   sing N N 307 
TYR CA  HA   sing N N 308 
TYR C   O    doub N N 309 
TYR C   OXT  sing N N 310 
TYR CB  CG   sing N N 311 
TYR CB  HB2  sing N N 312 
TYR CB  HB3  sing N N 313 
TYR CG  CD1  doub Y N 314 
TYR CG  CD2  sing Y N 315 
TYR CD1 CE1  sing Y N 316 
TYR CD1 HD1  sing N N 317 
TYR CD2 CE2  doub Y N 318 
TYR CD2 HD2  sing N N 319 
TYR CE1 CZ   doub Y N 320 
TYR CE1 HE1  sing N N 321 
TYR CE2 CZ   sing Y N 322 
TYR CE2 HE2  sing N N 323 
TYR CZ  OH   sing N N 324 
TYR OH  HH   sing N N 325 
TYR OXT HXT  sing N N 326 
VAL N   CA   sing N N 327 
VAL N   H    sing N N 328 
VAL N   H2   sing N N 329 
VAL CA  C    sing N N 330 
VAL CA  CB   sing N N 331 
VAL CA  HA   sing N N 332 
VAL C   O    doub N N 333 
VAL C   OXT  sing N N 334 
VAL CB  CG1  sing N N 335 
VAL CB  CG2  sing N N 336 
VAL CB  HB   sing N N 337 
VAL CG1 HG11 sing N N 338 
VAL CG1 HG12 sing N N 339 
VAL CG1 HG13 sing N N 340 
VAL CG2 HG21 sing N N 341 
VAL CG2 HG22 sing N N 342 
VAL CG2 HG23 sing N N 343 
VAL OXT HXT  sing N N 344 
# 
_atom_sites.entry_id                    4HDD 
_atom_sites.fract_transf_matrix[1][1]   -0.00907060 
_atom_sites.fract_transf_matrix[1][2]   0.00289742 
_atom_sites.fract_transf_matrix[1][3]   -0.01681046 
_atom_sites.fract_transf_matrix[2][1]   0.01705333 
_atom_sites.fract_transf_matrix[2][2]   0.00200138 
_atom_sites.fract_transf_matrix[2][3]   -0.00885669 
_atom_sites.fract_transf_matrix[3][1]   0.00023358 
_atom_sites.fract_transf_matrix[3][2]   -0.01073904 
_atom_sites.fract_transf_matrix[3][3]   -0.00197700 
_atom_sites.fract_transf_vector[1]      -0.019758 
_atom_sites.fract_transf_vector[2]      0.237452 
_atom_sites.fract_transf_vector[3]      0.539889 
# 
loop_
_atom_type.symbol 
C  
H  
N  
O  
SE 
# 
loop_
_atom_site.group_PDB 
_atom_site.id 
_atom_site.type_symbol 
_atom_site.label_atom_id 
_atom_site.label_alt_id 
_atom_site.label_comp_id 
_atom_site.label_asym_id 
_atom_site.label_entity_id 
_atom_site.label_seq_id 
_atom_site.pdbx_PDB_ins_code 
_atom_site.Cartn_x 
_atom_site.Cartn_y 
_atom_site.Cartn_z 
_atom_site.occupancy 
_atom_site.B_iso_or_equiv 
_atom_site.pdbx_formal_charge 
_atom_site.auth_seq_id 
_atom_site.auth_comp_id 
_atom_site.auth_asym_id 
_atom_site.auth_atom_id 
_atom_site.pdbx_PDB_model_num 
ATOM   1    N  N    . LEU A 1 1  ? -0.136  13.423  -19.584 1.00 18.37 ? 2   LEU A N    1 
ATOM   2    C  CA   A LEU A 1 1  ? 0.797   14.087  -18.678 0.58 21.68 ? 2   LEU A CA   1 
ATOM   3    C  CA   B LEU A 1 1  ? 0.801   14.077  -18.676 0.42 21.74 ? 2   LEU A CA   1 
ATOM   4    C  C    . LEU A 1 1  ? 0.488   13.855  -17.197 1.00 17.40 ? 2   LEU A C    1 
ATOM   5    O  O    . LEU A 1 1  ? -0.669  13.711  -16.787 1.00 13.79 ? 2   LEU A O    1 
ATOM   6    C  CB   A LEU A 1 1  ? 0.846   15.581  -18.960 0.58 29.42 ? 2   LEU A CB   1 
ATOM   7    C  CB   B LEU A 1 1  ? 0.791   15.559  -18.953 0.42 29.34 ? 2   LEU A CB   1 
ATOM   8    C  CG   A LEU A 1 1  ? 1.897   16.271  -18.094 0.58 35.69 ? 2   LEU A CG   1 
ATOM   9    C  CG   B LEU A 1 1  ? -0.603  16.120  -18.755 0.42 35.32 ? 2   LEU A CG   1 
ATOM   10   C  CD1  A LEU A 1 1  ? 2.559   17.400  -18.803 0.58 37.91 ? 2   LEU A CD1  1 
ATOM   11   C  CD1  B LEU A 1 1  ? -0.834  16.520  -17.340 0.42 38.20 ? 2   LEU A CD1  1 
ATOM   12   C  CD2  A LEU A 1 1  ? 1.235   16.789  -16.849 0.58 39.66 ? 2   LEU A CD2  1 
ATOM   13   C  CD2  B LEU A 1 1  ? -0.725  17.314  -19.593 0.42 38.85 ? 2   LEU A CD2  1 
ATOM   14   H  HA   A LEU A 1 1  ? 1.693   13.729  -18.847 0.58 26.01 ? 2   LEU A HA   1 
ATOM   15   H  HA   B LEU A 1 1  ? 1.704   13.740  -18.851 0.42 26.09 ? 2   LEU A HA   1 
ATOM   16   H  HB2  A LEU A 1 1  ? 1.076   15.725  -19.891 0.58 35.30 ? 2   LEU A HB2  1 
ATOM   17   H  HB2  B LEU A 1 1  ? 1.394   16.007  -18.339 0.42 35.20 ? 2   LEU A HB2  1 
ATOM   18   H  HB3  A LEU A 1 1  ? -0.018  15.975  -18.761 0.58 35.30 ? 2   LEU A HB3  1 
ATOM   19   H  HB3  B LEU A 1 1  ? 1.062   15.719  -19.871 0.42 35.20 ? 2   LEU A HB3  1 
ATOM   20   H  HG   A LEU A 1 1  ? 2.577   15.629  -17.837 0.58 42.82 ? 2   LEU A HG   1 
ATOM   21   H  HG   B LEU A 1 1  ? -1.272  15.470  -19.021 0.42 42.38 ? 2   LEU A HG   1 
ATOM   22   H  HD11 A LEU A 1 1  ? 3.208   17.798  -18.218 0.58 45.49 ? 2   LEU A HD11 1 
ATOM   23   H  HD11 B LEU A 1 1  ? -1.724  16.870  -17.256 0.42 45.84 ? 2   LEU A HD11 1 
ATOM   24   H  HD12 A LEU A 1 1  ? 2.991   17.063  -19.592 0.58 45.49 ? 2   LEU A HD12 1 
ATOM   25   H  HD12 B LEU A 1 1  ? -0.728  15.750  -16.777 0.42 45.84 ? 2   LEU A HD12 1 
ATOM   26   H  HD13 A LEU A 1 1  ? 1.894   18.048  -19.045 0.58 45.49 ? 2   LEU A HD13 1 
ATOM   27   H  HD13 B LEU A 1 1  ? -0.193  17.193  -17.098 0.42 45.84 ? 2   LEU A HD13 1 
ATOM   28   H  HD21 A LEU A 1 1  ? 1.895   17.222  -16.303 0.58 47.59 ? 2   LEU A HD21 1 
ATOM   29   H  HD21 B LEU A 1 1  ? -1.603  17.686  -19.481 0.42 46.61 ? 2   LEU A HD21 1 
ATOM   30   H  HD22 A LEU A 1 1  ? 0.550   17.415  -17.097 0.58 47.59 ? 2   LEU A HD22 1 
ATOM   31   H  HD22 B LEU A 1 1  ? -0.062  17.954  -19.322 0.42 46.61 ? 2   LEU A HD22 1 
ATOM   32   H  HD23 A LEU A 1 1  ? 0.849   16.051  -16.373 0.58 47.59 ? 2   LEU A HD23 1 
ATOM   33   H  HD23 B LEU A 1 1  ? -0.587  17.067  -20.509 0.42 46.61 ? 2   LEU A HD23 1 
HETATM 34   N  N    . MSE A 1 2  ? 1.543   13.819  -16.406 0.78 15.35 ? 3   MSE A N    1 
HETATM 35   C  CA   . MSE A 1 2  ? 1.441   13.663  -14.980 0.78 15.24 ? 3   MSE A CA   1 
HETATM 36   C  C    . MSE A 1 2  ? 1.319   15.030  -14.358 0.78 16.77 ? 3   MSE A C    1 
HETATM 37   O  O    . MSE A 1 2  ? 2.196   15.873  -14.449 0.78 20.71 ? 3   MSE A O    1 
HETATM 38   C  CB   . MSE A 1 2  ? 2.643   12.932  -14.418 0.78 18.97 ? 3   MSE A CB   1 
HETATM 39   C  CG   . MSE A 1 2  ? 2.384   12.500  -12.985 0.78 25.92 ? 3   MSE A CG   1 
HETATM 40   SE SE   . MSE A 1 2  ? 3.889   11.800  -12.083 0.78 41.16 ? 3   MSE A SE   1 
HETATM 41   C  CE   . MSE A 1 2  ? 3.914   13.104  -10.641 0.78 42.68 ? 3   MSE A CE   1 
HETATM 42   H  H    . MSE A 1 2  ? 2.354   13.889  -16.685 0.78 18.42 ? 3   MSE A H    1 
HETATM 43   H  HA   . MSE A 1 2  ? 0.640   13.139  -14.770 0.78 18.29 ? 3   MSE A HA   1 
HETATM 44   H  HB2  . MSE A 1 2  ? 2.819   12.141  -14.950 0.78 22.76 ? 3   MSE A HB2  1 
HETATM 45   H  HB3  . MSE A 1 2  ? 3.413   13.523  -14.426 0.78 22.76 ? 3   MSE A HB3  1 
HETATM 46   H  HG2  . MSE A 1 2  ? 2.072   13.269  -12.482 0.78 31.10 ? 3   MSE A HG2  1 
HETATM 47   H  HG3  . MSE A 1 2  ? 1.699   11.814  -12.989 0.78 31.10 ? 3   MSE A HG3  1 
HETATM 48   H  HE1  . MSE A 1 2  ? 4.646   12.903  -10.052 0.78 51.21 ? 3   MSE A HE1  1 
HETATM 49   H  HE2  . MSE A 1 2  ? 4.026   13.981  -11.016 0.78 51.21 ? 3   MSE A HE2  1 
HETATM 50   H  HE3  . MSE A 1 2  ? 3.085   13.055  -10.162 0.78 51.21 ? 3   MSE A HE3  1 
ATOM   51   N  N    . ILE A 1 3  ? 0.170   15.254  -13.774 1.00 12.90 ? 4   ILE A N    1 
ATOM   52   C  CA   . ILE A 1 3  ? -0.168  16.543  -13.191 1.00 12.20 ? 4   ILE A CA   1 
ATOM   53   C  C    . ILE A 1 3  ? 0.534   16.796  -11.866 1.00 13.01 ? 4   ILE A C    1 
ATOM   54   O  O    . ILE A 1 3  ? 1.148   17.844  -11.659 1.00 15.75 ? 4   ILE A O    1 
ATOM   55   C  CB   . ILE A 1 3  ? -1.705  16.630  -13.019 1.00 14.74 ? 4   ILE A CB   1 
ATOM   56   C  CG1  . ILE A 1 3  ? -2.389  16.629  -14.380 1.00 16.13 ? 4   ILE A CG1  1 
ATOM   57   C  CG2  . ILE A 1 3  ? -2.109  17.892  -12.206 1.00 16.39 ? 4   ILE A CG2  1 
ATOM   58   C  CD1  . ILE A 1 3  ? -2.152  17.902  -15.192 1.00 16.84 ? 4   ILE A CD1  1 
ATOM   59   H  H    . ILE A 1 3  ? -0.452  14.665  -13.695 1.00 15.48 ? 4   ILE A H    1 
ATOM   60   H  HA   . ILE A 1 3  ? 0.104   17.250  -13.813 1.00 14.64 ? 4   ILE A HA   1 
ATOM   61   H  HB   . ILE A 1 3  ? -2.000  15.846  -12.530 1.00 17.69 ? 4   ILE A HB   1 
ATOM   62   H  HG12 . ILE A 1 3  ? -2.053  15.880  -14.898 1.00 19.35 ? 4   ILE A HG12 1 
ATOM   63   H  HG13 . ILE A 1 3  ? -3.346  16.535  -14.249 1.00 19.35 ? 4   ILE A HG13 1 
ATOM   64   H  HG21 . ILE A 1 3  ? -3.064  17.914  -12.119 1.00 19.66 ? 4   ILE A HG21 1 
ATOM   65   H  HG22 . ILE A 1 3  ? -1.702  17.848  -11.338 1.00 19.66 ? 4   ILE A HG22 1 
ATOM   66   H  HG23 . ILE A 1 3  ? -1.803  18.674  -12.671 1.00 19.66 ? 4   ILE A HG23 1 
ATOM   67   H  HD11 . ILE A 1 3  ? -2.612  17.828  -16.031 1.00 20.20 ? 4   ILE A HD11 1 
ATOM   68   H  HD12 . ILE A 1 3  ? -2.489  18.653  -14.699 1.00 20.20 ? 4   ILE A HD12 1 
ATOM   69   H  HD13 . ILE A 1 3  ? -1.210  18.005  -15.342 1.00 20.20 ? 4   ILE A HD13 1 
ATOM   70   N  N    . THR A 1 4  ? 0.408   15.819  -10.966 1.00 10.88 ? 5   THR A N    1 
ATOM   71   C  CA   . THR A 1 4  ? 0.994   15.927  -9.644  1.00 12.36 ? 5   THR A CA   1 
ATOM   72   C  C    . THR A 1 4  ? 0.886   14.569  -8.958  1.00 10.84 ? 5   THR A C    1 
ATOM   73   O  O    . THR A 1 4  ? 0.441   13.589  -9.545  1.00 11.11 ? 5   THR A O    1 
ATOM   74   C  CB   . THR A 1 4  ? 0.313   17.040  -8.805  1.00 13.94 ? 5   THR A CB   1 
ATOM   75   O  OG1  . THR A 1 4  ? 1.132   17.313  -7.671  1.00 15.33 ? 5   THR A OG1  1 
ATOM   76   C  CG2  . THR A 1 4  ? -1.088  16.620  -8.341  1.00 14.62 ? 5   THR A CG2  1 
ATOM   77   H  H    . THR A 1 4  ? -0.016  15.083  -11.103 1.00 13.05 ? 5   THR A H    1 
ATOM   78   H  HA   . THR A 1 4  ? 1.944   16.150  -9.731  1.00 14.83 ? 5   THR A HA   1 
ATOM   79   H  HB   . THR A 1 4  ? 0.229   17.843  -9.343  1.00 16.72 ? 5   THR A HB   1 
ATOM   80   H  HG1  . THR A 1 4  ? 0.789   17.901  -7.213  1.00 18.39 ? 5   THR A HG1  1 
ATOM   81   H  HG21 . THR A 1 4  ? -1.488  17.325  -7.825  1.00 17.54 ? 5   THR A HG21 1 
ATOM   82   H  HG22 . THR A 1 4  ? -1.645  16.437  -9.102  1.00 17.54 ? 5   THR A HG22 1 
ATOM   83   H  HG23 . THR A 1 4  ? -1.031  15.831  -7.798  1.00 17.54 ? 5   THR A HG23 1 
ATOM   84   N  N    . SER A 1 5  ? 1.315   14.546  -7.710  1.00 11.53 ? 6   SER A N    1 
ATOM   85   C  CA   A SER A 1 5  ? 1.152   13.390  -6.854  0.48 10.69 ? 6   SER A CA   1 
ATOM   86   C  CA   B SER A 1 5  ? 1.199   13.383  -6.846  0.52 13.83 ? 6   SER A CA   1 
ATOM   87   C  C    . SER A 1 5  ? 0.742   13.824  -5.451  1.00 12.08 ? 6   SER A C    1 
ATOM   88   O  O    . SER A 1 5  ? 1.087   14.923  -4.998  1.00 14.32 ? 6   SER A O    1 
ATOM   89   C  CB   A SER A 1 5  ? 2.450   12.604  -6.780  0.48 13.75 ? 6   SER A CB   1 
ATOM   90   C  CB   B SER A 1 5  ? 2.543   12.657  -6.722  0.52 20.85 ? 6   SER A CB   1 
ATOM   91   O  OG   A SER A 1 5  ? 2.271   11.332  -6.196  0.48 17.43 ? 6   SER A OG   1 
ATOM   92   O  OG   B SER A 1 5  ? 3.141   12.407  -7.985  0.52 25.90 ? 6   SER A OG   1 
ATOM   93   H  H    A SER A 1 5  ? 1.715   15.204  -7.329  0.48 13.83 ? 6   SER A H    1 
ATOM   94   H  H    B SER A 1 5  ? 1.693   15.217  -7.327  0.52 13.83 ? 6   SER A H    1 
ATOM   95   H  HA   A SER A 1 5  ? 0.453   12.807  -7.217  0.48 12.82 ? 6   SER A HA   1 
ATOM   96   H  HA   B SER A 1 5  ? 0.537   12.761  -7.213  0.52 16.59 ? 6   SER A HA   1 
ATOM   97   H  HB2  A SER A 1 5  ? 2.795   12.488  -7.680  0.48 16.49 ? 6   SER A HB2  1 
ATOM   98   H  HB2  B SER A 1 5  ? 3.146   13.207  -6.197  0.52 25.01 ? 6   SER A HB2  1 
ATOM   99   H  HB3  A SER A 1 5  ? 3.087   13.105  -6.247  0.48 16.49 ? 6   SER A HB3  1 
ATOM   100  H  HB3  B SER A 1 5  ? 2.399   11.809  -6.274  0.52 25.01 ? 6   SER A HB3  1 
ATOM   101  H  HG   A SER A 1 5  ? 2.986   10.932  -6.170  0.48 20.91 ? 6   SER A HG   1 
ATOM   102  H  HG   B SER A 1 5  ? 3.856   12.018  -7.885  0.52 31.07 ? 6   SER A HG   1 
ATOM   103  N  N    . PHE A 1 6  ? 0.002   12.962  -4.776  1.00 10.35 ? 7   PHE A N    1 
ATOM   104  C  CA   . PHE A 1 6  ? -0.421  13.165  -3.414  1.00 10.39 ? 7   PHE A CA   1 
ATOM   105  C  C    . PHE A 1 6  ? -0.052  11.944  -2.594  1.00 11.81 ? 7   PHE A C    1 
ATOM   106  O  O    . PHE A 1 6  ? -0.237  10.814  -3.043  1.00 12.26 ? 7   PHE A O    1 
ATOM   107  C  CB   . PHE A 1 6  ? -1.918  13.345  -3.334  1.00 11.47 ? 7   PHE A CB   1 
ATOM   108  C  CG   . PHE A 1 6  ? -2.416  14.634  -3.921  1.00 10.86 ? 7   PHE A CG   1 
ATOM   109  C  CD1  . PHE A 1 6  ? -2.994  14.655  -5.172  1.00 11.18 ? 7   PHE A CD1  1 
ATOM   110  C  CD2  . PHE A 1 6  ? -2.290  15.822  -3.243  1.00 14.38 ? 7   PHE A CD2  1 
ATOM   111  C  CE1  . PHE A 1 6  ? -3.477  15.843  -5.696  1.00 12.30 ? 7   PHE A CE1  1 
ATOM   112  C  CE2  . PHE A 1 6  ? -2.735  16.999  -3.792  1.00 14.27 ? 7   PHE A CE2  1 
ATOM   113  C  CZ   . PHE A 1 6  ? -3.307  17.003  -5.027  1.00 14.60 ? 7   PHE A CZ   1 
ATOM   114  H  H    . PHE A 1 6  ? -0.277  12.219  -5.107  1.00 12.42 ? 7   PHE A H    1 
ATOM   115  H  HA   . PHE A 1 6  ? 0.020   13.954  -3.036  1.00 12.46 ? 7   PHE A HA   1 
ATOM   116  H  HB2  . PHE A 1 6  ? -2.344  12.618  -3.814  1.00 13.76 ? 7   PHE A HB2  1 
ATOM   117  H  HB3  . PHE A 1 6  ? -2.185  13.323  -2.402  1.00 13.76 ? 7   PHE A HB3  1 
ATOM   118  H  HD1  . PHE A 1 6  ? -3.104  13.862  -5.646  1.00 13.42 ? 7   PHE A HD1  1 
ATOM   119  H  HD2  . PHE A 1 6  ? -1.887  15.831  -2.405  1.00 17.25 ? 7   PHE A HD2  1 
ATOM   120  H  HE1  . PHE A 1 6  ? -3.858  15.852  -6.544  1.00 14.76 ? 7   PHE A HE1  1 
ATOM   121  H  HE2  . PHE A 1 6  ? -2.643  17.796  -3.319  1.00 17.12 ? 7   PHE A HE2  1 
ATOM   122  H  HZ   . PHE A 1 6  ? -3.627  17.799  -5.387  1.00 17.52 ? 7   PHE A HZ   1 
ATOM   123  N  N    . ALA A 1 7  ? 0.377   12.145  -1.353  1.00 12.65 ? 8   ALA A N    1 
ATOM   124  C  CA   . ALA A 1 7  ? 0.545   11.031  -0.431  1.00 12.56 ? 8   ALA A CA   1 
ATOM   125  C  C    . ALA A 1 7  ? -0.803  10.419  -0.061  1.00 12.55 ? 8   ALA A C    1 
ATOM   126  O  O    . ALA A 1 7  ? -0.937  9.182   0.034   1.00 17.25 ? 8   ALA A O    1 
ATOM   127  C  CB   . ALA A 1 7  ? 1.309   11.469  0.814   1.00 14.26 ? 8   ALA A CB   1 
ATOM   128  H  H    . ALA A 1 7  ? 0.577   12.913  -1.022  1.00 15.18 ? 8   ALA A H    1 
ATOM   129  H  HA   . ALA A 1 7  ? 1.074   10.335  -0.874  1.00 15.07 ? 8   ALA A HA   1 
ATOM   130  H  HB1  . ALA A 1 7  ? 1.405   10.717  1.402   1.00 17.12 ? 8   ALA A HB1  1 
ATOM   131  H  HB2  . ALA A 1 7  ? 2.173   11.794  0.551   1.00 17.12 ? 8   ALA A HB2  1 
ATOM   132  H  HB3  . ALA A 1 7  ? 0.816   12.168  1.251   1.00 17.12 ? 8   ALA A HB3  1 
ATOM   133  N  N    . ASN A 1 8  ? -1.808  11.255  0.199   1.00 13.51 ? 9   ASN A N    1 
ATOM   134  C  CA   . ASN A 1 8  ? -3.090  10.781  0.713   1.00 14.77 ? 9   ASN A CA   1 
ATOM   135  C  C    . ASN A 1 8  ? -4.010  10.436  -0.465  1.00 14.29 ? 9   ASN A C    1 
ATOM   136  O  O    . ASN A 1 8  ? -4.373  11.302  -1.253  1.00 12.83 ? 9   ASN A O    1 
ATOM   137  C  CB   . ASN A 1 8  ? -3.702  11.864  1.628   1.00 17.65 ? 9   ASN A CB   1 
ATOM   138  C  CG   . ASN A 1 8  ? -5.034  11.450  2.266   1.00 21.55 ? 9   ASN A CG   1 
ATOM   139  O  OD1  . ASN A 1 8  ? -5.801  10.693  1.700   1.00 21.83 ? 9   ASN A OD1  1 
ATOM   140  N  ND2  . ASN A 1 8  ? -5.319  11.992  3.442   1.00 24.26 ? 9   ASN A ND2  1 
ATOM   141  H  H    . ASN A 1 8  ? -1.772  12.107  0.085   1.00 16.21 ? 9   ASN A H    1 
ATOM   142  H  HA   . ASN A 1 8  ? -2.950  9.969   1.244   1.00 17.72 ? 9   ASN A HA   1 
ATOM   143  H  HB2  . ASN A 1 8  ? -3.077  12.057  2.344   1.00 21.18 ? 9   ASN A HB2  1 
ATOM   144  H  HB3  . ASN A 1 8  ? -3.860  12.664  1.103   1.00 21.18 ? 9   ASN A HB3  1 
ATOM   145  H  HD21 . ASN A 1 8  ? -4.768  12.544  3.805   1.00 29.11 ? 9   ASN A HD21 1 
ATOM   146  H  HD22 . ASN A 1 8  ? -6.054  11.793  3.841   1.00 29.11 ? 9   ASN A HD22 1 
ATOM   147  N  N    . PRO A 1 9  ? -4.354  9.148   -0.615  1.00 14.68 ? 10  PRO A N    1 
ATOM   148  C  CA   . PRO A 1 9  ? -5.171  8.772   -1.775  1.00 14.30 ? 10  PRO A CA   1 
ATOM   149  C  C    . PRO A 1 9  ? -6.564  9.381   -1.793  1.00 14.04 ? 10  PRO A C    1 
ATOM   150  O  O    . PRO A 1 9  ? -7.126  9.586   -2.870  1.00 13.51 ? 10  PRO A O    1 
ATOM   151  C  CB   . PRO A 1 9  ? -5.242  7.238   -1.660  1.00 17.31 ? 10  PRO A CB   1 
ATOM   152  C  CG   . PRO A 1 9  ? -5.121  6.987   -0.205  1.00 18.53 ? 10  PRO A CG   1 
ATOM   153  C  CD   . PRO A 1 9  ? -4.110  7.985   0.270   1.00 18.98 ? 10  PRO A CD   1 
ATOM   154  H  HA   . PRO A 1 9  ? -4.707  9.010   -2.605  1.00 17.15 ? 10  PRO A HA   1 
ATOM   155  H  HB2  . PRO A 1 9  ? -6.094  6.919   -1.997  1.00 20.77 ? 10  PRO A HB2  1 
ATOM   156  H  HB3  . PRO A 1 9  ? -4.503  6.835   -2.143  1.00 20.77 ? 10  PRO A HB3  1 
ATOM   157  H  HG2  . PRO A 1 9  ? -5.979  7.133   0.225   1.00 22.23 ? 10  PRO A HG2  1 
ATOM   158  H  HG3  . PRO A 1 9  ? -4.809  6.081   -0.054  1.00 22.23 ? 10  PRO A HG3  1 
ATOM   159  H  HD2  . PRO A 1 9  ? -4.277  8.222   1.196   1.00 22.77 ? 10  PRO A HD2  1 
ATOM   160  H  HD3  . PRO A 1 9  ? -3.211  7.645   0.144   1.00 22.77 ? 10  PRO A HD3  1 
ATOM   161  N  N    . ARG A 1 10 ? -7.111  9.682   -0.625  1.00 13.81 ? 11  ARG A N    1 
ATOM   162  C  CA   . ARG A 1 10 ? -8.433  10.297  -0.557  1.00 16.27 ? 11  ARG A CA   1 
ATOM   163  C  C    . ARG A 1 10 ? -8.381  11.750  -1.026  1.00 14.01 ? 11  ARG A C    1 
ATOM   164  O  O    . ARG A 1 10 ? -9.330  12.244  -1.611  1.00 13.43 ? 11  ARG A O    1 
ATOM   165  C  CB   . ARG A 1 10 ? -8.982  10.206  0.863   1.00 21.26 ? 11  ARG A CB   1 
ATOM   166  C  CG   . ARG A 1 10 ? -9.084  8.739   1.388   1.00 28.46 ? 11  ARG A CG   1 
ATOM   167  C  CD   . ARG A 1 10 ? -9.550  8.643   2.841   1.00 38.27 ? 11  ARG A CD   1 
ATOM   168  N  NE   . ARG A 1 10 ? -8.627  9.269   3.799   1.00 48.09 ? 11  ARG A NE   1 
ATOM   169  C  CZ   . ARG A 1 10 ? -7.491  8.731   4.262   1.00 55.76 ? 11  ARG A CZ   1 
ATOM   170  N  NH1  . ARG A 1 10 ? -7.073  7.537   3.853   1.00 58.61 ? 11  ARG A NH1  1 
ATOM   171  N  NH2  . ARG A 1 10 ? -6.755  9.409   5.143   1.00 58.11 ? 11  ARG A NH2  1 
ATOM   172  H  H    . ARG A 1 10 ? -6.743  9.542   0.139   1.00 16.58 ? 11  ARG A H    1 
ATOM   173  H  HA   . ARG A 1 10 ? -9.042  9.809   -1.149  1.00 19.52 ? 11  ARG A HA   1 
ATOM   174  H  HB2  . ARG A 1 10 ? -8.396  10.697  1.460   1.00 25.50 ? 11  ARG A HB2  1 
ATOM   175  H  HB3  . ARG A 1 10 ? -9.872  10.592  0.881   1.00 25.50 ? 11  ARG A HB3  1 
ATOM   176  H  HG2  . ARG A 1 10 ? -9.719  8.253   0.839   1.00 34.15 ? 11  ARG A HG2  1 
ATOM   177  H  HG3  . ARG A 1 10 ? -8.209  8.323   1.327   1.00 34.15 ? 11  ARG A HG3  1 
ATOM   178  H  HD2  . ARG A 1 10 ? -10.410 9.085   2.924   1.00 45.92 ? 11  ARG A HD2  1 
ATOM   179  H  HD3  . ARG A 1 10 ? -9.637  7.707   3.081   1.00 45.92 ? 11  ARG A HD3  1 
ATOM   180  H  HE   . ARG A 1 10 ? -8.837  10.051  4.090   1.00 57.70 ? 11  ARG A HE   1 
ATOM   181  H  HH11 . ARG A 1 10 ? -7.540  7.088   3.287   1.00 70.33 ? 11  ARG A HH11 1 
ATOM   182  H  HH12 . ARG A 1 10 ? -6.339  7.210   4.159   1.00 70.33 ? 11  ARG A HH12 1 
ATOM   183  H  HH21 . ARG A 1 10 ? -7.011  10.184  5.411   1.00 69.74 ? 11  ARG A HH21 1 
ATOM   184  H  HH22 . ARG A 1 10 ? -6.020  9.072   5.438   1.00 69.74 ? 11  ARG A HH22 1 
ATOM   185  N  N    . VAL A 1 11 ? -7.261  12.417  -0.753  1.00 12.10 ? 12  VAL A N    1 
ATOM   186  C  CA   . VAL A 1 11 ? -7.040  13.787  -1.244  1.00 11.06 ? 12  VAL A CA   1 
ATOM   187  C  C    . VAL A 1 11 ? -6.913  13.754  -2.769  1.00 9.79  ? 12  VAL A C    1 
ATOM   188  O  O    . VAL A 1 11 ? -7.558  14.515  -3.458  1.00 10.24 ? 12  VAL A O    1 
ATOM   189  C  CB   . VAL A 1 11 ? -5.795  14.431  -0.558  1.00 12.14 ? 12  VAL A CB   1 
ATOM   190  C  CG1  . VAL A 1 11 ? -5.418  15.781  -1.206  1.00 12.06 ? 12  VAL A CG1  1 
ATOM   191  C  CG2  . VAL A 1 11 ? -6.059  14.621  0.959   1.00 14.16 ? 12  VAL A CG2  1 
ATOM   192  H  H    . VAL A 1 11 ? -6.611  12.104  -0.287  1.00 14.52 ? 12  VAL A H    1 
ATOM   193  H  HA   . VAL A 1 11 ? -7.822  14.333  -1.018  1.00 13.27 ? 12  VAL A HA   1 
ATOM   194  H  HB   . VAL A 1 11 ? -5.031  13.826  -0.658  1.00 14.57 ? 12  VAL A HB   1 
ATOM   195  H  HG11 . VAL A 1 11 ? -4.650  16.140  -0.755  1.00 14.47 ? 12  VAL A HG11 1 
ATOM   196  H  HG12 . VAL A 1 11 ? -5.216  15.637  -2.133  1.00 14.47 ? 12  VAL A HG12 1 
ATOM   197  H  HG13 . VAL A 1 11 ? -6.160  16.385  -1.123  1.00 14.47 ? 12  VAL A HG13 1 
ATOM   198  H  HG21 . VAL A 1 11 ? -5.284  15.018  1.364   1.00 16.99 ? 12  VAL A HG21 1 
ATOM   199  H  HG22 . VAL A 1 11 ? -6.820  15.195  1.076   1.00 16.99 ? 12  VAL A HG22 1 
ATOM   200  H  HG23 . VAL A 1 11 ? -6.232  13.763  1.355   1.00 16.99 ? 12  VAL A HG23 1 
ATOM   201  N  N    . ALA A 1 12 ? -6.121  12.845  -3.301  1.00 10.19 ? 13  ALA A N    1 
ATOM   202  C  CA   . ALA A 1 12 ? -6.015  12.709  -4.770  1.00 9.16  ? 13  ALA A CA   1 
ATOM   203  C  C    . ALA A 1 12 ? -7.380  12.448  -5.379  1.00 9.68  ? 13  ALA A C    1 
ATOM   204  O  O    . ALA A 1 12 ? -7.752  13.056  -6.358  1.00 9.66  ? 13  ALA A O    1 
ATOM   205  C  CB   . ALA A 1 12 ? -5.075  11.590  -5.130  1.00 9.66  ? 13  ALA A CB   1 
ATOM   206  H  H    . ALA A 1 12 ? -5.634  12.294  -2.856  1.00 12.23 ? 13  ALA A H    1 
ATOM   207  H  HA   . ALA A 1 12 ? -5.663  13.541  -5.149  1.00 10.99 ? 13  ALA A HA   1 
ATOM   208  H  HB1  . ALA A 1 12 ? -5.023  11.521  -6.086  1.00 11.59 ? 13  ALA A HB1  1 
ATOM   209  H  HB2  . ALA A 1 12 ? -4.208  11.783  -4.767  1.00 11.59 ? 13  ALA A HB2  1 
ATOM   210  H  HB3  . ALA A 1 12 ? -5.411  10.770  -4.759  1.00 11.59 ? 13  ALA A HB3  1 
ATOM   211  N  N    . GLN A 1 13 ? -8.141  11.529  -4.788  1.00 10.44 ? 14  GLN A N    1 
ATOM   212  C  CA   . GLN A 1 13 ? -9.432  11.163  -5.338  1.00 11.21 ? 14  GLN A CA   1 
ATOM   213  C  C    . GLN A 1 13 ? -10.421 12.335  -5.259  1.00 10.26 ? 14  GLN A C    1 
ATOM   214  O  O    . GLN A 1 13 ? -11.230 12.496  -6.136  1.00 10.68 ? 14  GLN A O    1 
ATOM   215  C  CB   . GLN A 1 13 ? -9.998  9.924   -4.636  1.00 14.64 ? 14  GLN A CB   1 
ATOM   216  C  CG   . GLN A 1 13 ? -11.209 9.372   -5.340  1.00 15.36 ? 14  GLN A CG   1 
ATOM   217  C  CD   . GLN A 1 13 ? -10.888 8.911   -6.748  1.00 18.77 ? 14  GLN A CD   1 
ATOM   218  O  OE1  . GLN A 1 13 ? -9.940  8.183   -6.965  1.00 23.87 ? 14  GLN A OE1  1 
ATOM   219  N  NE2  . GLN A 1 13 ? -11.697 9.323   -7.702  1.00 18.21 ? 14  GLN A NE2  1 
ATOM   220  H  H    . GLN A 1 13 ? -7.928  11.106  -4.070  1.00 12.52 ? 14  GLN A H    1 
ATOM   221  H  HA   . GLN A 1 13 ? -9.315  10.938  -6.284  1.00 13.45 ? 14  GLN A HA   1 
ATOM   222  H  HB2  . GLN A 1 13 ? -9.319  9.232   -4.618  1.00 17.57 ? 14  GLN A HB2  1 
ATOM   223  H  HB3  . GLN A 1 13 ? -10.256 10.161  -3.732  1.00 17.57 ? 14  GLN A HB3  1 
ATOM   224  H  HG2  . GLN A 1 13 ? -11.549 8.611   -4.843  1.00 18.43 ? 14  GLN A HG2  1 
ATOM   225  H  HG3  . GLN A 1 13 ? -11.887 10.064  -5.396  1.00 18.43 ? 14  GLN A HG3  1 
ATOM   226  H  HE21 . GLN A 1 13 ? -12.368 9.827   -7.511  1.00 21.85 ? 14  GLN A HE21 1 
ATOM   227  H  HE22 . GLN A 1 13 ? -11.556 9.087   -8.517  1.00 21.85 ? 14  GLN A HE22 1 
ATOM   228  N  N    . ALA A 1 14 ? -10.361 13.156  -4.211  1.00 10.68 ? 15  ALA A N    1 
ATOM   229  C  CA   . ALA A 1 14 ? -11.219 14.351  -4.125  1.00 11.91 ? 15  ALA A CA   1 
ATOM   230  C  C    . ALA A 1 14 ? -10.955 15.283  -5.299  1.00 10.35 ? 15  ALA A C    1 
ATOM   231  O  O    . ALA A 1 14 ? -11.879 15.853  -5.866  1.00 11.77 ? 15  ALA A O    1 
ATOM   232  C  CB   . ALA A 1 14 ? -11.029 15.077  -2.843  1.00 12.13 ? 15  ALA A CB   1 
ATOM   233  H  H    . ALA A 1 14 ? -9.838  13.050  -3.537  1.00 12.82 ? 15  ALA A H    1 
ATOM   234  H  HA   . ALA A 1 14 ? -12.157 14.069  -4.172  1.00 14.29 ? 15  ALA A HA   1 
ATOM   235  H  HB1  . ALA A 1 14 ? -11.606 15.844  -2.830  1.00 14.55 ? 15  ALA A HB1  1 
ATOM   236  H  HB2  . ALA A 1 14 ? -11.251 14.490  -2.116  1.00 14.55 ? 15  ALA A HB2  1 
ATOM   237  H  HB3  . ALA A 1 14 ? -10.113 15.353  -2.774  1.00 14.55 ? 15  ALA A HB3  1 
ATOM   238  N  N    . PHE A 1 15 ? -9.678  15.481  -5.637  1.00 9.47  ? 16  PHE A N    1 
ATOM   239  C  CA   . PHE A 1 15 ? -9.328  16.335  -6.770  1.00 9.55  ? 16  PHE A CA   1 
ATOM   240  C  C    . PHE A 1 15 ? -9.875  15.739  -8.089  1.00 9.23  ? 16  PHE A C    1 
ATOM   241  O  O    . PHE A 1 15 ? -10.480 16.454  -8.909  1.00 10.99 ? 16  PHE A O    1 
ATOM   242  C  CB   . PHE A 1 15 ? -7.818  16.591  -6.827  1.00 9.51  ? 16  PHE A CB   1 
ATOM   243  C  CG   . PHE A 1 15 ? -7.430  17.527  -7.931  1.00 8.64  ? 16  PHE A CG   1 
ATOM   244  C  CD1  . PHE A 1 15 ? -7.816  18.839  -7.881  1.00 10.02 ? 16  PHE A CD1  1 
ATOM   245  C  CD2  . PHE A 1 15 ? -6.743  17.088  -9.034  1.00 10.76 ? 16  PHE A CD2  1 
ATOM   246  C  CE1  . PHE A 1 15 ? -7.475  19.695  -8.889  1.00 10.18 ? 16  PHE A CE1  1 
ATOM   247  C  CE2  . PHE A 1 15 ? -6.403  17.972  -10.057 1.00 10.61 ? 16  PHE A CE2  1 
ATOM   248  C  CZ   . PHE A 1 15 ? -6.772  19.260  -9.965  1.00 10.61 ? 16  PHE A CZ   1 
ATOM   249  H  H    . PHE A 1 15 ? -9.004  15.135  -5.231  1.00 11.36 ? 16  PHE A H    1 
ATOM   250  H  HA   . PHE A 1 15 ? -9.765  17.203  -6.643  1.00 11.46 ? 16  PHE A HA   1 
ATOM   251  H  HB2  . PHE A 1 15 ? -7.532  16.983  -5.987  1.00 11.41 ? 16  PHE A HB2  1 
ATOM   252  H  HB3  . PHE A 1 15 ? -7.360  15.749  -6.972  1.00 11.41 ? 16  PHE A HB3  1 
ATOM   253  H  HD1  . PHE A 1 15 ? -8.288  19.155  -7.145  1.00 12.02 ? 16  PHE A HD1  1 
ATOM   254  H  HD2  . PHE A 1 15 ? -6.480  16.197  -9.088  1.00 12.91 ? 16  PHE A HD2  1 
ATOM   255  H  HE1  . PHE A 1 15 ? -7.729  20.589  -8.838  1.00 12.22 ? 16  PHE A HE1  1 
ATOM   256  H  HE2  . PHE A 1 15 ? -5.923  17.673  -10.796 1.00 12.73 ? 16  PHE A HE2  1 
ATOM   257  H  HZ   . PHE A 1 15 ? -6.555  19.853  -10.647 1.00 12.73 ? 16  PHE A HZ   1 
ATOM   258  N  N    . VAL A 1 16 ? -9.659  14.442  -8.283  1.00 8.90  ? 17  VAL A N    1 
ATOM   259  C  CA   . VAL A 1 16 ? -10.127 13.732  -9.472  1.00 9.86  ? 17  VAL A CA   1 
ATOM   260  C  C    . VAL A 1 16 ? -11.641 13.814  -9.561  1.00 10.32 ? 17  VAL A C    1 
ATOM   261  O  O    . VAL A 1 16 ? -12.187 14.140  -10.613 1.00 11.05 ? 17  VAL A O    1 
ATOM   262  C  CB   . VAL A 1 16 ? -9.640  12.266  -9.448  1.00 12.28 ? 17  VAL A CB   1 
ATOM   263  C  CG1  . VAL A 1 16 ? -10.305 11.451  -10.543 1.00 13.89 ? 17  VAL A CG1  1 
ATOM   264  C  CG2  . VAL A 1 16 ? -8.121  12.229  -9.605  1.00 13.30 ? 17  VAL A CG2  1 
ATOM   265  H  H    . VAL A 1 16 ? -9.235  13.939  -7.728  1.00 10.67 ? 17  VAL A H    1 
ATOM   266  H  HA   . VAL A 1 16 ? -9.754  14.163  -10.269 1.00 11.82 ? 17  VAL A HA   1 
ATOM   267  H  HB   . VAL A 1 16 ? -9.870  11.864  -8.585  1.00 14.73 ? 17  VAL A HB   1 
ATOM   268  H  HG11 . VAL A 1 16 ? -9.980  10.548  -10.500 1.00 16.67 ? 17  VAL A HG11 1 
ATOM   269  H  HG12 . VAL A 1 16 ? -11.254 11.465  -10.409 1.00 16.67 ? 17  VAL A HG12 1 
ATOM   270  H  HG13 . VAL A 1 16 ? -10.087 11.837  -11.395 1.00 16.67 ? 17  VAL A HG13 1 
ATOM   271  H  HG21 . VAL A 1 16 ? -7.829  11.315  -9.589  1.00 15.96 ? 17  VAL A HG21 1 
ATOM   272  H  HG22 . VAL A 1 16 ? -7.884  12.635  -10.441 1.00 15.96 ? 17  VAL A HG22 1 
ATOM   273  H  HG23 . VAL A 1 16 ? -7.721  12.714  -8.879  1.00 15.96 ? 17  VAL A HG23 1 
ATOM   274  N  N    . ASP A 1 17 ? -12.332 13.615  -8.444  1.00 9.76  ? 18  ASP A N    1 
ATOM   275  C  CA   . ASP A 1 17 ? -13.789 13.658  -8.444  1.00 11.80 ? 18  ASP A CA   1 
ATOM   276  C  C    . ASP A 1 17 ? -14.278 15.048  -8.803  1.00 11.56 ? 18  ASP A C    1 
ATOM   277  O  O    . ASP A 1 17 ? -15.215 15.212  -9.576  1.00 13.36 ? 18  ASP A O    1 
ATOM   278  C  CB   . ASP A 1 17 ? -14.342 13.237  -7.076  1.00 15.38 ? 18  ASP A CB   1 
ATOM   279  C  CG   . ASP A 1 17 ? -14.175 11.737  -6.797  1.00 19.40 ? 18  ASP A CG   1 
ATOM   280  O  OD1  . ASP A 1 17 ? -13.888 10.945  -7.710  1.00 21.84 ? 18  ASP A OD1  1 
ATOM   281  O  OD2  . ASP A 1 17 ? -14.271 11.372  -5.625  1.00 22.57 ? 18  ASP A OD2  1 
ATOM   282  H  H    . ASP A 1 17 ? -11.982 13.454  -7.676  1.00 11.70 ? 18  ASP A H    1 
ATOM   283  H  HA   . ASP A 1 17 ? -14.129 13.032  -9.117  1.00 14.16 ? 18  ASP A HA   1 
ATOM   284  H  HB2  . ASP A 1 17 ? -13.871 13.725  -6.382  1.00 18.46 ? 18  ASP A HB2  1 
ATOM   285  H  HB3  . ASP A 1 17 ? -15.289 13.444  -7.041  1.00 18.46 ? 18  ASP A HB3  1 
ATOM   286  N  N    . TYR A 1 18 ? -13.624 16.055  -8.255  1.00 11.60 ? 19  TYR A N    1 
ATOM   287  C  CA   . TYR A 1 18 ? -14.039 17.427  -8.556  1.00 12.57 ? 19  TYR A CA   1 
ATOM   288  C  C    . TYR A 1 18 ? -13.832 17.700  -10.053 1.00 11.30 ? 19  TYR A C    1 
ATOM   289  O  O    . TYR A 1 18 ? -14.704 18.239  -10.723 1.00 13.85 ? 19  TYR A O    1 
ATOM   290  C  CB   . TYR A 1 18 ? -13.319 18.452  -7.687  1.00 12.56 ? 19  TYR A CB   1 
ATOM   291  C  CG   . TYR A 1 18 ? -13.698 19.863  -8.084  1.00 13.38 ? 19  TYR A CG   1 
ATOM   292  C  CD1  . TYR A 1 18 ? -14.872 20.432  -7.624  1.00 15.43 ? 19  TYR A CD1  1 
ATOM   293  C  CD2  . TYR A 1 18 ? -12.923 20.588  -8.973  1.00 15.16 ? 19  TYR A CD2  1 
ATOM   294  C  CE1  . TYR A 1 18 ? -15.255 21.715  -8.014  1.00 17.89 ? 19  TYR A CE1  1 
ATOM   295  C  CE2  . TYR A 1 18 ? -13.291 21.875  -9.361  1.00 17.68 ? 19  TYR A CE2  1 
ATOM   296  C  CZ   . TYR A 1 18 ? -14.468 22.430  -8.876  1.00 18.91 ? 19  TYR A CZ   1 
ATOM   297  O  OH   . TYR A 1 18 ? -14.850 23.696  -9.283  1.00 22.94 ? 19  TYR A OH   1 
ATOM   298  H  H    . TYR A 1 18 ? -12.955 15.983  -7.720  1.00 13.91 ? 19  TYR A H    1 
ATOM   299  H  HA   . TYR A 1 18 ? -14.999 17.507  -8.372  1.00 15.08 ? 19  TYR A HA   1 
ATOM   300  H  HB2  . TYR A 1 18 ? -13.568 18.318  -6.758  1.00 15.07 ? 19  TYR A HB2  1 
ATOM   301  H  HB3  . TYR A 1 18 ? -12.360 18.350  -7.796  1.00 15.07 ? 19  TYR A HB3  1 
ATOM   302  H  HD1  . TYR A 1 18 ? -15.413 19.953  -7.038  1.00 18.52 ? 19  TYR A HD1  1 
ATOM   303  H  HD2  . TYR A 1 18 ? -12.134 20.219  -9.301  1.00 18.19 ? 19  TYR A HD2  1 
ATOM   304  H  HE1  . TYR A 1 18 ? -16.043 22.086  -7.689  1.00 21.46 ? 19  TYR A HE1  1 
ATOM   305  H  HE2  . TYR A 1 18 ? -12.760 22.354  -9.955  1.00 21.21 ? 19  TYR A HE2  1 
ATOM   306  H  HH   . TYR A 1 18 ? -14.919 24.191  -8.632  1.00 27.52 ? 19  TYR A HH   1 
HETATM 307  N  N    . MSE A 1 19 ? -12.676 17.331  -10.587 1.00 11.78 ? 20  MSE A N    1 
HETATM 308  C  CA   . MSE A 1 19 ? -12.409 17.619  -11.976 1.00 11.98 ? 20  MSE A CA   1 
HETATM 309  C  C    . MSE A 1 19 ? -13.422 16.929  -12.881 1.00 14.08 ? 20  MSE A C    1 
HETATM 310  O  O    . MSE A 1 19 ? -13.824 17.493  -13.899 1.00 15.10 ? 20  MSE A O    1 
HETATM 311  C  CB   . MSE A 1 19 ? -10.983 17.229  -12.360 1.00 12.00 ? 20  MSE A CB   1 
HETATM 312  C  CG   . MSE A 1 19 ? -9.920  18.179  -11.770 1.00 14.01 ? 20  MSE A CG   1 
HETATM 313  SE SE   . MSE A 1 19 ? -10.223 20.085  -12.118 0.77 19.76 ? 20  MSE A SE   1 
HETATM 314  C  CE   . MSE A 1 19 ? -10.693 20.068  -14.003 1.00 18.22 ? 20  MSE A CE   1 
HETATM 315  H  H    . MSE A 1 19 ? -12.045 16.920  -10.171 1.00 14.13 ? 20  MSE A H    1 
HETATM 316  H  HA   . MSE A 1 19 ? -12.490 18.587  -12.108 1.00 14.38 ? 20  MSE A HA   1 
HETATM 317  H  HB2  . MSE A 1 19 ? -10.801 16.335  -12.031 1.00 14.40 ? 20  MSE A HB2  1 
HETATM 318  H  HB3  . MSE A 1 19 ? -10.899 17.249  -13.326 1.00 14.40 ? 20  MSE A HB3  1 
HETATM 319  H  HG2  . MSE A 1 19 ? -9.899  18.058  -10.807 1.00 16.81 ? 20  MSE A HG2  1 
HETATM 320  H  HG3  . MSE A 1 19 ? -9.057  17.948  -12.145 1.00 16.81 ? 20  MSE A HG3  1 
HETATM 321  H  HE1  . MSE A 1 19 ? -10.867 20.969  -14.288 1.00 21.86 ? 20  MSE A HE1  1 
HETATM 322  H  HE2  . MSE A 1 19 ? -9.962  19.701  -14.503 1.00 21.86 ? 20  MSE A HE2  1 
HETATM 323  H  HE3  . MSE A 1 19 ? -11.478 19.529  -14.124 1.00 21.86 ? 20  MSE A HE3  1 
ATOM   324  N  N    . ALA A 1 20 ? -13.855 15.718  -12.525 1.00 13.81 ? 21  ALA A N    1 
ATOM   325  C  CA   . ALA A 1 20 ? -14.852 15.019  -13.320 1.00 15.90 ? 21  ALA A CA   1 
ATOM   326  C  C    . ALA A 1 20 ? -16.136 15.837  -13.411 1.00 18.13 ? 21  ALA A C    1 
ATOM   327  O  O    . ALA A 1 20 ? -16.806 15.784  -14.441 1.00 19.86 ? 21  ALA A O    1 
ATOM   328  C  CB   . ALA A 1 20 ? -15.112 13.661  -12.717 1.00 17.30 ? 21  ALA A CB   1 
ATOM   329  H  H    . ALA A 1 20 ? -13.586 15.286  -11.832 1.00 16.58 ? 21  ALA A H    1 
ATOM   330  H  HA   . ALA A 1 20 ? -14.507 14.889  -14.228 1.00 19.08 ? 21  ALA A HA   1 
ATOM   331  H  HB1  . ALA A 1 20 ? -15.771 13.205  -13.246 1.00 20.76 ? 21  ALA A HB1  1 
ATOM   332  H  HB2  . ALA A 1 20 ? -14.293 13.160  -12.711 1.00 20.76 ? 21  ALA A HB2  1 
ATOM   333  H  HB3  . ALA A 1 20 ? -15.433 13.774  -11.819 1.00 20.76 ? 21  ALA A HB3  1 
ATOM   334  N  N    . THR A 1 21 ? -16.489 16.596  -12.366 1.00 19.14 ? 22  THR A N    1 
ATOM   335  C  CA   . THR A 1 21 ? -17.721 17.401  -12.408 1.00 22.57 ? 22  THR A CA   1 
ATOM   336  C  C    . THR A 1 21 ? -17.557 18.599  -13.343 1.00 24.50 ? 22  THR A C    1 
ATOM   337  O  O    . THR A 1 21 ? -18.541 19.226  -13.791 1.00 25.84 ? 22  THR A O    1 
ATOM   338  C  CB   . THR A 1 21 ? -18.183 17.875  -11.016 1.00 23.35 ? 22  THR A CB   1 
ATOM   339  O  OG1  . THR A 1 21 ? -17.306 18.883  -10.528 1.00 23.03 ? 22  THR A OG1  1 
ATOM   340  C  CG2  . THR A 1 21 ? -18.255 16.709  -10.031 1.00 23.68 ? 22  THR A CG2  1 
ATOM   341  H  H    . THR A 1 21 ? -16.044 16.662  -11.633 1.00 22.97 ? 22  THR A H    1 
ATOM   342  H  HA   . THR A 1 21 ? -18.437 16.843  -12.776 1.00 27.08 ? 22  THR A HA   1 
ATOM   343  H  HB   . THR A 1 21 ? -19.074 18.251  -11.096 1.00 28.02 ? 22  THR A HB   1 
ATOM   344  H  HG1  . THR A 1 21 ? -16.544 18.587  -10.468 1.00 27.63 ? 22  THR A HG1  1 
ATOM   345  H  HG21 . THR A 1 21 ? -18.544 17.022  -9.172  1.00 28.41 ? 22  THR A HG21 1 
ATOM   346  H  HG22 . THR A 1 21 ? -18.877 16.050  -10.349 1.00 28.41 ? 22  THR A HG22 1 
ATOM   347  H  HG23 . THR A 1 21 ? -17.389 16.302  -9.941  1.00 28.41 ? 22  THR A HG23 1 
ATOM   348  N  N    . GLN A 1 22 ? -16.310 18.912  -13.656 1.00 25.27 ? 23  GLN A N    1 
ATOM   349  C  CA   . GLN A 1 22 ? -16.010 19.950  -14.625 1.00 26.85 ? 23  GLN A CA   1 
ATOM   350  C  C    . GLN A 1 22 ? -15.754 19.371  -16.009 1.00 25.41 ? 23  GLN A C    1 
ATOM   351  O  O    . GLN A 1 22 ? -15.328 20.095  -16.904 1.00 28.65 ? 23  GLN A O    1 
ATOM   352  C  CB   . GLN A 1 22 ? -14.804 20.765  -14.178 1.00 27.55 ? 23  GLN A CB   1 
ATOM   353  C  CG   . GLN A 1 22 ? -14.922 21.298  -12.776 1.00 30.49 ? 23  GLN A CG   1 
ATOM   354  C  CD   . GLN A 1 22 ? -16.088 22.238  -12.616 1.00 36.85 ? 23  GLN A CD   1 
ATOM   355  O  OE1  . GLN A 1 22 ? -16.129 23.307  -13.232 1.00 41.47 ? 23  GLN A OE1  1 
ATOM   356  N  NE2  . GLN A 1 22 ? -17.046 21.859  -11.782 1.00 36.34 ? 23  GLN A NE2  1 
ATOM   357  H  H    . GLN A 1 22 ? -15.615 18.536  -13.318 1.00 30.33 ? 23  GLN A H    1 
ATOM   358  H  HA   . GLN A 1 22 ? -16.777 20.557  -14.689 1.00 32.21 ? 23  GLN A HA   1 
ATOM   359  H  HB2  . GLN A 1 22 ? -14.014 20.202  -14.216 1.00 33.06 ? 23  GLN A HB2  1 
ATOM   360  H  HB3  . GLN A 1 22 ? -14.699 21.522  -14.775 1.00 33.06 ? 23  GLN A HB3  1 
ATOM   361  H  HG2  . GLN A 1 22 ? -15.049 20.556  -12.165 1.00 36.59 ? 23  GLN A HG2  1 
ATOM   362  H  HG3  . GLN A 1 22 ? -14.112 21.781  -12.551 1.00 36.59 ? 23  GLN A HG3  1 
ATOM   363  H  HE21 . GLN A 1 22 ? -16.981 21.108  -11.367 1.00 43.60 ? 23  GLN A HE21 1 
ATOM   364  H  HE22 . GLN A 1 22 ? -17.732 22.362  -11.656 1.00 43.60 ? 23  GLN A HE22 1 
ATOM   365  N  N    . GLY A 1 23 ? -16.016 18.078  -16.192 1.00 25.32 ? 24  GLY A N    1 
ATOM   366  C  CA   . GLY A 1 23 ? -15.860 17.449  -17.497 1.00 25.03 ? 24  GLY A CA   1 
ATOM   367  C  C    . GLY A 1 23 ? -14.446 17.050  -17.887 1.00 24.92 ? 24  GLY A C    1 
ATOM   368  O  O    . GLY A 1 23 ? -14.159 16.736  -19.049 1.00 28.19 ? 24  GLY A O    1 
ATOM   369  H  H    . GLY A 1 23 ? -16.287 17.543  -15.575 1.00 30.38 ? 24  GLY A H    1 
ATOM   370  H  HA2  . GLY A 1 23 ? -16.408 16.649  -17.522 1.00 30.04 ? 24  GLY A HA2  1 
ATOM   371  H  HA3  . GLY A 1 23 ? -16.190 18.057  -18.175 1.00 30.04 ? 24  GLY A HA3  1 
ATOM   372  N  N    . VAL A 1 24 ? -13.550 17.028  -16.918 1.00 19.71 ? 25  VAL A N    1 
ATOM   373  C  CA   . VAL A 1 24 ? -12.176 16.620  -17.155 1.00 17.77 ? 25  VAL A CA   1 
ATOM   374  C  C    . VAL A 1 24 ? -11.907 15.309  -16.441 1.00 14.97 ? 25  VAL A C    1 
ATOM   375  O  O    . VAL A 1 24 ? -12.058 15.222  -15.231 1.00 15.95 ? 25  VAL A O    1 
ATOM   376  C  CB   . VAL A 1 24 ? -11.183 17.676  -16.665 1.00 19.59 ? 25  VAL A CB   1 
ATOM   377  C  CG1  . VAL A 1 24 ? -9.750  17.195  -16.894 1.00 20.19 ? 25  VAL A CG1  1 
ATOM   378  C  CG2  . VAL A 1 24 ? -11.426 19.002  -17.391 1.00 21.87 ? 25  VAL A CG2  1 
ATOM   379  H  H    . VAL A 1 24 ? -13.713 17.248  -16.103 1.00 23.65 ? 25  VAL A H    1 
ATOM   380  H  HA   . VAL A 1 24 ? -12.036 16.484  -18.116 1.00 21.32 ? 25  VAL A HA   1 
ATOM   381  H  HB   . VAL A 1 24 ? -11.311 17.821  -15.705 1.00 23.51 ? 25  VAL A HB   1 
ATOM   382  H  HG11 . VAL A 1 24 ? -9.141  17.869  -16.581 1.00 24.23 ? 25  VAL A HG11 1 
ATOM   383  H  HG12 . VAL A 1 24 ? -9.614  16.378  -16.408 1.00 24.23 ? 25  VAL A HG12 1 
ATOM   384  H  HG13 . VAL A 1 24 ? -9.617  17.043  -17.833 1.00 24.23 ? 25  VAL A HG13 1 
ATOM   385  H  HG21 . VAL A 1 24 ? -10.796 19.653  -17.071 1.00 26.25 ? 25  VAL A HG21 1 
ATOM   386  H  HG22 . VAL A 1 24 ? -11.309 18.868  -18.334 1.00 26.25 ? 25  VAL A HG22 1 
ATOM   387  H  HG23 . VAL A 1 24 ? -12.321 19.297  -17.209 1.00 26.25 ? 25  VAL A HG23 1 
ATOM   388  N  N    . ILE A 1 25 ? -11.469 14.317  -17.191 1.00 16.13 ? 26  ILE A N    1 
ATOM   389  C  CA   . ILE A 1 25 ? -11.246 12.979  -16.663 1.00 15.40 ? 26  ILE A CA   1 
ATOM   390  C  C    . ILE A 1 25 ? -9.763  12.742  -16.389 1.00 13.61 ? 26  ILE A C    1 
ATOM   391  O  O    . ILE A 1 25 ? -8.921  12.848  -17.283 1.00 14.81 ? 26  ILE A O    1 
ATOM   392  C  CB   . ILE A 1 25 ? -11.755 11.910  -17.630 1.00 19.04 ? 26  ILE A CB   1 
ATOM   393  C  CG1  . ILE A 1 25 ? -13.258 12.106  -17.865 1.00 21.96 ? 26  ILE A CG1  1 
ATOM   394  C  CG2  . ILE A 1 25 ? -11.386 10.528  -17.105 1.00 21.33 ? 26  ILE A CG2  1 
ATOM   395  C  CD1  . ILE A 1 25 ? -14.068 12.213  -16.607 1.00 27.12 ? 26  ILE A CD1  1 
ATOM   396  H  H    . ILE A 1 25 ? -11.287 14.390  -18.028 1.00 19.35 ? 26  ILE A H    1 
ATOM   397  H  HA   . ILE A 1 25 ? -11.732 12.882  -15.817 1.00 18.47 ? 26  ILE A HA   1 
ATOM   398  H  HB   . ILE A 1 25 ? -11.302 12.036  -18.478 1.00 22.84 ? 26  ILE A HB   1 
ATOM   399  H  HG12 . ILE A 1 25 ? -13.389 12.924  -18.372 1.00 26.35 ? 26  ILE A HG12 1 
ATOM   400  H  HG13 . ILE A 1 25 ? -13.596 11.351  -18.370 1.00 26.35 ? 26  ILE A HG13 1 
ATOM   401  H  HG21 . ILE A 1 25 ? -11.710 9.864   -17.719 1.00 25.60 ? 26  ILE A HG21 1 
ATOM   402  H  HG22 . ILE A 1 25 ? -10.430 10.467  -17.030 1.00 25.60 ? 26  ILE A HG22 1 
ATOM   403  H  HG23 . ILE A 1 25 ? -11.791 10.403  -16.244 1.00 25.60 ? 26  ILE A HG23 1 
ATOM   404  H  HD11 . ILE A 1 25 ? -14.992 12.335  -16.841 1.00 32.55 ? 26  ILE A HD11 1 
ATOM   405  H  HD12 . ILE A 1 25 ? -13.962 11.407  -16.098 1.00 32.55 ? 26  ILE A HD12 1 
ATOM   406  H  HD13 . ILE A 1 25 ? -13.757 12.967  -16.099 1.00 32.55 ? 26  ILE A HD13 1 
ATOM   407  N  N    . LEU A 1 26 ? -9.457  12.476  -15.130 1.00 11.54 ? 27  LEU A N    1 
ATOM   408  C  CA   . LEU A 1 26 ? -8.111  12.180  -14.677 1.00 9.92  ? 27  LEU A CA   1 
ATOM   409  C  C    . LEU A 1 26 ? -8.116  10.723  -14.208 1.00 10.11 ? 27  LEU A C    1 
ATOM   410  O  O    . LEU A 1 26 ? -9.146  10.188  -13.799 1.00 12.39 ? 27  LEU A O    1 
ATOM   411  C  CB   . LEU A 1 26 ? -7.743  13.076  -13.510 1.00 10.87 ? 27  LEU A CB   1 
ATOM   412  C  CG   . LEU A 1 26 ? -7.800  14.565  -13.830 1.00 11.94 ? 27  LEU A CG   1 
ATOM   413  C  CD1  . LEU A 1 26 ? -7.554  15.362  -12.562 1.00 12.90 ? 27  LEU A CD1  1 
ATOM   414  C  CD2  . LEU A 1 26 ? -6.778  14.902  -14.921 1.00 15.25 ? 27  LEU A CD2  1 
ATOM   415  H  H    . LEU A 1 26 ? -10.038 12.461  -14.495 1.00 13.84 ? 27  LEU A H    1 
ATOM   416  H  HA   . LEU A 1 26 ? -7.464  12.294  -15.405 1.00 11.90 ? 27  LEU A HA   1 
ATOM   417  H  HB2  . LEU A 1 26 ? -8.359  12.906  -12.780 1.00 13.04 ? 27  LEU A HB2  1 
ATOM   418  H  HB3  . LEU A 1 26 ? -6.837  12.869  -13.230 1.00 13.04 ? 27  LEU A HB3  1 
ATOM   419  H  HG   . LEU A 1 26 ? -8.684  14.788  -14.161 1.00 14.32 ? 27  LEU A HG   1 
ATOM   420  H  HD11 . LEU A 1 26 ? -7.591  16.299  -12.770 1.00 15.48 ? 27  LEU A HD11 1 
ATOM   421  H  HD12 . LEU A 1 26 ? -8.231  15.142  -11.918 1.00 15.48 ? 27  LEU A HD12 1 
ATOM   422  H  HD13 . LEU A 1 26 ? -6.687  15.138  -12.216 1.00 15.48 ? 27  LEU A HD13 1 
ATOM   423  H  HD21 . LEU A 1 26 ? -6.825  15.841  -15.112 1.00 18.30 ? 27  LEU A HD21 1 
ATOM   424  H  HD22 . LEU A 1 26 ? -5.900  14.674  -14.606 1.00 18.30 ? 27  LEU A HD22 1 
ATOM   425  H  HD23 . LEU A 1 26 ? -6.986  14.396  -15.709 1.00 18.30 ? 27  LEU A HD23 1 
ATOM   426  N  N    . THR A 1 27 ? -6.950  10.092  -14.220 1.00 9.05  ? 28  THR A N    1 
ATOM   427  C  CA   . THR A 1 27 ? -6.786  8.780   -13.648 1.00 8.76  ? 28  THR A CA   1 
ATOM   428  C  C    . THR A 1 27 ? -5.660  8.830   -12.628 1.00 8.59  ? 28  THR A C    1 
ATOM   429  O  O    . THR A 1 27 ? -4.873  9.778   -12.567 1.00 10.08 ? 28  THR A O    1 
ATOM   430  C  CB   . THR A 1 27 ? -6.496  7.706   -14.696 1.00 10.85 ? 28  THR A CB   1 
ATOM   431  O  OG1  . THR A 1 27 ? -5.194  7.872   -15.247 1.00 12.65 ? 28  THR A OG1  1 
ATOM   432  C  CG2  . THR A 1 27 ? -7.553  7.662   -15.794 1.00 12.53 ? 28  THR A CG2  1 
ATOM   433  H  H    . THR A 1 27 ? -6.230  10.414  -14.562 1.00 10.86 ? 28  THR A H    1 
ATOM   434  H  HA   . THR A 1 27 ? -7.611  8.530   -13.179 1.00 10.51 ? 28  THR A HA   1 
ATOM   435  H  HB   . THR A 1 27 ? -6.520  6.844   -14.251 1.00 13.02 ? 28  THR A HB   1 
ATOM   436  H  HG1  . THR A 1 27 ? -5.133  8.607   -15.605 1.00 15.18 ? 28  THR A HG1  1 
ATOM   437  H  HG21 . THR A 1 27 ? -7.336  6.978   -16.432 1.00 15.03 ? 28  THR A HG21 1 
ATOM   438  H  HG22 . THR A 1 27 ? -8.414  7.473   -15.414 1.00 15.03 ? 28  THR A HG22 1 
ATOM   439  H  HG23 . THR A 1 27 ? -7.591  8.508   -16.246 1.00 15.03 ? 28  THR A HG23 1 
ATOM   440  N  N    . ILE A 1 28 ? -5.614  7.812   -11.772 1.00 10.04 ? 29  ILE A N    1 
ATOM   441  C  CA   . ILE A 1 28 ? -4.630  7.741   -10.701 1.00 9.72  ? 29  ILE A CA   1 
ATOM   442  C  C    . ILE A 1 28 ? -3.791  6.477   -10.861 1.00 10.34 ? 29  ILE A C    1 
ATOM   443  O  O    . ILE A 1 28 ? -4.323  5.379   -10.998 1.00 12.89 ? 29  ILE A O    1 
ATOM   444  C  CB   . ILE A 1 28 ? -5.296  7.762   -9.323  1.00 10.50 ? 29  ILE A CB   1 
ATOM   445  C  CG1  . ILE A 1 28 ? -5.936  9.118   -9.072  1.00 12.93 ? 29  ILE A CG1  1 
ATOM   446  C  CG2  . ILE A 1 28 ? -4.266  7.486   -8.223  1.00 12.34 ? 29  ILE A CG2  1 
ATOM   447  C  CD1  . ILE A 1 28 ? -6.808  9.225   -7.839  1.00 15.01 ? 29  ILE A CD1  1 
ATOM   448  H  H    . ILE A 1 28 ? -6.150  7.141   -11.792 1.00 12.05 ? 29  ILE A H    1 
ATOM   449  H  HA   . ILE A 1 28 ? -4.032  8.515   -10.763 1.00 11.66 ? 29  ILE A HA   1 
ATOM   450  H  HB   . ILE A 1 28 ? -5.982  7.076   -9.293  1.00 12.59 ? 29  ILE A HB   1 
ATOM   451  H  HG12 . ILE A 1 28 ? -5.230  9.777   -8.984  1.00 15.52 ? 29  ILE A HG12 1 
ATOM   452  H  HG13 . ILE A 1 28 ? -6.490  9.340   -9.837  1.00 15.52 ? 29  ILE A HG13 1 
ATOM   453  H  HG21 . ILE A 1 28 ? -4.708  7.504   -7.371  1.00 14.80 ? 29  ILE A HG21 1 
ATOM   454  H  HG22 . ILE A 1 28 ? -3.874  6.623   -8.371  1.00 14.80 ? 29  ILE A HG22 1 
ATOM   455  H  HG23 . ILE A 1 28 ? -3.587  8.164   -8.255  1.00 14.80 ? 29  ILE A HG23 1 
ATOM   456  H  HD11 . ILE A 1 28 ? -7.157  10.117  -7.781  1.00 18.01 ? 29  ILE A HD11 1 
ATOM   457  H  HD12 . ILE A 1 28 ? -7.529  8.595   -7.911  1.00 18.01 ? 29  ILE A HD12 1 
ATOM   458  H  HD13 . ILE A 1 28 ? -6.278  9.029   -7.064  1.00 18.01 ? 29  ILE A HD13 1 
ATOM   459  N  N    . GLN A 1 29 ? -2.478  6.655   -10.808 1.00 12.25 ? 30  GLN A N    1 
ATOM   460  C  CA   . GLN A 1 29 ? -1.550  5.577   -10.663 1.00 14.48 ? 30  GLN A CA   1 
ATOM   461  C  C    . GLN A 1 29 ? -1.174  5.557   -9.202  1.00 15.21 ? 30  GLN A C    1 
ATOM   462  O  O    . GLN A 1 29 ? -0.398  6.378   -8.737  1.00 14.14 ? 30  GLN A O    1 
ATOM   463  C  CB   . GLN A 1 29 ? -0.329  5.774   -11.545 1.00 16.65 ? 30  GLN A CB   1 
ATOM   464  C  CG   . GLN A 1 29 ? 0.245   4.431   -12.069 1.00 23.88 ? 30  GLN A CG   1 
ATOM   465  C  CD   . GLN A 1 29 ? 0.494   3.446   -10.954 1.00 26.52 ? 30  GLN A CD   1 
ATOM   466  O  OE1  . GLN A 1 29 ? 1.376   3.678   -10.119 1.00 28.21 ? 30  GLN A OE1  1 
ATOM   467  N  NE2  . GLN A 1 29 ? -0.292  2.358   -10.898 1.00 27.29 ? 30  GLN A NE2  1 
ATOM   468  H  H    . GLN A 1 29 ? -2.101  7.426   -10.856 1.00 14.69 ? 30  GLN A H    1 
ATOM   469  H  HA   . GLN A 1 29 ? -1.980  4.727   -10.895 1.00 17.38 ? 30  GLN A HA   1 
ATOM   470  H  HB2  . GLN A 1 29 ? -0.576  6.315   -12.311 1.00 19.98 ? 30  GLN A HB2  1 
ATOM   471  H  HB3  . GLN A 1 29 ? 0.365   6.218   -11.032 1.00 19.98 ? 30  GLN A HB3  1 
ATOM   472  H  HG2  . GLN A 1 29 ? -0.389  4.035   -12.687 1.00 28.66 ? 30  GLN A HG2  1 
ATOM   473  H  HG3  . GLN A 1 29 ? 1.088   4.600   -12.518 1.00 28.66 ? 30  GLN A HG3  1 
ATOM   474  H  HE21 . GLN A 1 29 ? -0.910  2.244   -11.486 1.00 32.74 ? 30  GLN A HE21 1 
ATOM   475  H  HE22 . GLN A 1 29 ? -0.178  1.775   -10.276 1.00 32.74 ? 30  GLN A HE22 1 
ATOM   476  N  N    . GLN A 1 30 ? -1.767  4.617   -8.474  1.00 18.53 ? 31  GLN A N    1 
ATOM   477  C  CA   . GLN A 1 30 ? -1.610  4.528   -7.031  1.00 21.40 ? 31  GLN A CA   1 
ATOM   478  C  C    . GLN A 1 30 ? -0.528  3.509   -6.774  1.00 19.38 ? 31  GLN A C    1 
ATOM   479  O  O    . GLN A 1 30 ? -0.736  2.323   -7.093  1.00 19.83 ? 31  GLN A O    1 
ATOM   480  C  CB   . GLN A 1 30 ? -2.930  4.047   -6.450  1.00 29.13 ? 31  GLN A CB   1 
ATOM   481  C  CG   . GLN A 1 30 ? -3.387  4.757   -5.264  1.00 38.63 ? 31  GLN A CG   1 
ATOM   482  C  CD   . GLN A 1 30 ? -2.952  4.069   -4.041  1.00 43.90 ? 31  GLN A CD   1 
ATOM   483  O  OE1  . GLN A 1 30 ? -3.414  2.956   -3.731  1.00 45.65 ? 31  GLN A OE1  1 
ATOM   484  N  NE2  . GLN A 1 30 ? -2.034  4.700   -3.319  1.00 46.23 ? 31  GLN A NE2  1 
ATOM   485  H  H    . GLN A 1 30 ? -2.276  4.005   -8.803  1.00 22.23 ? 31  GLN A H    1 
ATOM   486  H  HA   . GLN A 1 30 ? -1.362  5.394   -6.645  1.00 25.68 ? 31  GLN A HA   1 
ATOM   487  H  HB2  . GLN A 1 30 ? -3.617  4.143   -7.128  1.00 34.95 ? 31  GLN A HB2  1 
ATOM   488  H  HB3  . GLN A 1 30 ? -2.837  3.112   -6.212  1.00 34.95 ? 31  GLN A HB3  1 
ATOM   489  H  HG2  . GLN A 1 30 ? -3.013  5.652   -5.261  1.00 46.35 ? 31  GLN A HG2  1 
ATOM   490  H  HG3  . GLN A 1 30 ? -4.356  4.796   -5.265  1.00 46.35 ? 31  GLN A HG3  1 
ATOM   491  H  HE21 . GLN A 1 30 ? -1.734  5.463   -3.577  1.00 55.48 ? 31  GLN A HE21 1 
ATOM   492  H  HE22 . GLN A 1 30 ? -1.741  4.346   -2.592  1.00 55.48 ? 31  GLN A HE22 1 
ATOM   493  N  N    . HIS A 1 31 ? 0.651   3.947   -6.311  1.00 19.61 ? 32  HIS A N    1 
ATOM   494  C  CA   . HIS A 1 31 ? 1.708   3.003   -5.996  1.00 22.34 ? 32  HIS A CA   1 
ATOM   495  C  C    . HIS A 1 31 ? 2.075   2.992   -4.540  1.00 25.22 ? 32  HIS A C    1 
ATOM   496  O  O    . HIS A 1 31 ? 2.731   3.821   -3.947  1.00 29.50 ? 32  HIS A O    1 
ATOM   497  C  CB   . HIS A 1 31 ? 2.914   3.022   -6.914  1.00 25.06 ? 32  HIS A CB   1 
ATOM   498  C  CG   . HIS A 1 31 ? 3.429   4.372   -7.252  1.00 30.31 ? 32  HIS A CG   1 
ATOM   499  N  ND1  . HIS A 1 31 ? 2.596   5.368   -7.704  1.00 32.44 ? 32  HIS A ND1  1 
ATOM   500  C  CD2  . HIS A 1 31 ? 4.660   4.924   -7.140  1.00 31.12 ? 32  HIS A CD2  1 
ATOM   501  C  CE1  . HIS A 1 31 ? 3.297   6.468   -7.899  1.00 32.53 ? 32  HIS A CE1  1 
ATOM   502  N  NE2  . HIS A 1 31 ? 4.551   6.224   -7.566  1.00 30.98 ? 32  HIS A NE2  1 
ATOM   503  H  H    . HIS A 1 31 ? 0.853   4.771   -6.175  1.00 23.53 ? 32  HIS A H    1 
ATOM   504  H  HA   . HIS A 1 31 ? 1.311   2.120   -6.149  1.00 26.80 ? 32  HIS A HA   1 
ATOM   505  H  HB2  . HIS A 1 31 ? 3.634   2.533   -6.485  1.00 30.07 ? 32  HIS A HB2  1 
ATOM   506  H  HB3  . HIS A 1 31 ? 2.675   2.584   -7.746  1.00 30.07 ? 32  HIS A HB3  1 
ATOM   507  H  HD1  . HIS A 1 31 ? 1.754   5.281   -7.856  1.00 38.92 ? 32  HIS A HD1  1 
ATOM   508  H  HD2  . HIS A 1 31 ? 5.436   4.498   -6.855  1.00 37.34 ? 32  HIS A HD2  1 
ATOM   509  H  HE1  . HIS A 1 31 ? 2.965   7.278   -8.216  1.00 39.03 ? 32  HIS A HE1  1 
ATOM   510  H  HE2  . HIS A 1 31 ? 5.197   6.792   -7.605  1.00 37.17 ? 32  HIS A HE2  1 
ATOM   511  N  N    . ASN A 1 32 ? 1.660   1.857   -4.083  1.00 29.40 ? 33  ASN A N    1 
ATOM   512  C  CA   . ASN A 1 32 ? 1.475   1.460   -2.752  1.00 30.00 ? 33  ASN A CA   1 
ATOM   513  C  C    . ASN A 1 32 ? 2.673   0.699   -2.274  1.00 23.83 ? 33  ASN A C    1 
ATOM   514  O  O    . ASN A 1 32 ? 3.029   -0.252  -2.903  1.00 24.53 ? 33  ASN A O    1 
ATOM   515  C  CB   . ASN A 1 32 ? 0.227   0.571   -2.714  1.00 32.85 ? 33  ASN A CB   1 
ATOM   516  C  CG   . ASN A 1 32 ? -0.988  1.335   -2.856  1.00 34.38 ? 33  ASN A CG   1 
ATOM   517  O  OD1  . ASN A 1 32 ? -1.019  2.445   -2.442  1.00 34.42 ? 33  ASN A OD1  1 
ATOM   518  N  ND2  . ASN A 1 32 ? -1.968  0.800   -3.436  1.00 34.71 ? 33  ASN A ND2  1 
ATOM   519  H  H    . ASN A 1 32 ? 1.454   1.217   -4.619  1.00 35.27 ? 33  ASN A H    1 
ATOM   520  H  HA   . ASN A 1 32 ? 1.336   2.243   -2.177  1.00 36.00 ? 33  ASN A HA   1 
ATOM   521  H  HB2  . ASN A 1 32 ? 0.269   -0.067  -3.443  1.00 39.41 ? 33  ASN A HB2  1 
ATOM   522  H  HB3  . ASN A 1 32 ? 0.193   0.106   -1.863  1.00 39.41 ? 33  ASN A HB3  1 
ATOM   523  H  HD21 . ASN A 1 32 ? -1.904  -0.003  -3.737  1.00 41.65 ? 33  ASN A HD21 1 
ATOM   524  H  HD22 . ASN A 1 32 ? -2.703  1.237   -3.532  1.00 41.65 ? 33  ASN A HD22 1 
ATOM   525  N  N    . GLN A 1 33 ? 3.346   1.170   -1.224  1.00 21.12 ? 34  GLN A N    1 
ATOM   526  C  CA   . GLN A 1 33 ? 4.414   0.346   -0.668  1.00 19.68 ? 34  GLN A CA   1 
ATOM   527  C  C    . GLN A 1 33 ? 4.554   0.527   0.824   1.00 14.85 ? 34  GLN A C    1 
ATOM   528  O  O    . GLN A 1 33 ? 4.844   1.614   1.329   1.00 18.33 ? 34  GLN A O    1 
ATOM   529  C  CB   . GLN A 1 33 ? 5.719   0.689   -1.368  1.00 24.74 ? 34  GLN A CB   1 
ATOM   530  C  CG   . GLN A 1 33 ? 6.856   -0.248  -1.141  1.00 31.91 ? 34  GLN A CG   1 
ATOM   531  C  CD   . GLN A 1 33 ? 8.123   0.170   -1.904  1.00 38.00 ? 34  GLN A CD   1 
ATOM   532  O  OE1  . GLN A 1 33 ? 8.051   0.884   -2.916  1.00 39.95 ? 34  GLN A OE1  1 
ATOM   533  N  NE2  . GLN A 1 33 ? 9.290   -0.266  -1.407  1.00 40.04 ? 34  GLN A NE2  1 
ATOM   534  H  H    . GLN A 1 33 ? 3.212   1.924   -0.833  1.00 25.34 ? 34  GLN A H    1 
ATOM   535  H  HA   . GLN A 1 33 ? 4.214   -0.597  -0.842  1.00 23.61 ? 34  GLN A HA   1 
ATOM   536  H  HB2  . GLN A 1 33 ? 5.554   0.714   -2.324  1.00 29.69 ? 34  GLN A HB2  1 
ATOM   537  H  HB3  . GLN A 1 33 ? 6.004   1.566   -1.068  1.00 29.69 ? 34  GLN A HB3  1 
ATOM   538  H  HG2  . GLN A 1 33 ? 7.067   -0.265  -0.194  1.00 38.29 ? 34  GLN A HG2  1 
ATOM   539  H  HG3  . GLN A 1 33 ? 6.601   -1.134  -1.441  1.00 38.29 ? 34  GLN A HG3  1 
ATOM   540  H  HE21 . GLN A 1 33 ? 9.301   -0.751  -0.698  1.00 48.04 ? 34  GLN A HE21 1 
ATOM   541  H  HE22 . GLN A 1 33 ? 10.028  -0.060  -1.798  1.00 48.04 ? 34  GLN A HE22 1 
ATOM   542  N  N    . SER A 1 34 ? 4.372   -0.575  1.527   1.00 11.78 ? 35  SER A N    1 
ATOM   543  C  CA   . SER A 1 34 ? 4.580   -0.673  2.967   1.00 11.29 ? 35  SER A CA   1 
ATOM   544  C  C    . SER A 1 34 ? 5.828   -1.472  3.256   1.00 10.95 ? 35  SER A C    1 
ATOM   545  O  O    . SER A 1 34 ? 5.824   -2.686  3.108   1.00 11.24 ? 35  SER A O    1 
ATOM   546  C  CB   . SER A 1 34 ? 3.381   -1.320  3.636   1.00 11.58 ? 35  SER A CB   1 
ATOM   547  O  OG   . SER A 1 34 ? 2.229   -0.502  3.521   1.00 14.82 ? 35  SER A OG   1 
ATOM   548  H  H    . SER A 1 34 ? 4.116   -1.318  1.177   1.00 14.13 ? 35  SER A H    1 
ATOM   549  H  HA   . SER A 1 34 ? 4.694   0.226   3.340   1.00 13.54 ? 35  SER A HA   1 
ATOM   550  H  HB2  . SER A 1 34 ? 3.206   -2.174  3.211   1.00 13.90 ? 35  SER A HB2  1 
ATOM   551  H  HB3  . SER A 1 34 ? 3.580   -1.453  4.576   1.00 13.90 ? 35  SER A HB3  1 
ATOM   552  H  HG   . SER A 1 34 ? 2.411   0.183   3.110   1.00 17.78 ? 35  SER A HG   1 
ATOM   553  N  N    . ASP A 1 35 ? 6.913   -0.796  3.621   1.00 9.49  ? 36  ASP A N    1 
ATOM   554  C  CA   . ASP A 1 35 ? 8.193   -1.474  3.871   1.00 10.90 ? 36  ASP A CA   1 
ATOM   555  C  C    . ASP A 1 35 ? 8.236   -1.866  5.347   1.00 9.97  ? 36  ASP A C    1 
ATOM   556  O  O    . ASP A 1 35 ? 7.981   -1.053  6.251   1.00 11.53 ? 36  ASP A O    1 
ATOM   557  C  CB   . ASP A 1 35 ? 9.404   -0.568  3.571   1.00 13.09 ? 36  ASP A CB   1 
ATOM   558  C  CG   . ASP A 1 35 ? 9.526   -0.162  2.123   1.00 18.32 ? 36  ASP A CG   1 
ATOM   559  O  OD1  . ASP A 1 35 ? 8.939   -0.839  1.260   1.00 18.70 ? 36  ASP A OD1  1 
ATOM   560  O  OD2  . ASP A 1 35 ? 10.234  0.842   1.858   1.00 23.72 ? 36  ASP A OD2  1 
ATOM   561  H  H    . ASP A 1 35 ? 6.939   0.056   3.732   1.00 11.39 ? 36  ASP A H    1 
ATOM   562  H  HA   . ASP A 1 35 ? 8.257   -2.284  3.323   1.00 13.07 ? 36  ASP A HA   1 
ATOM   563  H  HB2  . ASP A 1 35 ? 9.325   0.241   4.099   1.00 15.71 ? 36  ASP A HB2  1 
ATOM   564  H  HB3  . ASP A 1 35 ? 10.215  -1.041  3.815   1.00 15.71 ? 36  ASP A HB3  1 
ATOM   565  N  N    . VAL A 1 36 ? 8.568   -3.124  5.586   1.00 9.31  ? 37  VAL A N    1 
ATOM   566  C  CA   . VAL A 1 36 ? 8.569   -3.693  6.910   1.00 8.85  ? 37  VAL A CA   1 
ATOM   567  C  C    . VAL A 1 36 ? 9.998   -3.751  7.404   1.00 8.87  ? 37  VAL A C    1 
ATOM   568  O  O    . VAL A 1 36 ? 10.868  -4.375  6.772   1.00 9.87  ? 37  VAL A O    1 
ATOM   569  C  CB   . VAL A 1 36 ? 7.951   -5.103  6.893   1.00 10.38 ? 37  VAL A CB   1 
ATOM   570  C  CG1  . VAL A 1 36 ? 8.045   -5.752  8.239   1.00 11.32 ? 37  VAL A CG1  1 
ATOM   571  C  CG2  . VAL A 1 36 ? 6.490   -5.067  6.407   1.00 12.23 ? 37  VAL A CG2  1 
ATOM   572  H  H    . VAL A 1 36 ? 8.804   -3.680  4.974   1.00 11.17 ? 37  VAL A H    1 
ATOM   573  H  HA   . VAL A 1 36 ? 8.048   -3.126  7.515   1.00 10.62 ? 37  VAL A HA   1 
ATOM   574  H  HB   . VAL A 1 36 ? 8.456   -5.657  6.262   1.00 12.46 ? 37  VAL A HB   1 
ATOM   575  H  HG11 . VAL A 1 36 ? 7.651   -6.626  8.192   1.00 13.58 ? 37  VAL A HG11 1 
ATOM   576  H  HG12 . VAL A 1 36 ? 8.969   -5.822  8.487   1.00 13.58 ? 37  VAL A HG12 1 
ATOM   577  H  HG13 . VAL A 1 36 ? 7.573   -5.213  8.878   1.00 13.58 ? 37  VAL A HG13 1 
ATOM   578  H  HG21 . VAL A 1 36 ? 6.138   -5.960  6.409   1.00 14.67 ? 37  VAL A HG21 1 
ATOM   579  H  HG22 . VAL A 1 36 ? 5.978   -4.511  6.999   1.00 14.67 ? 37  VAL A HG22 1 
ATOM   580  H  HG23 . VAL A 1 36 ? 6.466   -4.708  5.517   1.00 14.67 ? 37  VAL A HG23 1 
ATOM   581  N  N    . TRP A 1 37 ? 10.234  -3.105  8.538   1.00 8.67  ? 38  TRP A N    1 
ATOM   582  C  CA   . TRP A 1 37 ? 11.569  -2.920  9.120   1.00 9.40  ? 38  TRP A CA   1 
ATOM   583  C  C    . TRP A 1 37 ? 11.653  -3.612  10.469  1.00 10.83 ? 38  TRP A C    1 
ATOM   584  O  O    . TRP A 1 37 ? 10.713  -3.611  11.261  1.00 11.00 ? 38  TRP A O    1 
ATOM   585  C  CB   . TRP A 1 37 ? 11.847  -1.416  9.319   1.00 11.32 ? 38  TRP A CB   1 
ATOM   586  C  CG   . TRP A 1 37 ? 12.185  -0.702  8.054   1.00 12.86 ? 38  TRP A CG   1 
ATOM   587  C  CD1  . TRP A 1 37 ? 11.316  -0.050  7.237   1.00 14.63 ? 38  TRP A CD1  1 
ATOM   588  C  CD2  . TRP A 1 37 ? 13.475  -0.573  7.463   1.00 16.00 ? 38  TRP A CD2  1 
ATOM   589  N  NE1  . TRP A 1 37 ? 11.986  0.473   6.151   1.00 15.99 ? 38  TRP A NE1  1 
ATOM   590  C  CE2  . TRP A 1 37 ? 13.317  0.169   6.269   1.00 17.10 ? 38  TRP A CE2  1 
ATOM   591  C  CE3  . TRP A 1 37 ? 14.749  -1.012  7.821   1.00 17.88 ? 38  TRP A CE3  1 
ATOM   592  C  CZ2  . TRP A 1 37 ? 14.387  0.482   5.436   1.00 20.48 ? 38  TRP A CZ2  1 
ATOM   593  C  CZ3  . TRP A 1 37 ? 15.813  -0.700  6.984   1.00 21.53 ? 38  TRP A CZ3  1 
ATOM   594  C  CH2  . TRP A 1 37 ? 15.618  0.042   5.808   1.00 22.08 ? 38  TRP A CH2  1 
ATOM   595  H  H    . TRP A 1 37 ? 9.612   -2.750  9.013   1.00 10.41 ? 38  TRP A H    1 
ATOM   596  H  HA   . TRP A 1 37 ? 12.251  -3.295  8.524   1.00 11.27 ? 38  TRP A HA   1 
ATOM   597  H  HB2  . TRP A 1 37 ? 11.058  -0.998  9.695   1.00 13.58 ? 38  TRP A HB2  1 
ATOM   598  H  HB3  . TRP A 1 37 ? 12.596  -1.313  9.927   1.00 13.58 ? 38  TRP A HB3  1 
ATOM   599  H  HD1  . TRP A 1 37 ? 10.399  0.018   7.379   1.00 17.55 ? 38  TRP A HD1  1 
ATOM   600  H  HE1  . TRP A 1 37 ? 11.631  0.926   5.512   1.00 19.18 ? 38  TRP A HE1  1 
ATOM   601  H  HE3  . TRP A 1 37 ? 14.881  -1.507  8.596   1.00 21.45 ? 38  TRP A HE3  1 
ATOM   602  H  HZ2  . TRP A 1 37 ? 14.264  0.975   4.657   1.00 24.58 ? 38  TRP A HZ2  1 
ATOM   603  H  HZ3  . TRP A 1 37 ? 16.669  -0.986  7.208   1.00 25.84 ? 38  TRP A HZ3  1 
ATOM   604  H  HH2  . TRP A 1 37 ? 16.351  0.237   5.270   1.00 26.49 ? 38  TRP A HH2  1 
ATOM   605  N  N    . LEU A 1 38 ? 12.825  -4.190  10.723  1.00 11.58 ? 39  LEU A N    1 
ATOM   606  C  CA   . LEU A 1 38 ? 13.135  -4.853  11.976  1.00 12.06 ? 39  LEU A CA   1 
ATOM   607  C  C    . LEU A 1 38 ? 14.391  -4.219  12.558  1.00 13.25 ? 39  LEU A C    1 
ATOM   608  O  O    . LEU A 1 38 ? 15.448  -4.212  11.914  1.00 14.43 ? 39  LEU A O    1 
ATOM   609  C  CB   . LEU A 1 38 ? 13.404  -6.325  11.690  1.00 12.48 ? 39  LEU A CB   1 
ATOM   610  C  CG   . LEU A 1 38 ? 14.033  -7.162  12.813  1.00 13.96 ? 39  LEU A CG   1 
ATOM   611  C  CD1  . LEU A 1 38 ? 13.061  -7.281  14.004  1.00 18.18 ? 39  LEU A CD1  1 
ATOM   612  C  CD2  . LEU A 1 38 ? 14.453  -8.525  12.300  1.00 14.17 ? 39  LEU A CD2  1 
ATOM   613  H  H    . LEU A 1 38 ? 13.475  -4.209  10.160  1.00 13.89 ? 39  LEU A H    1 
ATOM   614  H  HA   . LEU A 1 38 ? 12.393  -4.766  12.611  1.00 14.47 ? 39  LEU A HA   1 
ATOM   615  H  HB2  . LEU A 1 38 ? 12.561  -6.745  11.461  1.00 14.98 ? 39  LEU A HB2  1 
ATOM   616  H  HB3  . LEU A 1 38 ? 14.003  -6.377  10.928  1.00 14.98 ? 39  LEU A HB3  1 
ATOM   617  H  HG   . LEU A 1 38 ? 14.830  -6.708  13.129  1.00 16.76 ? 39  LEU A HG   1 
ATOM   618  H  HD11 . LEU A 1 38 ? 13.475  -7.808  14.693  1.00 21.81 ? 39  LEU A HD11 1 
ATOM   619  H  HD12 . LEU A 1 38 ? 12.865  -6.402  14.336  1.00 21.81 ? 39  LEU A HD12 1 
ATOM   620  H  HD13 . LEU A 1 38 ? 12.254  -7.707  13.706  1.00 21.81 ? 39  LEU A HD13 1 
ATOM   621  H  HD21 . LEU A 1 38 ? 14.841  -9.025  13.023  1.00 17.00 ? 39  LEU A HD21 1 
ATOM   622  H  HD22 . LEU A 1 38 ? 13.679  -8.983  11.963  1.00 17.00 ? 39  LEU A HD22 1 
ATOM   623  H  HD23 . LEU A 1 38 ? 15.097  -8.409  11.598  1.00 17.00 ? 39  LEU A HD23 1 
ATOM   624  N  N    . ALA A 1 39 ? 14.313  -3.697  13.772  1.00 15.86 ? 40  ALA A N    1 
ATOM   625  C  CA   . ALA A 1 39 ? 15.486  -3.063  14.385  1.00 18.61 ? 40  ALA A CA   1 
ATOM   626  C  C    . ALA A 1 39 ? 16.507  -4.068  14.920  1.00 21.92 ? 40  ALA A C    1 
ATOM   627  O  O    . ALA A 1 39 ? 17.706  -3.802  14.923  1.00 24.13 ? 40  ALA A O    1 
ATOM   628  C  CB   . ALA A 1 39 ? 15.044  -2.140  15.483  1.00 22.24 ? 40  ALA A CB   1 
ATOM   629  H  H    . ALA A 1 39 ? 13.606  -3.693  14.262  1.00 19.03 ? 40  ALA A H    1 
ATOM   630  H  HA   . ALA A 1 39 ? 15.937  -2.519  13.705  1.00 22.33 ? 40  ALA A HA   1 
ATOM   631  H  HB1  . ALA A 1 39 ? 15.817  -1.731  15.878  1.00 26.69 ? 40  ALA A HB1  1 
ATOM   632  H  HB2  . ALA A 1 39 ? 14.469  -1.467  15.113  1.00 26.69 ? 40  ALA A HB2  1 
ATOM   633  H  HB3  . ALA A 1 39 ? 14.569  -2.649  16.145  1.00 26.69 ? 40  ALA A HB3  1 
ATOM   634  N  N    . ASP A 1 40 ? 16.029  -5.211  15.388  1.00 21.57 ? 41  ASP A N    1 
ATOM   635  C  CA   . ASP A 1 40 ? 16.867  -6.169  16.098  1.00 24.72 ? 41  ASP A CA   1 
ATOM   636  C  C    . ASP A 1 40 ? 17.302  -7.292  15.191  1.00 22.23 ? 41  ASP A C    1 
ATOM   637  O  O    . ASP A 1 40 ? 16.530  -8.191  14.918  1.00 23.87 ? 41  ASP A O    1 
ATOM   638  C  CB   . ASP A 1 40 ? 16.080  -6.718  17.271  1.00 29.30 ? 41  ASP A CB   1 
ATOM   639  C  CG   . ASP A 1 40 ? 15.568  -5.611  18.180  1.00 41.51 ? 41  ASP A CG   1 
ATOM   640  O  OD1  . ASP A 1 40 ? 16.399  -4.846  18.730  1.00 44.24 ? 41  ASP A OD1  1 
ATOM   641  O  OD2  . ASP A 1 40 ? 14.333  -5.498  18.340  1.00 46.56 ? 41  ASP A OD2  1 
ATOM   642  H  H    . ASP A 1 40 ? 15.210  -5.459  15.307  1.00 25.88 ? 41  ASP A H    1 
ATOM   643  H  HA   . ASP A 1 40 ? 17.666  -5.718  16.442  1.00 29.66 ? 41  ASP A HA   1 
ATOM   644  H  HB2  . ASP A 1 40 ? 15.316  -7.215  16.937  1.00 35.16 ? 41  ASP A HB2  1 
ATOM   645  H  HB3  . ASP A 1 40 ? 16.653  -7.300  17.795  1.00 35.16 ? 41  ASP A HB3  1 
ATOM   646  N  N    . GLU A 1 41 ? 18.525  -7.191  14.676  1.00 20.09 ? 42  GLU A N    1 
ATOM   647  C  CA   . GLU A 1 41 ? 18.978  -8.069  13.612  1.00 18.94 ? 42  GLU A CA   1 
ATOM   648  C  C    . GLU A 1 41 ? 18.990  -9.507  14.047  1.00 16.69 ? 42  GLU A C    1 
ATOM   649  O  O    . GLU A 1 41 ? 18.895  -10.378 13.204  1.00 15.82 ? 42  GLU A O    1 
ATOM   650  C  CB   . GLU A 1 41 ? 20.383  -7.658  13.111  1.00 22.64 ? 42  GLU A CB   1 
ATOM   651  C  CG   . GLU A 1 41 ? 20.491  -6.184  12.611  1.00 25.13 ? 42  GLU A CG   1 
ATOM   652  C  CD   . GLU A 1 41 ? 20.003  -5.951  11.178  1.00 27.85 ? 42  GLU A CD   1 
ATOM   653  O  OE1  . GLU A 1 41 ? 20.402  -6.726  10.254  1.00 26.18 ? 42  GLU A OE1  1 
ATOM   654  O  OE2  . GLU A 1 41 ? 19.231  -4.973  10.988  1.00 30.80 ? 42  GLU A OE2  1 
ATOM   655  H  H    . GLU A 1 41 ? 19.112  -6.617  14.930  1.00 24.10 ? 42  GLU A H    1 
ATOM   656  H  HA   . GLU A 1 41 ? 18.359  -7.991  12.857  1.00 22.73 ? 42  GLU A HA   1 
ATOM   657  H  HB2  . GLU A 1 41 ? 21.016  -7.768  13.838  1.00 27.17 ? 42  GLU A HB2  1 
ATOM   658  H  HB3  . GLU A 1 41 ? 20.631  -8.238  12.374  1.00 27.17 ? 42  GLU A HB3  1 
ATOM   659  H  HG2  . GLU A 1 41 ? 19.963  -5.619  13.195  1.00 30.16 ? 42  GLU A HG2  1 
ATOM   660  H  HG3  . GLU A 1 41 ? 21.421  -5.912  12.650  1.00 30.16 ? 42  GLU A HG3  1 
ATOM   661  N  N    . SER A 1 42 ? 19.057  -9.780  15.347  1.00 15.66 ? 43  SER A N    1 
ATOM   662  C  CA   . SER A 1 42 ? 19.134  -11.178 15.785  1.00 16.86 ? 43  SER A CA   1 
ATOM   663  C  C    . SER A 1 42 ? 17.826  -11.919 15.552  1.00 16.04 ? 43  SER A C    1 
ATOM   664  O  O    . SER A 1 42 ? 17.821  -13.147 15.533  1.00 17.88 ? 43  SER A O    1 
ATOM   665  C  CB   . SER A 1 42 ? 19.555  -11.296 17.241  1.00 18.86 ? 43  SER A CB   1 
ATOM   666  O  OG   . SER A 1 42 ? 18.516  -10.909 18.098  1.00 20.19 ? 43  SER A OG   1 
ATOM   667  H  H    . SER A 1 42 ? 19.060  -9.198  15.980  1.00 18.79 ? 43  SER A H    1 
ATOM   668  H  HA   . SER A 1 42 ? 19.820  -11.628 15.249  1.00 20.23 ? 43  SER A HA   1 
ATOM   669  H  HB2  . SER A 1 42 ? 19.791  -12.218 17.427  1.00 22.63 ? 43  SER A HB2  1 
ATOM   670  H  HB3  . SER A 1 42 ? 20.320  -10.719 17.394  1.00 22.63 ? 43  SER A HB3  1 
ATOM   671  H  HG   . SER A 1 42 ? 18.758  -10.978 18.879  1.00 24.23 ? 43  SER A HG   1 
ATOM   672  N  N    . GLN A 1 43 ? 16.728  -11.173 15.360  1.00 16.51 ? 44  GLN A N    1 
ATOM   673  C  CA   . GLN A 1 43 ? 15.414  -11.753 15.058  1.00 17.73 ? 44  GLN A CA   1 
ATOM   674  C  C    . GLN A 1 43 ? 15.172  -11.952 13.550  1.00 14.13 ? 44  GLN A C    1 
ATOM   675  O  O    . GLN A 1 43 ? 14.106  -12.406 13.156  1.00 15.52 ? 44  GLN A O    1 
ATOM   676  C  CB   . GLN A 1 43 ? 14.300  -10.853 15.643  1.00 21.98 ? 44  GLN A CB   1 
ATOM   677  C  CG   . GLN A 1 43 ? 14.341  -10.715 17.170  1.00 26.13 ? 44  GLN A CG   1 
ATOM   678  C  CD   . GLN A 1 43 ? 13.706  -11.890 17.843  1.00 32.08 ? 44  GLN A CD   1 
ATOM   679  O  OE1  . GLN A 1 43 ? 13.717  -12.994 17.297  1.00 36.15 ? 44  GLN A OE1  1 
ATOM   680  N  NE2  . GLN A 1 43 ? 13.128  -11.670 19.034  1.00 33.49 ? 44  GLN A NE2  1 
ATOM   681  H  H    . GLN A 1 43 ? 16.721  -10.315 15.402  1.00 19.81 ? 44  GLN A H    1 
ATOM   682  H  HA   . GLN A 1 43 ? 15.350  -12.630 15.490  1.00 21.27 ? 44  GLN A HA   1 
ATOM   683  H  HB2  . GLN A 1 43 ? 14.388  -9.965  15.264  1.00 26.38 ? 44  GLN A HB2  1 
ATOM   684  H  HB3  . GLN A 1 43 ? 13.439  -11.228 15.402  1.00 26.38 ? 44  GLN A HB3  1 
ATOM   685  H  HG2  . GLN A 1 43 ? 15.264  -10.660 17.461  1.00 31.35 ? 44  GLN A HG2  1 
ATOM   686  H  HG3  . GLN A 1 43 ? 13.858  -9.917  17.431  1.00 31.35 ? 44  GLN A HG3  1 
ATOM   687  H  HE21 . GLN A 1 43 ? 13.134  -10.881 19.377  1.00 40.18 ? 44  GLN A HE21 1 
ATOM   688  H  HE22 . GLN A 1 43 ? 12.751  -12.318 19.455  1.00 40.18 ? 44  GLN A HE22 1 
ATOM   689  N  N    . ALA A 1 44 ? 16.139  -11.613 12.702  1.00 13.10 ? 45  ALA A N    1 
ATOM   690  C  CA   . ALA A 1 44 ? 15.871  -11.608 11.259  1.00 12.66 ? 45  ALA A CA   1 
ATOM   691  C  C    . ALA A 1 44 ? 15.472  -12.977 10.699  1.00 14.39 ? 45  ALA A C    1 
ATOM   692  O  O    . ALA A 1 44 ? 14.534  -13.082 9.914   1.00 15.25 ? 45  ALA A O    1 
ATOM   693  C  CB   . ALA A 1 44 ? 17.039  -11.062 10.505  1.00 13.12 ? 45  ALA A CB   1 
ATOM   694  H  H    . ALA A 1 44 ? 16.938  -11.387 12.923  1.00 15.71 ? 45  ALA A H    1 
ATOM   695  H  HA   . ALA A 1 44 ? 15.118  -11.002 11.096  1.00 15.19 ? 45  ALA A HA   1 
ATOM   696  H  HB1  . ALA A 1 44 ? 16.836  -11.071 9.567   1.00 15.74 ? 45  ALA A HB1  1 
ATOM   697  H  HB2  . ALA A 1 44 ? 17.207  -10.163 10.797  1.00 15.74 ? 45  ALA A HB2  1 
ATOM   698  H  HB3  . ALA A 1 44 ? 17.807  -11.612 10.680  1.00 15.74 ? 45  ALA A HB3  1 
ATOM   699  N  N    . GLU A 1 45 ? 16.172  -14.019 11.115  1.00 17.48 ? 46  GLU A N    1 
ATOM   700  C  CA   . GLU A 1 45 ? 15.922  -15.329 10.553  1.00 19.97 ? 46  GLU A CA   1 
ATOM   701  C  C    . GLU A 1 45 ? 14.528  -15.790 10.958  1.00 22.53 ? 46  GLU A C    1 
ATOM   702  O  O    . GLU A 1 45 ? 13.793  -16.339 10.131  1.00 23.59 ? 46  GLU A O    1 
ATOM   703  C  CB   . GLU A 1 45 ? 16.980  -16.341 11.028  1.00 23.05 ? 46  GLU A CB   1 
ATOM   704  C  CG   . GLU A 1 45 ? 17.124  -17.608 10.155  1.00 24.92 ? 46  GLU A CG   1 
ATOM   705  C  CD   . GLU A 1 45 ? 16.462  -17.513 8.815   1.00 26.74 ? 46  GLU A CD   1 
ATOM   706  H  H    . GLU A 1 45 ? 16.791  -13.993 11.713  1.00 20.97 ? 46  GLU A H    1 
ATOM   707  H  HA   . GLU A 1 45 ? 15.960  -15.277 9.575   1.00 23.96 ? 46  GLU A HA   1 
ATOM   708  H  HB2  . GLU A 1 45 ? 17.843  -15.900 11.044  1.00 27.66 ? 46  GLU A HB2  1 
ATOM   709  H  HB3  . GLU A 1 45 ? 16.747  -16.631 11.925  1.00 27.66 ? 46  GLU A HB3  1 
ATOM   710  H  HG2  . GLU A 1 45 ? 18.068  -17.777 10.008  1.00 29.90 ? 46  GLU A HG2  1 
ATOM   711  H  HG3  . GLU A 1 45 ? 16.727  -18.357 10.627  1.00 29.90 ? 46  GLU A HG3  1 
ATOM   712  N  N    . ARG A 1 46 ? 14.171  -15.547 12.221  1.00 21.61 ? 47  ARG A N    1 
ATOM   713  C  CA   . ARG A 1 46 ? 12.860  -15.913 12.739  1.00 24.81 ? 47  ARG A CA   1 
ATOM   714  C  C    . ARG A 1 46 ? 11.767  -15.205 11.944  1.00 20.66 ? 47  ARG A C    1 
ATOM   715  O  O    . ARG A 1 46 ? 10.770  -15.818 11.557  1.00 21.62 ? 47  ARG A O    1 
ATOM   716  C  CB   . ARG A 1 46 ? 12.720  -15.524 14.205  1.00 28.85 ? 47  ARG A CB   1 
ATOM   717  C  CG   . ARG A 1 46 ? 11.357  -15.826 14.738  1.00 35.37 ? 47  ARG A CG   1 
ATOM   718  C  CD   . ARG A 1 46 ? 11.191  -15.377 16.166  1.00 43.46 ? 47  ARG A CD   1 
ATOM   719  N  NE   . ARG A 1 46 ? 10.025  -16.023 16.750  1.00 51.74 ? 47  ARG A NE   1 
ATOM   720  C  CZ   . ARG A 1 46 ? 9.523   -15.729 17.943  1.00 58.94 ? 47  ARG A CZ   1 
ATOM   721  N  NH1  . ARG A 1 46 ? 10.079  -14.779 18.688  1.00 62.44 ? 47  ARG A NH1  1 
ATOM   722  N  NH2  . ARG A 1 46 ? 8.457   -16.386 18.387  1.00 60.40 ? 47  ARG A NH2  1 
ATOM   723  H  H    . ARG A 1 46 ? 14.680  -15.166 12.801  1.00 25.93 ? 47  ARG A H    1 
ATOM   724  H  HA   . ARG A 1 46 ? 12.731  -16.881 12.657  1.00 29.77 ? 47  ARG A HA   1 
ATOM   725  H  HB2  . ARG A 1 46 ? 13.367  -16.020 14.729  1.00 34.61 ? 47  ARG A HB2  1 
ATOM   726  H  HB3  . ARG A 1 46 ? 12.876  -14.570 14.297  1.00 34.61 ? 47  ARG A HB3  1 
ATOM   727  H  HG2  . ARG A 1 46 ? 10.695  -15.365 14.199  1.00 42.44 ? 47  ARG A HG2  1 
ATOM   728  H  HG3  . ARG A 1 46 ? 11.207  -16.784 14.703  1.00 42.44 ? 47  ARG A HG3  1 
ATOM   729  H  HD2  . ARG A 1 46 ? 11.975  -15.630 16.680  1.00 52.14 ? 47  ARG A HD2  1 
ATOM   730  H  HD3  . ARG A 1 46 ? 11.060  -14.417 16.193  1.00 52.14 ? 47  ARG A HD3  1 
ATOM   731  H  HE   . ARG A 1 46 ? 9.634   -16.636 16.291  1.00 62.09 ? 47  ARG A HE   1 
ATOM   732  H  HH11 . ARG A 1 46 ? 10.770  -14.357 18.400  1.00 74.93 ? 47  ARG A HH11 1 
ATOM   733  H  HH12 . ARG A 1 46 ? 9.751   -14.590 19.460  1.00 74.93 ? 47  ARG A HH12 1 
ATOM   734  H  HH21 . ARG A 1 46 ? 8.097   -16.999 17.902  1.00 72.48 ? 47  ARG A HH21 1 
ATOM   735  H  HH22 . ARG A 1 46 ? 8.125   -16.197 19.157  1.00 72.48 ? 47  ARG A HH22 1 
ATOM   736  N  N    . VAL A 1 47 ? 11.935  -13.897 11.725  1.00 16.55 ? 48  VAL A N    1 
ATOM   737  C  CA   . VAL A 1 47 ? 10.951  -13.125 10.966  1.00 12.63 ? 48  VAL A CA   1 
ATOM   738  C  C    . VAL A 1 47 ? 10.848  -13.635 9.528   1.00 10.88 ? 48  VAL A C    1 
ATOM   739  O  O    . VAL A 1 47 ? 9.759   -13.745 8.971   1.00 12.34 ? 48  VAL A O    1 
ATOM   740  C  CB   . VAL A 1 47 ? 11.293  -11.623 10.999  1.00 12.16 ? 48  VAL A CB   1 
ATOM   741  C  CG1  . VAL A 1 47 ? 10.405  -10.845 10.054  1.00 12.63 ? 48  VAL A CG1  1 
ATOM   742  C  CG2  . VAL A 1 47 ? 11.147  -11.053 12.410  1.00 13.29 ? 48  VAL A CG2  1 
ATOM   743  H  H    . VAL A 1 47 ? 12.607  -13.439 12.003  1.00 19.85 ? 48  VAL A H    1 
ATOM   744  H  HA   . VAL A 1 47 ? 10.073  -13.239 11.386  1.00 15.15 ? 48  VAL A HA   1 
ATOM   745  H  HB   . VAL A 1 47 ? 12.223  -11.498 10.715  1.00 14.59 ? 48  VAL A HB   1 
ATOM   746  H  HG11 . VAL A 1 47 ? 10.641  -9.916  10.097  1.00 15.15 ? 48  VAL A HG11 1 
ATOM   747  H  HG12 . VAL A 1 47 ? 10.534  -11.175 9.162   1.00 15.15 ? 48  VAL A HG12 1 
ATOM   748  H  HG13 . VAL A 1 47 ? 9.489   -10.963 10.317  1.00 15.15 ? 48  VAL A HG13 1 
ATOM   749  H  HG21 . VAL A 1 47 ? 11.367  -10.119 12.394  1.00 15.94 ? 48  VAL A HG21 1 
ATOM   750  H  HG22 . VAL A 1 47 ? 10.240  -11.172 12.702  1.00 15.94 ? 48  VAL A HG22 1 
ATOM   751  H  HG23 . VAL A 1 47 ? 11.745  -11.520 12.998  1.00 15.94 ? 48  VAL A HG23 1 
ATOM   752  N  N    . ARG A 1 48 ? 11.959  -13.950 8.902   1.00 12.87 ? 49  ARG A N    1 
ATOM   753  C  CA   . ARG A 1 48 ? 11.927  -14.420 7.519   1.00 13.92 ? 49  ARG A CA   1 
ATOM   754  C  C    . ARG A 1 48 ? 11.269  -15.784 7.400   1.00 15.64 ? 49  ARG A C    1 
ATOM   755  O  O    . ARG A 1 48 ? 10.542  -16.048 6.422   1.00 17.78 ? 49  ARG A O    1 
ATOM   756  C  CB   . ARG A 1 48 ? 13.336  -14.412 6.930   1.00 15.46 ? 49  ARG A CB   1 
ATOM   757  C  CG   . ARG A 1 48 ? 13.878  -13.004 6.756   1.00 14.60 ? 49  ARG A CG   1 
ATOM   758  C  CD   . ARG A 1 48 ? 15.162  -13.016 5.961   1.00 18.72 ? 49  ARG A CD   1 
ATOM   759  N  NE   . ARG A 1 48 ? 15.709  -11.651 5.839   1.00 20.76 ? 49  ARG A NE   1 
ATOM   760  C  CZ   . ARG A 1 48 ? 15.208  -10.667 5.079   1.00 22.73 ? 49  ARG A CZ   1 
ATOM   761  N  NH1  . ARG A 1 48 ? 14.095  -10.805 4.315   1.00 22.69 ? 49  ARG A NH1  1 
ATOM   762  N  NH2  . ARG A 1 48 ? 15.824  -9.485  5.093   1.00 23.94 ? 49  ARG A NH2  1 
ATOM   763  H  H    . ARG A 1 48 ? 12.747  -13.904 9.246   1.00 15.44 ? 49  ARG A H    1 
ATOM   764  H  HA   . ARG A 1 48 ? 11.388  -13.792 6.994   1.00 16.70 ? 49  ARG A HA   1 
ATOM   765  H  HB2  . ARG A 1 48 ? 13.933  -14.893 7.525   1.00 18.55 ? 49  ARG A HB2  1 
ATOM   766  H  HB3  . ARG A 1 48 ? 13.320  -14.838 6.059   1.00 18.55 ? 49  ARG A HB3  1 
ATOM   767  H  HG2  . ARG A 1 48 ? 13.228  -12.465 6.279   1.00 17.52 ? 49  ARG A HG2  1 
ATOM   768  H  HG3  . ARG A 1 48 ? 14.061  -12.619 7.628   1.00 17.52 ? 49  ARG A HG3  1 
ATOM   769  H  HD2  . ARG A 1 48 ? 15.817  -13.570 6.414   1.00 22.47 ? 49  ARG A HD2  1 
ATOM   770  H  HD3  . ARG A 1 48 ? 14.987  -13.358 5.070   1.00 22.47 ? 49  ARG A HD3  1 
ATOM   771  H  HE   . ARG A 1 48 ? 16.414  -11.470 6.297   1.00 24.91 ? 49  ARG A HE   1 
ATOM   772  H  HH11 . ARG A 1 48 ? 13.679  -11.558 4.295   1.00 27.23 ? 49  ARG A HH11 1 
ATOM   773  H  HH12 . ARG A 1 48 ? 13.810  -10.143 3.846   1.00 27.23 ? 49  ARG A HH12 1 
ATOM   774  H  HH21 . ARG A 1 48 ? 16.530  -9.373  5.570   1.00 28.73 ? 49  ARG A HH21 1 
ATOM   775  H  HH22 . ARG A 1 48 ? 15.523  -8.837  4.615   1.00 28.73 ? 49  ARG A HH22 1 
ATOM   776  N  N    . ALA A 1 49 ? 11.442  -16.622 8.421   1.00 17.25 ? 50  ALA A N    1 
ATOM   777  C  CA   . ALA A 1 49 ? 10.757  -17.930 8.437   1.00 17.98 ? 50  ALA A CA   1 
ATOM   778  C  C    . ALA A 1 49 ? 9.254   -17.746 8.487   1.00 14.44 ? 50  ALA A C    1 
ATOM   779  O  O    . ALA A 1 49 ? 8.479   -18.391 7.756   1.00 14.95 ? 50  ALA A O    1 
ATOM   780  C  CB   . ALA A 1 49 ? 11.215  -18.734 9.662   1.00 21.06 ? 50  ALA A CB   1 
ATOM   781  H  H    . ALA A 1 49 ? 11.939  -16.468 9.106   1.00 20.70 ? 50  ALA A H    1 
ATOM   782  H  HA   . ALA A 1 49 ? 10.985  -18.433 7.628   1.00 21.58 ? 50  ALA A HA   1 
ATOM   783  H  HB1  . ALA A 1 49 ? 10.766  -19.582 9.666   1.00 25.27 ? 50  ALA A HB1  1 
ATOM   784  H  HB2  . ALA A 1 49 ? 12.165  -18.866 9.611   1.00 25.27 ? 50  ALA A HB2  1 
ATOM   785  H  HB3  . ALA A 1 49 ? 10.996  -18.243 10.458  1.00 25.27 ? 50  ALA A HB3  1 
ATOM   786  N  N    . GLU A 1 50 ? 8.812   -16.855 9.375   1.00 13.78 ? 51  GLU A N    1 
ATOM   787  C  CA   A GLU A 1 50 ? 7.375   -16.570 9.499   0.52 11.33 ? 51  GLU A CA   1 
ATOM   788  C  CA   B GLU A 1 50 ? 7.391   -16.575 9.495   0.48 13.29 ? 51  GLU A CA   1 
ATOM   789  C  C    . GLU A 1 50 ? 6.842   -15.918 8.240   1.00 11.24 ? 51  GLU A C    1 
ATOM   790  O  O    . GLU A 1 50 ? 5.703   -16.215 7.817   1.00 11.30 ? 51  GLU A O    1 
ATOM   791  C  CB   A GLU A 1 50 ? 7.020   -15.701 10.718  0.52 10.56 ? 51  GLU A CB   1 
ATOM   792  C  CB   B GLU A 1 50 ? 7.128   -15.743 10.744  0.48 13.87 ? 51  GLU A CB   1 
ATOM   793  C  CG   A GLU A 1 50 ? 5.500   -15.551 10.958  0.52 12.34 ? 51  GLU A CG   1 
ATOM   794  C  CG   B GLU A 1 50 ? 7.571   -16.511 11.981  0.48 12.99 ? 51  GLU A CG   1 
ATOM   795  C  CD   A GLU A 1 50 ? 4.802   -16.862 11.195  0.52 16.40 ? 51  GLU A CD   1 
ATOM   796  C  CD   B GLU A 1 50 ? 6.829   -17.829 12.092  0.48 12.60 ? 51  GLU A CD   1 
ATOM   797  O  OE1  A GLU A 1 50 ? 5.134   -17.497 12.216  0.52 17.77 ? 51  GLU A OE1  1 
ATOM   798  O  OE1  B GLU A 1 50 ? 5.606   -17.802 11.819  0.48 14.52 ? 51  GLU A OE1  1 
ATOM   799  O  OE2  A GLU A 1 50 ? 3.922   -17.222 10.368  0.52 16.98 ? 51  GLU A OE2  1 
ATOM   800  O  OE2  B GLU A 1 50 ? 7.459   -18.881 12.413  0.48 10.61 ? 51  GLU A OE2  1 
ATOM   801  H  H    A GLU A 1 50 ? 9.312   -16.405 9.911   0.52 16.53 ? 51  GLU A H    1 
ATOM   802  H  H    B GLU A 1 50 ? 9.312   -16.406 9.913   0.48 16.53 ? 51  GLU A H    1 
ATOM   803  H  HA   A GLU A 1 50 ? 6.903   -17.423 9.605   0.52 13.59 ? 51  GLU A HA   1 
ATOM   804  H  HA   B GLU A 1 50 ? 6.919   -17.425 9.606   0.48 15.94 ? 51  GLU A HA   1 
ATOM   805  H  HB2  A GLU A 1 50 ? 7.407   -16.103 11.511  0.52 12.67 ? 51  GLU A HB2  1 
ATOM   806  H  HB2  B GLU A 1 50 ? 7.631   -14.915 10.696  0.48 16.64 ? 51  GLU A HB2  1 
ATOM   807  H  HB3  A GLU A 1 50 ? 7.388   -14.812 10.587  0.52 12.67 ? 51  GLU A HB3  1 
ATOM   808  H  HB3  B GLU A 1 50 ? 6.177   -15.559 10.818  0.48 16.64 ? 51  GLU A HB3  1 
ATOM   809  H  HG2  A GLU A 1 50 ? 5.359   -14.993 11.739  0.52 14.81 ? 51  GLU A HG2  1 
ATOM   810  H  HG2  B GLU A 1 50 ? 8.521   -16.698 11.920  0.48 15.58 ? 51  GLU A HG2  1 
ATOM   811  H  HG3  A GLU A 1 50 ? 5.099   -15.137 10.179  0.52 14.81 ? 51  GLU A HG3  1 
ATOM   812  H  HG3  B GLU A 1 50 ? 7.380   -15.984 12.772  0.48 15.58 ? 51  GLU A HG3  1 
ATOM   813  N  N    . LEU A 1 51 ? 7.632   -15.036 7.643   1.00 11.06 ? 52  LEU A N    1 
ATOM   814  C  CA   . LEU A 1 51 ? 7.200   -14.367 6.423   1.00 11.21 ? 52  LEU A CA   1 
ATOM   815  C  C    . LEU A 1 51 ? 6.930   -15.409 5.322   1.00 11.02 ? 52  LEU A C    1 
ATOM   816  O  O    . LEU A 1 51 ? 5.944   -15.324 4.592   1.00 10.74 ? 52  LEU A O    1 
ATOM   817  C  CB   . LEU A 1 51 ? 8.257   -13.388 5.954   1.00 10.54 ? 52  LEU A CB   1 
ATOM   818  C  CG   . LEU A 1 51 ? 7.956   -12.698 4.626   1.00 11.74 ? 52  LEU A CG   1 
ATOM   819  C  CD1  . LEU A 1 51 ? 6.678   -11.873 4.712   1.00 12.60 ? 52  LEU A CD1  1 
ATOM   820  C  CD2  . LEU A 1 51 ? 9.147   -11.842 4.161   1.00 11.13 ? 52  LEU A CD2  1 
ATOM   821  H  H    . LEU A 1 51 ? 8.415   -14.809 7.918   1.00 13.27 ? 52  LEU A H    1 
ATOM   822  H  HA   . LEU A 1 51 ? 6.372   -13.873 6.596   1.00 13.45 ? 52  LEU A HA   1 
ATOM   823  H  HB2  . LEU A 1 51 ? 8.357   -12.696 6.627   1.00 12.64 ? 52  LEU A HB2  1 
ATOM   824  H  HB3  . LEU A 1 51 ? 9.096   -13.866 5.852   1.00 12.64 ? 52  LEU A HB3  1 
ATOM   825  H  HG   . LEU A 1 51 ? 7.813   -13.382 3.953   1.00 14.09 ? 52  LEU A HG   1 
ATOM   826  H  HD11 . LEU A 1 51 ? 6.520   -11.454 3.862   1.00 15.12 ? 52  LEU A HD11 1 
ATOM   827  H  HD12 . LEU A 1 51 ? 5.946   -12.452 4.933   1.00 15.12 ? 52  LEU A HD12 1 
ATOM   828  H  HD13 . LEU A 1 51 ? 6.784   -11.203 5.392   1.00 15.12 ? 52  LEU A HD13 1 
ATOM   829  H  HD21 . LEU A 1 51 ? 8.923   -11.424 3.325   1.00 13.35 ? 52  LEU A HD21 1 
ATOM   830  H  HD22 . LEU A 1 51 ? 9.327   -11.171 4.823   1.00 13.35 ? 52  LEU A HD22 1 
ATOM   831  H  HD23 . LEU A 1 51 ? 9.914   -12.407 4.048   1.00 13.35 ? 52  LEU A HD23 1 
ATOM   832  N  N    . ALA A 1 52 ? 7.780   -16.430 5.220   1.00 11.95 ? 53  ALA A N    1 
ATOM   833  C  CA   . ALA A 1 52 ? 7.578   -17.460 4.200   1.00 12.39 ? 53  ALA A CA   1 
ATOM   834  C  C    . ALA A 1 52 ? 6.228   -18.155 4.380   1.00 13.25 ? 53  ALA A C    1 
ATOM   835  O  O    . ALA A 1 52 ? 5.477   -18.374 3.435   1.00 13.22 ? 53  ALA A O    1 
ATOM   836  C  CB   . ALA A 1 52 ? 8.719   -18.500 4.241   1.00 14.75 ? 53  ALA A CB   1 
ATOM   837  H  H    . ALA A 1 52 ? 8.471   -16.550 5.718   1.00 14.34 ? 53  ALA A H    1 
ATOM   838  H  HA   . ALA A 1 52 ? 7.584   -17.039 3.315   1.00 14.87 ? 53  ALA A HA   1 
ATOM   839  H  HB1  . ALA A 1 52 ? 8.563   -19.163 3.565   1.00 17.70 ? 53  ALA A HB1  1 
ATOM   840  H  HB2  . ALA A 1 52 ? 9.554   -18.054 4.077   1.00 17.70 ? 53  ALA A HB2  1 
ATOM   841  H  HB3  . ALA A 1 52 ? 8.734   -18.912 5.108   1.00 17.70 ? 53  ALA A HB3  1 
ATOM   842  N  N    . ARG A 1 53 ? 5.900   -18.460 5.623   1.00 11.02 ? 54  ARG A N    1 
ATOM   843  C  CA   . ARG A 1 53 ? 4.619   -19.086 5.932   1.00 11.35 ? 54  ARG A CA   1 
ATOM   844  C  C    . ARG A 1 53 ? 3.436   -18.135 5.651   1.00 9.92  ? 54  ARG A C    1 
ATOM   845  O  O    . ARG A 1 53 ? 2.427   -18.530 5.072   1.00 11.03 ? 54  ARG A O    1 
ATOM   846  C  CB   . ARG A 1 53 ? 4.621   -19.572 7.368   1.00 14.72 ? 54  ARG A CB   1 
ATOM   847  C  CG   . ARG A 1 53 ? 3.346   -20.266 7.738   1.00 14.39 ? 54  ARG A CG   1 
ATOM   848  C  CD   . ARG A 1 53 ? 3.503   -21.061 9.014   1.00 14.97 ? 54  ARG A CD   1 
ATOM   849  N  NE   . ARG A 1 53 ? 3.661   -20.248 10.206  1.00 15.46 ? 54  ARG A NE   1 
ATOM   850  C  CZ   . ARG A 1 53 ? 3.435   -20.664 11.451  1.00 16.11 ? 54  ARG A CZ   1 
ATOM   851  N  NH1  . ARG A 1 53 ? 3.567   -19.809 12.467  1.00 17.61 ? 54  ARG A NH1  1 
ATOM   852  N  NH2  . ARG A 1 53 ? 3.053   -21.899 11.694  1.00 17.84 ? 54  ARG A NH2  1 
ATOM   853  H  H    . ARG A 1 53 ? 6.398   -18.316 6.309   1.00 13.22 ? 54  ARG A H    1 
ATOM   854  H  HA   . ARG A 1 53 ? 4.510   -19.870 5.355   1.00 13.62 ? 54  ARG A HA   1 
ATOM   855  H  HB2  . ARG A 1 53 ? 5.351   -20.198 7.490   1.00 17.66 ? 54  ARG A HB2  1 
ATOM   856  H  HB3  . ARG A 1 53 ? 4.733   -18.811 7.960   1.00 17.66 ? 54  ARG A HB3  1 
ATOM   857  H  HG2  . ARG A 1 53 ? 2.649   -19.605 7.875   1.00 17.26 ? 54  ARG A HG2  1 
ATOM   858  H  HG3  . ARG A 1 53 ? 3.095   -20.877 7.028   1.00 17.26 ? 54  ARG A HG3  1 
ATOM   859  H  HD2  . ARG A 1 53 ? 2.714   -21.613 9.136   1.00 17.96 ? 54  ARG A HD2  1 
ATOM   860  H  HD3  . ARG A 1 53 ? 4.288   -21.626 8.936   1.00 17.96 ? 54  ARG A HD3  1 
ATOM   861  H  HE   . ARG A 1 53 ? 3.921   -19.435 10.100  1.00 18.55 ? 54  ARG A HE   1 
ATOM   862  H  HH11 . ARG A 1 53 ? 3.821   -19.001 12.319  1.00 21.13 ? 54  ARG A HH11 1 
ATOM   863  H  HH12 . ARG A 1 53 ? 3.436   -20.077 13.273  1.00 21.13 ? 54  ARG A HH12 1 
ATOM   864  H  HH21 . ARG A 1 53 ? 2.950   -22.453 11.044  1.00 21.40 ? 54  ARG A HH21 1 
ATOM   865  H  HH22 . ARG A 1 53 ? 2.912   -22.155 12.503  1.00 21.40 ? 54  ARG A HH22 1 
ATOM   866  N  N    . PHE A 1 54 ? 3.591   -16.874 6.026   1.00 9.87  ? 55  PHE A N    1 
ATOM   867  C  CA   . PHE A 1 54 ? 2.564   -15.861 5.826   1.00 9.32  ? 55  PHE A CA   1 
ATOM   868  C  C    . PHE A 1 54 ? 2.256   -15.690 4.344   1.00 10.33 ? 55  PHE A C    1 
ATOM   869  O  O    . PHE A 1 54 ? 1.112   -15.637 3.948   1.00 11.55 ? 55  PHE A O    1 
ATOM   870  C  CB   . PHE A 1 54 ? 3.072   -14.548 6.434   1.00 9.25  ? 55  PHE A CB   1 
ATOM   871  C  CG   . PHE A 1 54 ? 2.140   -13.377 6.248   1.00 9.72  ? 55  PHE A CG   1 
ATOM   872  C  CD1  . PHE A 1 54 ? 1.063   -13.199 7.083   1.00 10.82 ? 55  PHE A CD1  1 
ATOM   873  C  CD2  . PHE A 1 54 ? 2.366   -12.421 5.267   1.00 9.39  ? 55  PHE A CD2  1 
ATOM   874  C  CE1  . PHE A 1 54 ? 0.218   -12.102 6.933   1.00 10.98 ? 55  PHE A CE1  1 
ATOM   875  C  CE2  . PHE A 1 54 ? 1.508   -11.320 5.122   1.00 10.27 ? 55  PHE A CE2  1 
ATOM   876  C  CZ   . PHE A 1 54 ? 0.430   -11.174 5.958   1.00 11.17 ? 55  PHE A CZ   1 
ATOM   877  H  H    . PHE A 1 54 ? 4.301   -16.573 6.408   1.00 11.84 ? 55  PHE A H    1 
ATOM   878  H  HA   . PHE A 1 54 ? 1.743   -16.126 6.290   1.00 11.18 ? 55  PHE A HA   1 
ATOM   879  H  HB2  . PHE A 1 54 ? 3.200   -14.676 7.386   1.00 11.10 ? 55  PHE A HB2  1 
ATOM   880  H  HB3  . PHE A 1 54 ? 3.918   -14.320 6.018   1.00 11.10 ? 55  PHE A HB3  1 
ATOM   881  H  HD1  . PHE A 1 54 ? 0.895   -13.820 7.755   1.00 12.98 ? 55  PHE A HD1  1 
ATOM   882  H  HD2  . PHE A 1 54 ? 3.093   -12.515 4.694   1.00 11.27 ? 55  PHE A HD2  1 
ATOM   883  H  HE1  . PHE A 1 54 ? -0.512  -12.007 7.501   1.00 13.17 ? 55  PHE A HE1  1 
ATOM   884  H  HE2  . PHE A 1 54 ? 1.666   -10.694 4.452   1.00 12.32 ? 55  PHE A HE2  1 
ATOM   885  H  HZ   . PHE A 1 54 ? -0.144  -10.447 5.865   1.00 13.40 ? 55  PHE A HZ   1 
ATOM   886  N  N    . LEU A 1 55 ? 3.283   -15.625 3.501   1.00 10.36 ? 56  LEU A N    1 
ATOM   887  C  CA   . LEU A 1 55 ? 3.108   -15.378 2.065   1.00 11.43 ? 56  LEU A CA   1 
ATOM   888  C  C    . LEU A 1 55 ? 2.341   -16.524 1.413   1.00 11.93 ? 56  LEU A C    1 
ATOM   889  O  O    . LEU A 1 55 ? 1.628   -16.333 0.443   1.00 13.46 ? 56  LEU A O    1 
ATOM   890  C  CB   . LEU A 1 55 ? 4.456   -15.195 1.350   1.00 12.69 ? 56  LEU A CB   1 
ATOM   891  C  CG   . LEU A 1 55 ? 5.249   -13.956 1.753   1.00 14.69 ? 56  LEU A CG   1 
ATOM   892  C  CD1  . LEU A 1 55 ? 6.623   -14.034 1.148   1.00 17.11 ? 56  LEU A CD1  1 
ATOM   893  C  CD2  . LEU A 1 55 ? 4.540   -12.696 1.340   1.00 16.36 ? 56  LEU A CD2  1 
ATOM   894  H  H    . LEU A 1 55 ? 4.105   -15.722 3.738   1.00 12.43 ? 56  LEU A H    1 
ATOM   895  H  HA   . LEU A 1 55 ? 2.587   -14.557 1.943   1.00 13.71 ? 56  LEU A HA   1 
ATOM   896  H  HB2  . LEU A 1 55 ? 5.011   -15.969 1.538   1.00 15.22 ? 56  LEU A HB2  1 
ATOM   897  H  HB3  . LEU A 1 55 ? 4.293   -15.138 0.396   1.00 15.22 ? 56  LEU A HB3  1 
ATOM   898  H  HG   . LEU A 1 55 ? 5.346   -13.943 2.718   1.00 17.63 ? 56  LEU A HG   1 
ATOM   899  H  HD11 . LEU A 1 55 ? 7.121   -13.253 1.403   1.00 20.53 ? 56  LEU A HD11 1 
ATOM   900  H  HD12 . LEU A 1 55 ? 7.063   -14.824 1.473   1.00 20.53 ? 56  LEU A HD12 1 
ATOM   901  H  HD13 . LEU A 1 55 ? 6.542   -14.073 0.192   1.00 20.53 ? 56  LEU A HD13 1 
ATOM   902  H  HD21 . LEU A 1 55 ? 5.066   -11.939 1.610   1.00 19.63 ? 56  LEU A HD21 1 
ATOM   903  H  HD22 . LEU A 1 55 ? 4.431   -12.697 0.386   1.00 19.63 ? 56  LEU A HD22 1 
ATOM   904  H  HD23 . LEU A 1 55 ? 3.680   -12.666 1.769   1.00 19.63 ? 56  LEU A HD23 1 
ATOM   905  N  N    . GLU A 1 56 ? 2.520   -17.731 1.935   1.00 13.80 ? 57  GLU A N    1 
ATOM   906  C  CA   . GLU A 1 56 ? 1.811   -18.898 1.402   1.00 16.30 ? 57  GLU A CA   1 
ATOM   907  C  C    . GLU A 1 56 ? 0.285   -18.766 1.600   1.00 14.88 ? 57  GLU A C    1 
ATOM   908  O  O    . GLU A 1 56 ? -0.519  -19.251 0.776   1.00 16.93 ? 57  GLU A O    1 
ATOM   909  C  CB   . GLU A 1 56 ? 2.403   -20.201 2.009   1.00 24.10 ? 57  GLU A CB   1 
ATOM   910  C  CG   . GLU A 1 56 ? 1.838   -21.514 1.414   1.00 38.22 ? 57  GLU A CG   1 
ATOM   911  C  CD   . GLU A 1 56 ? 0.461   -21.917 1.966   1.00 51.32 ? 57  GLU A CD   1 
ATOM   912  O  OE1  . GLU A 1 56 ? 0.104   -21.508 3.095   1.00 55.82 ? 57  GLU A OE1  1 
ATOM   913  O  OE2  . GLU A 1 56 ? -0.261  -22.657 1.254   1.00 56.13 ? 57  GLU A OE2  1 
ATOM   914  H  H    . GLU A 1 56 ? 3.043   -17.904 2.596   1.00 16.56 ? 57  GLU A H    1 
ATOM   915  H  HA   . GLU A 1 56 ? 1.972   -18.934 0.435   1.00 19.56 ? 57  GLU A HA   1 
ATOM   916  H  HB2  . GLU A 1 56 ? 3.361   -20.203 1.861   1.00 28.91 ? 57  GLU A HB2  1 
ATOM   917  H  HB3  . GLU A 1 56 ? 2.219   -20.209 2.960   1.00 28.91 ? 57  GLU A HB3  1 
ATOM   918  H  HG2  . GLU A 1 56 ? 1.750   -21.408 0.453   1.00 45.86 ? 57  GLU A HG2  1 
ATOM   919  H  HG3  . GLU A 1 56 ? 2.456   -22.235 1.608   1.00 45.86 ? 57  GLU A HG3  1 
ATOM   920  N  N    . ASN A 1 57 ? -0.127  -18.077 2.663   1.00 14.78 ? 58  ASN A N    1 
ATOM   921  C  CA   . ASN A 1 57 ? -1.538  -17.775 2.907   1.00 17.63 ? 58  ASN A CA   1 
ATOM   922  C  C    . ASN A 1 57 ? -1.760  -16.646 3.939   1.00 16.30 ? 58  ASN A C    1 
ATOM   923  O  O    . ASN A 1 57 ? -1.962  -16.896 5.123   1.00 16.14 ? 58  ASN A O    1 
ATOM   924  C  CB   . ASN A 1 57 ? -2.236  -19.048 3.347   1.00 23.43 ? 58  ASN A CB   1 
ATOM   925  C  CG   . ASN A 1 57 ? -3.692  -18.853 3.593   1.00 28.00 ? 58  ASN A CG   1 
ATOM   926  O  OD1  . ASN A 1 57 ? -4.291  -17.870 3.145   1.00 28.21 ? 58  ASN A OD1  1 
ATOM   927  N  ND2  . ASN A 1 57 ? -4.284  -19.784 4.331   1.00 32.81 ? 58  ASN A ND2  1 
ATOM   928  H  H    . ASN A 1 57 ? 0.400   -17.767 3.268   1.00 17.73 ? 58  ASN A H    1 
ATOM   929  H  HA   . ASN A 1 57 ? -1.946  -17.489 2.064   1.00 21.15 ? 58  ASN A HA   1 
ATOM   930  H  HB2  . ASN A 1 57 ? -2.136  -19.719 2.653   1.00 28.12 ? 58  ASN A HB2  1 
ATOM   931  H  HB3  . ASN A 1 57 ? -1.833  -19.361 4.171   1.00 28.12 ? 58  ASN A HB3  1 
ATOM   932  H  HD21 . ASN A 1 57 ? -3.828  -20.447 4.635   1.00 39.37 ? 58  ASN A HD21 1 
ATOM   933  H  HD22 . ASN A 1 57 ? -5.124  -19.724 4.506   1.00 39.37 ? 58  ASN A HD22 1 
ATOM   934  N  N    . PRO A 1 58 ? -1.741  -15.391 3.491   1.00 15.34 ? 59  PRO A N    1 
ATOM   935  C  CA   . PRO A 1 58 ? -1.864  -14.256 4.423   1.00 16.98 ? 59  PRO A CA   1 
ATOM   936  C  C    . PRO A 1 58 ? -3.204  -14.214 5.158   1.00 18.94 ? 59  PRO A C    1 
ATOM   937  O  O    . PRO A 1 58 ? -3.330  -13.587 6.197   1.00 20.94 ? 59  PRO A O    1 
ATOM   938  C  CB   . PRO A 1 58 ? -1.727  -13.029 3.503   1.00 18.29 ? 59  PRO A CB   1 
ATOM   939  C  CG   . PRO A 1 58 ? -0.958  -13.533 2.325   1.00 19.59 ? 59  PRO A CG   1 
ATOM   940  C  CD   . PRO A 1 58 ? -1.432  -14.942 2.122   1.00 16.64 ? 59  PRO A CD   1 
ATOM   941  H  HA   . PRO A 1 58 ? -1.131  -14.263 5.073   1.00 20.37 ? 59  PRO A HA   1 
ATOM   942  H  HB2  . PRO A 1 58 ? -2.605  -12.717 3.236   1.00 21.95 ? 59  PRO A HB2  1 
ATOM   943  H  HB3  . PRO A 1 58 ? -1.236  -12.328 3.961   1.00 21.95 ? 59  PRO A HB3  1 
ATOM   944  H  HG2  . PRO A 1 58 ? -1.159  -12.989 1.547   1.00 23.51 ? 59  PRO A HG2  1 
ATOM   945  H  HG3  . PRO A 1 58 ? -0.008  -13.516 2.522   1.00 23.51 ? 59  PRO A HG3  1 
ATOM   946  H  HD2  . PRO A 1 58 ? -2.230  -14.955 1.572   1.00 19.96 ? 59  PRO A HD2  1 
ATOM   947  H  HD3  . PRO A 1 58 ? -0.725  -15.485 1.739   1.00 19.96 ? 59  PRO A HD3  1 
ATOM   948  N  N    . ALA A 1 59 ? -4.188  -14.915 4.624   1.00 18.45 ? 60  ALA A N    1 
ATOM   949  C  CA   . ALA A 1 59 ? -5.523  -14.923 5.219   1.00 20.01 ? 60  ALA A CA   1 
ATOM   950  C  C    . ALA A 1 59 ? -5.731  -16.064 6.205   1.00 20.17 ? 60  ALA A C    1 
ATOM   951  O  O    . ALA A 1 59 ? -6.851  -16.267 6.669   1.00 21.99 ? 60  ALA A O    1 
ATOM   952  C  CB   . ALA A 1 59 ? -6.587  -14.957 4.137   1.00 22.46 ? 60  ALA A CB   1 
ATOM   953  H  H    . ALA A 1 59 ? -4.114  -15.397 3.916   1.00 22.14 ? 60  ALA A H    1 
ATOM   954  H  HA   . ALA A 1 59 ? -5.642  -14.086 5.716   1.00 24.01 ? 60  ALA A HA   1 
ATOM   955  H  HB1  . ALA A 1 59 ? -7.453  -14.961 4.550   1.00 26.95 ? 60  ALA A HB1  1 
ATOM   956  H  HB2  . ALA A 1 59 ? -6.493  -14.179 3.581   1.00 26.95 ? 60  ALA A HB2  1 
ATOM   957  H  HB3  . ALA A 1 59 ? -6.471  -15.752 3.611   1.00 26.95 ? 60  ALA A HB3  1 
ATOM   958  N  N    . ASP A 1 60 ? -4.661  -16.782 6.568   1.00 17.31 ? 61  ASP A N    1 
ATOM   959  C  CA   . ASP A 1 60 ? -4.783  -17.886 7.531   1.00 18.07 ? 61  ASP A CA   1 
ATOM   960  C  C    . ASP A 1 60 ? -5.352  -17.335 8.826   1.00 17.41 ? 61  ASP A C    1 
ATOM   961  O  O    . ASP A 1 60 ? -4.993  -16.228 9.232   1.00 15.97 ? 61  ASP A O    1 
ATOM   962  C  CB   . ASP A 1 60 ? -3.427  -18.531 7.826   1.00 18.95 ? 61  ASP A CB   1 
ATOM   963  C  CG   . ASP A 1 60 ? -3.561  -19.794 8.644   1.00 21.02 ? 61  ASP A CG   1 
ATOM   964  O  OD1  . ASP A 1 60 ? -3.705  -20.875 8.038   1.00 26.38 ? 61  ASP A OD1  1 
ATOM   965  O  OD2  . ASP A 1 60 ? -3.556  -19.717 9.889   1.00 17.38 ? 61  ASP A OD2  1 
ATOM   966  H  H    . ASP A 1 60 ? -3.863  -16.653 6.276   1.00 20.77 ? 61  ASP A H    1 
ATOM   967  H  HA   . ASP A 1 60 ? -5.392  -18.570 7.180   1.00 21.68 ? 61  ASP A HA   1 
ATOM   968  H  HB2  . ASP A 1 60 ? -2.995  -18.759 6.989   1.00 22.73 ? 61  ASP A HB2  1 
ATOM   969  H  HB3  . ASP A 1 60 ? -2.880  -17.905 8.326   1.00 22.73 ? 61  ASP A HB3  1 
ATOM   970  N  N    . PRO A 1 61 ? -6.249  -18.095 9.482   1.00 17.72 ? 62  PRO A N    1 
ATOM   971  C  CA   . PRO A 1 61 ? -6.793  -17.646 10.758  1.00 16.42 ? 62  PRO A CA   1 
ATOM   972  C  C    . PRO A 1 61 ? -5.739  -17.193 11.767  1.00 15.80 ? 62  PRO A C    1 
ATOM   973  O  O    . PRO A 1 61 ? -6.051  -16.356 12.579  1.00 16.10 ? 62  PRO A O    1 
ATOM   974  C  CB   . PRO A 1 61 ? -7.552  -18.880 11.254  1.00 20.29 ? 62  PRO A CB   1 
ATOM   975  C  CG   . PRO A 1 61 ? -8.056  -19.504 10.024  1.00 20.75 ? 62  PRO A CG   1 
ATOM   976  C  CD   . PRO A 1 61 ? -6.910  -19.342 9.036   1.00 19.73 ? 62  PRO A CD   1 
ATOM   977  H  HA   . PRO A 1 61 ? -7.430  -16.916 10.612  1.00 19.70 ? 62  PRO A HA   1 
ATOM   978  H  HB2  . PRO A 1 61 ? -6.944  -19.475 11.722  1.00 24.34 ? 62  PRO A HB2  1 
ATOM   979  H  HB3  . PRO A 1 61 ? -8.283  -18.608 11.830  1.00 24.34 ? 62  PRO A HB3  1 
ATOM   980  H  HG2  . PRO A 1 61 ? -8.247  -20.442 10.183  1.00 24.89 ? 62  PRO A HG2  1 
ATOM   981  H  HG3  . PRO A 1 61 ? -8.849  -19.035 9.716   1.00 24.89 ? 62  PRO A HG3  1 
ATOM   982  H  HD2  . PRO A 1 61 ? -6.298  -20.092 9.101   1.00 23.67 ? 62  PRO A HD2  1 
ATOM   983  H  HD3  . PRO A 1 61 ? -7.253  -19.239 8.134   1.00 23.67 ? 62  PRO A HD3  1 
ATOM   984  N  N    . ARG A 1 62 ? -4.524  -17.743 11.745  1.00 15.03 ? 63  ARG A N    1 
ATOM   985  C  CA   . ARG A 1 62 ? -3.517  -17.336 12.734  1.00 14.39 ? 63  ARG A CA   1 
ATOM   986  C  C    . ARG A 1 62 ? -3.196  -15.837 12.591  1.00 14.25 ? 63  ARG A C    1 
ATOM   987  O  O    . ARG A 1 62 ? -2.863  -15.175 13.577  1.00 16.44 ? 63  ARG A O    1 
ATOM   988  C  CB   . ARG A 1 62 ? -2.242  -18.181 12.671  1.00 16.39 ? 63  ARG A CB   1 
ATOM   989  C  CG   . ARG A 1 62 ? -1.229  -17.775 11.647  1.00 18.67 ? 63  ARG A CG   1 
ATOM   990  C  CD   . ARG A 1 62 ? 0.064   -18.612 11.762  1.00 19.03 ? 63  ARG A CD   1 
ATOM   991  N  NE   . ARG A 1 62 ? -0.182  -20.025 11.459  1.00 22.35 ? 63  ARG A NE   1 
ATOM   992  C  CZ   . ARG A 1 62 ? -0.273  -20.544 10.236  1.00 24.09 ? 63  ARG A CZ   1 
ATOM   993  N  NH1  . ARG A 1 62 ? -0.107  -19.786 9.147   1.00 24.00 ? 63  ARG A NH1  1 
ATOM   994  N  NH2  . ARG A 1 62 ? -0.516  -21.849 10.106  1.00 25.64 ? 63  ARG A NH2  1 
ATOM   995  H  H    . ARG A 1 62 ? -4.259  -18.337 11.183  1.00 18.03 ? 63  ARG A H    1 
ATOM   996  H  HA   . ARG A 1 62 ? -3.900  -17.464 13.626  1.00 17.26 ? 63  ARG A HA   1 
ATOM   997  H  HB2  . ARG A 1 62 ? -1.809  -18.143 13.538  1.00 19.66 ? 63  ARG A HB2  1 
ATOM   998  H  HB3  . ARG A 1 62 ? -2.495  -19.098 12.479  1.00 19.66 ? 63  ARG A HB3  1 
ATOM   999  H  HG2  . ARG A 1 62 ? -1.600  -17.908 10.761  1.00 22.40 ? 63  ARG A HG2  1 
ATOM   1000 H  HG3  . ARG A 1 62 ? -0.999  -16.841 11.779  1.00 22.40 ? 63  ARG A HG3  1 
ATOM   1001 H  HD2  . ARG A 1 62 ? 0.719   -18.276 11.131  1.00 22.83 ? 63  ARG A HD2  1 
ATOM   1002 H  HD3  . ARG A 1 62 ? 0.406   -18.551 12.667  1.00 22.83 ? 63  ARG A HD3  1 
ATOM   1003 H  HE   . ARG A 1 62 ? -0.277  -20.562 12.125  1.00 26.82 ? 63  ARG A HE   1 
ATOM   1004 H  HH11 . ARG A 1 62 ? 0.047   -18.943 9.228   1.00 28.79 ? 63  ARG A HH11 1 
ATOM   1005 H  HH12 . ARG A 1 62 ? -0.164  -20.139 8.365   1.00 28.79 ? 63  ARG A HH12 1 
ATOM   1006 H  HH21 . ARG A 1 62 ? -0.616  -22.339 10.805  1.00 30.76 ? 63  ARG A HH21 1 
ATOM   1007 H  HH22 . ARG A 1 62 ? -0.566  -22.200 9.323   1.00 30.76 ? 63  ARG A HH22 1 
ATOM   1008 N  N    . TYR A 1 63 ? -3.328  -15.310 11.379  1.00 11.93 ? 64  TYR A N    1 
ATOM   1009 C  CA   . TYR A 1 63 ? -3.051  -13.891 11.158  1.00 13.42 ? 64  TYR A CA   1 
ATOM   1010 C  C    . TYR A 1 63 ? -4.324  -13.082 11.378  1.00 14.15 ? 64  TYR A C    1 
ATOM   1011 O  O    . TYR A 1 63 ? -4.262  -12.011 11.957  1.00 17.52 ? 64  TYR A O    1 
ATOM   1012 C  CB   . TYR A 1 63 ? -2.468  -13.641 9.770   1.00 12.56 ? 64  TYR A CB   1 
ATOM   1013 C  CG   . TYR A 1 63 ? -1.312  -14.551 9.502   1.00 11.79 ? 64  TYR A CG   1 
ATOM   1014 C  CD1  . TYR A 1 63 ? -0.162  -14.483 10.279  1.00 11.53 ? 64  TYR A CD1  1 
ATOM   1015 C  CD2  . TYR A 1 63 ? -1.375  -15.511 8.505   1.00 11.71 ? 64  TYR A CD2  1 
ATOM   1016 C  CE1  . TYR A 1 63 ? 0.888   -15.359 10.067  1.00 11.54 ? 64  TYR A CE1  1 
ATOM   1017 C  CE2  . TYR A 1 63 ? -0.339  -16.362 8.272   1.00 11.69 ? 64  TYR A CE2  1 
ATOM   1018 C  CZ   . TYR A 1 63 ? 0.795   -16.294 9.065   1.00 12.35 ? 64  TYR A CZ   1 
ATOM   1019 O  OH   . TYR A 1 63 ? 1.806   -17.181 8.801   1.00 14.79 ? 64  TYR A OH   1 
ATOM   1020 H  H    . TYR A 1 63 ? -3.572  -15.741 10.676  1.00 14.31 ? 64  TYR A H    1 
ATOM   1021 H  HA   . TYR A 1 63 ? -2.388  -13.593 11.817  1.00 16.10 ? 64  TYR A HA   1 
ATOM   1022 H  HB2  . TYR A 1 63 ? -3.150  -13.809 9.100   1.00 15.07 ? 64  TYR A HB2  1 
ATOM   1023 H  HB3  . TYR A 1 63 ? -2.157  -12.725 9.713   1.00 15.07 ? 64  TYR A HB3  1 
ATOM   1024 H  HD1  . TYR A 1 63 ? -0.107  -13.859 10.966  1.00 13.83 ? 64  TYR A HD1  1 
ATOM   1025 H  HD2  . TYR A 1 63 ? -2.139  -15.571 7.979   1.00 14.05 ? 64  TYR A HD2  1 
ATOM   1026 H  HE1  . TYR A 1 63 ? 1.655   -15.306 10.589  1.00 13.84 ? 64  TYR A HE1  1 
ATOM   1027 H  HE2  . TYR A 1 63 ? -0.403  -17.003 7.600   1.00 14.02 ? 64  TYR A HE2  1 
ATOM   1028 H  HH   . TYR A 1 63 ? 1.953   -17.643 9.462   1.00 17.74 ? 64  TYR A HH   1 
ATOM   1029 N  N    . LEU A 1 64 ? -5.465  -13.544 10.910  1.00 15.85 ? 65  LEU A N    1 
ATOM   1030 C  CA   . LEU A 1 64 ? -6.717  -12.814 11.100  1.00 17.99 ? 65  LEU A CA   1 
ATOM   1031 C  C    . LEU A 1 64 ? -7.075  -12.662 12.555  1.00 18.70 ? 65  LEU A C    1 
ATOM   1032 O  O    . LEU A 1 64 ? -7.640  -11.643 12.971  1.00 20.20 ? 65  LEU A O    1 
ATOM   1033 C  CB   . LEU A 1 64 ? -7.859  -13.558 10.430  1.00 21.89 ? 65  LEU A CB   1 
ATOM   1034 C  CG   . LEU A 1 64 ? -7.790  -13.715 8.923   1.00 26.98 ? 65  LEU A CG   1 
ATOM   1035 C  CD1  . LEU A 1 64 ? -9.016  -14.526 8.500   1.00 27.13 ? 65  LEU A CD1  1 
ATOM   1036 C  CD2  . LEU A 1 64 ? -7.738  -12.366 8.254   1.00 30.29 ? 65  LEU A CD2  1 
ATOM   1037 H  H    . LEU A 1 64 ? -5.550  -14.282 10.475  1.00 19.02 ? 65  LEU A H    1 
ATOM   1038 H  HA   . LEU A 1 64 ? -6.644  -11.922 10.699  1.00 21.58 ? 65  LEU A HA   1 
ATOM   1039 H  HB2  . LEU A 1 64 ? -7.901  -14.450 10.808  1.00 26.26 ? 65  LEU A HB2  1 
ATOM   1040 H  HB3  . LEU A 1 64 ? -8.684  -13.088 10.629  1.00 26.26 ? 65  LEU A HB3  1 
ATOM   1041 H  HG   . LEU A 1 64 ? -6.992  -14.212 8.683   1.00 32.38 ? 65  LEU A HG   1 
ATOM   1042 H  HD11 . LEU A 1 64 ? -8.999  -14.643 7.546   1.00 32.56 ? 65  LEU A HD11 1 
ATOM   1043 H  HD12 . LEU A 1 64 ? -8.990  -15.382 8.935   1.00 32.56 ? 65  LEU A HD12 1 
ATOM   1044 H  HD13 . LEU A 1 64 ? -9.809  -14.051 8.758   1.00 32.56 ? 65  LEU A HD13 1 
ATOM   1045 H  HD21 . LEU A 1 64 ? -7.693  -12.491 7.303   1.00 36.34 ? 65  LEU A HD21 1 
ATOM   1046 H  HD22 . LEU A 1 64 ? -8.528  -11.873 8.484   1.00 36.34 ? 65  LEU A HD22 1 
ATOM   1047 H  HD23 . LEU A 1 64 ? -6.957  -11.897 8.559   1.00 36.34 ? 65  LEU A HD23 1 
ATOM   1048 N  N    . ALA A 1 65 ? -6.836  -13.687 13.341  1.00 18.74 ? 66  ALA A N    1 
ATOM   1049 C  CA   . ALA A 1 65 ? -7.305  -13.682 14.711  1.00 23.11 ? 66  ALA A CA   1 
ATOM   1050 C  C    . ALA A 1 65 ? -6.250  -13.305 15.721  1.00 20.80 ? 66  ALA A C    1 
ATOM   1051 O  O    . ALA A 1 65 ? -6.470  -13.457 16.902  1.00 22.94 ? 66  ALA A O    1 
ATOM   1052 C  CB   . ALA A 1 65 ? -7.855  -15.029 15.056  1.00 27.17 ? 66  ALA A CB   1 
ATOM   1053 H  H    . ALA A 1 65 ? -6.407  -14.396 13.112  1.00 22.49 ? 66  ALA A H    1 
ATOM   1054 H  HA   . ALA A 1 65 ? -8.035  -13.033 14.789  1.00 27.73 ? 66  ALA A HA   1 
ATOM   1055 H  HB1  . ALA A 1 65 ? -8.164  -15.017 15.966  1.00 32.60 ? 66  ALA A HB1  1 
ATOM   1056 H  HB2  . ALA A 1 65 ? -8.585  -15.229 14.466  1.00 32.60 ? 66  ALA A HB2  1 
ATOM   1057 H  HB3  . ALA A 1 65 ? -7.161  -15.685 14.955  1.00 32.60 ? 66  ALA A HB3  1 
ATOM   1058 N  N    A ALA A 1 66 ? -5.109  -12.796 15.276  1.00 19.33 ? 67  ALA A N    1 
ATOM   1059 C  CA   A ALA A 1 66 ? -4.062  -12.356 16.196  1.00 19.98 ? 67  ALA A CA   1 
ATOM   1060 C  C    A ALA A 1 66 ? -4.529  -11.230 17.117  1.00 25.57 ? 67  ALA A C    1 
ATOM   1061 O  O    A ALA A 1 66 ? -5.405  -10.441 16.754  1.00 28.00 ? 67  ALA A O    1 
ATOM   1062 C  CB   A ALA A 1 66 ? -2.849  -11.917 15.410  1.00 22.19 ? 67  ALA A CB   1 
ATOM   1063 H  H    A ALA A 1 66 ? -4.914  -12.694 14.445  1.00 23.19 ? 67  ALA A H    1 
ATOM   1064 H  HA   A ALA A 1 66 ? -3.797  -13.113 16.758  1.00 23.97 ? 67  ALA A HA   1 
ATOM   1065 H  HB1  A ALA A 1 66 ? -2.168  -11.629 16.021  1.00 26.62 ? 67  ALA A HB1  1 
ATOM   1066 H  HB2  A ALA A 1 66 ? -2.531  -12.657 14.887  1.00 26.62 ? 67  ALA A HB2  1 
ATOM   1067 H  HB3  A ALA A 1 66 ? -3.098  -11.191 14.831  1.00 26.62 ? 67  ALA A HB3  1 
HETATM 1068 C  C    . ACT B 2 .  ? 4.055   -21.449 15.405  0.62 32.50 ? 101 ACT A C    1 
HETATM 1069 O  O    . ACT B 2 .  ? 2.937   -21.011 15.052  0.62 34.34 ? 101 ACT A O    1 
HETATM 1070 O  OXT  . ACT B 2 .  ? 4.187   -22.696 15.386  0.62 30.01 ? 101 ACT A OXT  1 
HETATM 1071 C  CH3  . ACT B 2 .  ? 5.174   -20.539 15.822  0.62 31.76 ? 101 ACT A CH3  1 
HETATM 1072 H  H1   . ACT B 2 .  ? 6.049   -21.134 16.083  0.62 38.10 ? 101 ACT A H1   1 
HETATM 1073 H  H2   . ACT B 2 .  ? 4.863   -19.952 16.686  0.62 38.10 ? 101 ACT A H2   1 
HETATM 1074 H  H3   . ACT B 2 .  ? 5.424   -19.868 14.999  0.62 38.10 ? 101 ACT A H3   1 
HETATM 1075 O  O    . HOH C 3 .  ? -11.512 13.405  -13.236 1.00 13.60 ? 201 HOH A O    1 
HETATM 1076 O  O    . HOH C 3 .  ? -3.948  2.847   -9.361  1.00 17.05 ? 202 HOH A O    1 
HETATM 1077 O  O    . HOH C 3 .  ? -5.066  9.400   -17.585 1.00 17.65 ? 203 HOH A O    1 
HETATM 1078 O  O    . HOH C 3 .  ? -12.074 11.634  -1.322  1.00 26.17 ? 204 HOH A O    1 
HETATM 1079 O  O    . HOH C 3 .  ? -7.126  11.160  -18.250 1.00 16.36 ? 205 HOH A O    1 
HETATM 1080 O  O    . HOH C 3 .  ? 0.243   18.968  -5.716  1.00 21.06 ? 206 HOH A O    1 
HETATM 1081 O  O    . HOH C 3 .  ? -14.521 15.986  -4.944  1.00 23.95 ? 207 HOH A O    1 
HETATM 1082 O  O    . HOH C 3 .  ? 0.481   0.132   -8.223  1.00 22.97 ? 208 HOH A O    1 
HETATM 1083 O  O    . HOH C 3 .  ? -18.877 20.034  -8.556  1.00 23.87 ? 209 HOH A O    1 
HETATM 1084 O  O    . HOH C 3 .  ? -14.057 12.444  -3.164  1.00 34.72 ? 210 HOH A O    1 
HETATM 1085 O  O    . HOH C 3 .  ? -8.449  13.526  -19.966 1.00 25.65 ? 211 HOH A O    1 
HETATM 1086 O  O    . HOH C 3 .  ? -2.799  9.250   -18.990 1.00 28.50 ? 212 HOH A O    1 
HETATM 1087 O  O    . HOH C 3 .  ? -3.223  13.542  4.918   1.00 31.17 ? 213 HOH A O    1 
HETATM 1088 O  O    . HOH C 3 .  ? 6.301   -18.493 0.755   1.00 17.39 ? 214 HOH A O    1 
HETATM 1089 O  O    . HOH C 3 .  ? 1.020   0.161   1.216   1.00 15.66 ? 215 HOH A O    1 
HETATM 1090 O  O    . HOH C 3 .  ? 1.077   17.343  -3.649  1.00 22.85 ? 216 HOH A O    1 
HETATM 1091 O  O    . HOH C 3 .  ? -4.139  -21.764 11.544  1.00 32.32 ? 217 HOH A O    1 
HETATM 1092 O  O    . HOH C 3 .  ? 13.604  -6.415  20.505  1.00 29.54 ? 218 HOH A O    1 
HETATM 1093 O  O    . HOH C 3 .  ? 11.406  2.487   4.081   1.00 29.63 ? 219 HOH A O    1 
HETATM 1094 O  O    . HOH C 3 .  ? 18.770  -13.679 12.679  1.00 26.06 ? 220 HOH A O    1 
HETATM 1095 O  O    . HOH C 3 .  ? -9.527  7.147   -2.132  1.00 36.38 ? 221 HOH A O    1 
HETATM 1096 O  O    . HOH C 3 .  ? 2.944   1.841   -10.068 1.00 39.52 ? 222 HOH A O    1 
HETATM 1097 O  O    . HOH C 3 .  ? 0.002   -19.417 6.108   1.00 17.61 ? 223 HOH A O    1 
HETATM 1098 O  O    . HOH C 3 .  ? -17.257 13.166  -9.682  1.00 28.08 ? 224 HOH A O    1 
HETATM 1099 O  O    . HOH C 3 .  ? -16.871 24.953  -8.768  1.00 39.43 ? 225 HOH A O    1 
HETATM 1100 O  O    . HOH C 3 .  ? -8.257  6.517   -5.701  1.00 37.78 ? 226 HOH A O    1 
HETATM 1101 O  O    . HOH C 3 .  ? 7.982   -16.670 15.359  1.00 36.09 ? 227 HOH A O    1 
HETATM 1102 O  O    . HOH C 3 .  ? 11.150  -15.168 3.921   1.00 24.00 ? 228 HOH A O    1 
HETATM 1103 O  O    . HOH C 3 .  ? -2.647  -16.044 16.145  1.00 22.00 ? 229 HOH A O    1 
HETATM 1104 O  O    . HOH C 3 .  ? -6.708  -9.676  14.628  1.00 21.86 ? 230 HOH A O    1 
HETATM 1105 O  O    . HOH C 3 .  ? -15.344 14.218  -3.119  1.00 25.59 ? 231 HOH A O    1 
HETATM 1106 O  O    . HOH C 3 .  ? 12.854  -13.147 3.182   1.00 24.47 ? 232 HOH A O    1 
HETATM 1107 O  O    . HOH C 3 .  ? -4.689  -9.530  20.234  1.00 30.50 ? 233 HOH A O    1 
HETATM 1108 O  O    . HOH C 3 .  ? 0.055   4.977   -1.866  1.00 24.95 ? 234 HOH A O    1 
HETATM 1109 O  O    . HOH C 3 .  ? -10.886 15.041  -20.035 1.00 32.94 ? 235 HOH A O    1 
HETATM 1110 O  O    . HOH C 3 .  ? -0.163  -21.238 14.029  1.00 33.62 ? 236 HOH A O    1 
HETATM 1111 O  O    . HOH C 3 .  ? 0.774   0.523   -10.859 1.00 40.81 ? 237 HOH A O    1 
HETATM 1112 O  O    . HOH C 3 .  ? 9.538   -17.744 13.491  1.00 29.41 ? 238 HOH A O    1 
HETATM 1113 O  O    . HOH C 3 .  ? 4.670   -2.177  -3.697  1.00 36.82 ? 239 HOH A O    1 
HETATM 1114 O  O    . HOH C 3 .  ? -9.459  -16.788 6.119   1.00 32.49 ? 240 HOH A O    1 
HETATM 1115 O  O    . HOH C 3 .  ? 16.127  -15.059 14.518  1.00 26.03 ? 241 HOH A O    1 
HETATM 1116 O  O    . HOH C 3 .  ? 18.949  -2.823  12.394  1.00 31.75 ? 242 HOH A O    1 
HETATM 1117 O  O    . HOH C 3 .  ? 7.856   -20.711 0.041   1.00 31.74 ? 243 HOH A O    1 
HETATM 1118 O  O    . HOH C 3 .  ? -5.528  -17.072 16.941  1.00 45.10 ? 244 HOH A O    1 
HETATM 1119 O  O    . HOH C 3 .  ? 0.236   -19.880 -1.980  1.00 38.99 ? 245 HOH A O    1 
HETATM 1120 O  O    . HOH C 3 .  ? -19.005 23.861  -6.870  1.00 39.94 ? 246 HOH A O    1 
HETATM 1121 O  O    . HOH C 3 .  ? 20.699  -12.323 11.985  1.00 38.64 ? 247 HOH A O    1 
HETATM 1122 O  O    . HOH C 3 .  ? 19.945  -14.988 16.768  1.00 33.30 ? 248 HOH A O    1 
HETATM 1123 O  O    . HOH C 3 .  ? 11.627  -11.774 1.170   1.00 40.13 ? 249 HOH A O    1 
HETATM 1124 O  O    . HOH C 3 .  ? -10.366 -14.976 4.152   1.00 31.71 ? 250 HOH A O    1 
HETATM 1125 O  O    . HOH C 3 .  ? -19.171 13.483  -12.403 1.00 43.29 ? 251 HOH A O    1 
HETATM 1126 O  O    . HOH C 3 .  ? 18.643  -3.060  18.094  1.00 49.44 ? 252 HOH A O    1 
HETATM 1127 O  O    . HOH C 3 .  ? -8.675  8.337   -19.356 1.00 40.81 ? 253 HOH A O    1 
HETATM 1128 O  O    . HOH C 3 .  ? 6.255   2.449   -6.157  1.00 41.89 ? 254 HOH A O    1 
HETATM 1129 O  O    . HOH C 3 .  ? -6.695  7.343   -19.591 1.00 43.19 ? 255 HOH A O    1 
HETATM 1130 O  O    . HOH C 3 .  ? 6.921   -22.768 -0.530  1.00 37.09 ? 256 HOH A O    1 
HETATM 1131 O  O    . HOH C 3 .  ? -21.179 18.066  -8.181  1.00 29.68 ? 257 HOH A O    1 
HETATM 1132 O  O    . HOH C 3 .  ? -6.455  5.683   -5.030  1.00 37.19 ? 258 HOH A O    1 
HETATM 1133 O  O    . HOH C 3 .  ? -5.659  7.600   -4.865  1.00 32.87 ? 259 HOH A O    1 
HETATM 1134 O  O    . HOH C 3 .  ? -4.639  -10.732 6.137   1.00 47.52 ? 260 HOH A O    1 
HETATM 1135 O  O    . HOH C 3 .  ? 1.390   -0.583  -6.267  1.00 42.71 ? 261 HOH A O    1 
HETATM 1136 O  O    . HOH C 3 .  ? -9.930  14.782  1.645   1.00 45.48 ? 262 HOH A O    1 
HETATM 1137 O  O    . HOH C 3 .  ? -19.004 25.717  -4.784  1.00 44.66 ? 263 HOH A O    1 
HETATM 1138 O  O    . HOH C 3 .  ? 4.282   18.168  -13.341 1.00 38.87 ? 264 HOH A O    1 
HETATM 1139 O  O    . HOH C 3 .  ? 16.990  -12.641 19.463  1.00 23.74 ? 265 HOH A O    1 
HETATM 1140 O  O    . HOH C 3 .  ? 18.053  -13.485 7.580   1.00 33.80 ? 266 HOH A O    1 
# 
loop_
_atom_site_anisotrop.id 
_atom_site_anisotrop.type_symbol 
_atom_site_anisotrop.pdbx_label_atom_id 
_atom_site_anisotrop.pdbx_label_alt_id 
_atom_site_anisotrop.pdbx_label_comp_id 
_atom_site_anisotrop.pdbx_label_asym_id 
_atom_site_anisotrop.pdbx_label_seq_id 
_atom_site_anisotrop.pdbx_PDB_ins_code 
_atom_site_anisotrop.U[1][1] 
_atom_site_anisotrop.U[2][2] 
_atom_site_anisotrop.U[3][3] 
_atom_site_anisotrop.U[1][2] 
_atom_site_anisotrop.U[1][3] 
_atom_site_anisotrop.U[2][3] 
_atom_site_anisotrop.pdbx_auth_seq_id 
_atom_site_anisotrop.pdbx_auth_comp_id 
_atom_site_anisotrop.pdbx_auth_asym_id 
_atom_site_anisotrop.pdbx_auth_atom_id 
1    N  N   . LEU A 1  ? 0.2461 0.2722 0.1796 -0.0114 -0.0018 0.0179  2   LEU A N   
2    C  CA  A LEU A 1  ? 0.3526 0.2799 0.1911 -0.0222 0.0590  0.0545  2   LEU A CA  
3    C  CA  B LEU A 1  ? 0.3526 0.2796 0.1938 -0.0214 0.0578  0.0539  2   LEU A CA  
4    C  C   . LEU A 1  ? 0.2370 0.2570 0.1668 -0.0305 0.0681  0.0389  2   LEU A C   
5    O  O   . LEU A 1  ? 0.1590 0.2213 0.1438 -0.0390 0.0107  0.0277  2   LEU A O   
6    C  CB  A LEU A 1  ? 0.5532 0.3258 0.2386 0.0073  0.0580  0.0808  2   LEU A CB  
7    C  CB  B LEU A 1  ? 0.5438 0.3240 0.2468 0.0091  0.0588  0.0822  2   LEU A CB  
8    C  CG  A LEU A 1  ? 0.6182 0.3807 0.3570 0.0530  0.0309  0.0615  2   LEU A CG  
9    C  CG  B LEU A 1  ? 0.5913 0.3737 0.3769 0.0628  0.0351  0.0690  2   LEU A CG  
10   C  CD1 A LEU A 1  ? 0.5771 0.4085 0.4547 0.0349  -0.1005 0.0097  2   LEU A CD1 
11   C  CD1 B LEU A 1  ? 0.5664 0.3957 0.4892 0.0488  -0.0913 0.0336  2   LEU A CD1 
12   C  CD2 A LEU A 1  ? 0.6426 0.4097 0.4544 0.1154  0.0965  0.0581  2   LEU A CD2 
13   C  CD2 B LEU A 1  ? 0.6042 0.4118 0.4600 0.1304  0.1031  0.0580  2   LEU A CD2 
34   N  N   . MSE A 2  ? 0.1314 0.2569 0.1949 -0.0519 0.0619  0.0043  3   MSE A N   
35   C  CA  . MSE A 2  ? 0.1390 0.2741 0.1659 -0.0518 0.0236  -0.0155 3   MSE A CA  
36   C  C   . MSE A 2  ? 0.2041 0.2224 0.2107 -0.0758 0.0491  0.0062  3   MSE A C   
37   O  O   . MSE A 2  ? 0.2417 0.2486 0.2964 -0.0862 0.1041  -0.0272 3   MSE A O   
38   C  CB  . MSE A 2  ? 0.2057 0.3699 0.1451 -0.0325 -0.0149 -0.0031 3   MSE A CB  
39   C  CG  . MSE A 2  ? 0.2630 0.4837 0.2381 0.0246  -0.0715 0.0209  3   MSE A CG  
40   SE SE  . MSE A 2  ? 0.4833 0.6235 0.4571 0.0694  -0.0497 0.0549  3   MSE A SE  
41   C  CE  . MSE A 2  ? 0.5490 0.6732 0.3992 0.0647  -0.0009 0.0358  3   MSE A CE  
51   N  N   . ILE A 3  ? 0.1853 0.1636 0.1412 -0.0409 -0.0067 0.0180  4   ILE A N   
52   C  CA  . ILE A 3  ? 0.1758 0.1307 0.1568 -0.0083 -0.0313 0.0104  4   ILE A CA  
53   C  C   . ILE A 3  ? 0.2092 0.0952 0.1900 -0.0452 -0.0118 0.0334  4   ILE A C   
54   O  O   . ILE A 3  ? 0.2721 0.1125 0.2138 -0.0470 -0.0105 0.0210  4   ILE A O   
55   C  CB  . ILE A 3  ? 0.2547 0.1527 0.1528 0.0224  -0.0280 0.0065  4   ILE A CB  
56   C  CG1 . ILE A 3  ? 0.2502 0.1642 0.1984 0.0472  -0.0617 -0.0048 4   ILE A CG1 
57   C  CG2 . ILE A 3  ? 0.2810 0.1607 0.1810 0.0584  -0.0188 -0.0365 4   ILE A CG2 
58   C  CD1 . ILE A 3  ? 0.2692 0.1756 0.1948 0.0528  -0.0226 0.0257  4   ILE A CD1 
70   N  N   . THR A 4  ? 0.1586 0.0894 0.1652 -0.0322 -0.0253 0.0306  5   THR A N   
71   C  CA  . THR A 4  ? 0.1935 0.0963 0.1799 -0.0247 -0.0063 0.0145  5   THR A CA  
72   C  C   . THR A 4  ? 0.2060 0.0901 0.1158 -0.0327 -0.0014 -0.0077 5   THR A C   
73   O  O   . THR A 4  ? 0.1837 0.0887 0.1497 -0.0266 -0.0100 0.0079  5   THR A O   
74   C  CB  . THR A 4  ? 0.2278 0.1249 0.1767 -0.0277 0.0206  0.0108  5   THR A CB  
75   O  OG1 . THR A 4  ? 0.2769 0.1294 0.1760 -0.0416 -0.0078 -0.0403 5   THR A OG1 
76   C  CG2 . THR A 4  ? 0.2531 0.1234 0.1789 0.0356  0.0149  0.0245  5   THR A CG2 
84   N  N   . SER A 5  ? 0.2177 0.0792 0.1411 -0.0131 -0.0179 -0.0075 6   SER A N   
85   C  CA  A SER A 5  ? 0.1808 0.0827 0.1424 0.0299  -0.0306 0.0086  6   SER A CA  
86   C  CA  B SER A 5  ? 0.2547 0.1151 0.1555 -0.0121 -0.0570 -0.0161 6   SER A CA  
87   C  C   . SER A 5  ? 0.2116 0.1019 0.1453 -0.0153 -0.0420 -0.0016 6   SER A C   
88   O  O   . SER A 5  ? 0.2571 0.1173 0.1697 -0.0439 -0.0146 -0.0196 6   SER A O   
89   C  CB  A SER A 5  ? 0.2249 0.1048 0.1925 0.0704  -0.0140 0.0033  6   SER A CB  
90   C  CB  B SER A 5  ? 0.3976 0.1720 0.2224 0.0034  -0.0931 -0.0224 6   SER A CB  
91   O  OG  A SER A 5  ? 0.3195 0.1291 0.2134 0.0654  -0.0097 -0.0009 6   SER A OG  
92   O  OG  B SER A 5  ? 0.4869 0.2121 0.2849 0.0222  -0.1053 0.0013  6   SER A OG  
103  N  N   . PHE A 6  ? 0.1718 0.0787 0.1427 -0.0015 -0.0448 -0.0074 7   PHE A N   
104  C  CA  . PHE A 6  ? 0.1893 0.0891 0.1161 0.0025  -0.0452 -0.0102 7   PHE A CA  
105  C  C   . PHE A 6  ? 0.2179 0.0940 0.1369 -0.0093 -0.0496 -0.0295 7   PHE A C   
106  O  O   . PHE A 6  ? 0.2491 0.0849 0.1316 0.0024  -0.0528 -0.0165 7   PHE A O   
107  C  CB  . PHE A 6  ? 0.1830 0.0936 0.1591 0.0071  -0.0302 0.0235  7   PHE A CB  
108  C  CG  . PHE A 6  ? 0.1491 0.0840 0.1795 -0.0162 -0.0037 0.0309  7   PHE A CG  
109  C  CD1 . PHE A 6  ? 0.1427 0.0950 0.1871 -0.0191 0.0087  0.0346  7   PHE A CD1 
110  C  CD2 . PHE A 6  ? 0.2188 0.1187 0.2088 0.0196  0.0274  -0.0092 7   PHE A CD2 
111  C  CE1 . PHE A 6  ? 0.1624 0.1044 0.2005 0.0161  0.0209  0.0692  7   PHE A CE1 
112  C  CE2 . PHE A 6  ? 0.2354 0.1279 0.1787 0.0169  0.0650  0.0129  7   PHE A CE2 
113  C  CZ  . PHE A 6  ? 0.2114 0.1209 0.2223 0.0427  0.0626  0.0648  7   PHE A CZ  
123  N  N   . ALA A 7  ? 0.2190 0.1266 0.1350 0.0068  -0.0532 -0.0086 8   ALA A N   
124  C  CA  . ALA A 7  ? 0.2207 0.1337 0.1228 0.0369  -0.0681 -0.0193 8   ALA A CA  
125  C  C   . ALA A 7  ? 0.2386 0.1026 0.1356 0.0170  -0.0535 0.0210  8   ALA A C   
126  O  O   . ALA A 7  ? 0.3006 0.0986 0.2561 0.0207  -0.0097 0.0005  8   ALA A O   
127  C  CB  . ALA A 7  ? 0.2066 0.1634 0.1719 0.0583  -0.0806 -0.0666 8   ALA A CB  
133  N  N   . ASN A 8  ? 0.2243 0.1361 0.1527 0.0134  -0.0360 0.0054  9   ASN A N   
134  C  CA  . ASN A 8  ? 0.2629 0.1540 0.1441 -0.0025 -0.0420 0.0252  9   ASN A CA  
135  C  C   . ASN A 8  ? 0.2663 0.1301 0.1464 -0.0159 -0.0293 0.0438  9   ASN A C   
136  O  O   . ASN A 8  ? 0.2361 0.1156 0.1356 -0.0261 -0.0543 0.0252  9   ASN A O   
137  C  CB  . ASN A 8  ? 0.2855 0.2408 0.1443 0.0267  -0.0342 0.0040  9   ASN A CB  
138  C  CG  . ASN A 8  ? 0.3494 0.3326 0.1368 0.0340  -0.0222 -0.0027 9   ASN A CG  
139  O  OD1 . ASN A 8  ? 0.3026 0.3893 0.1375 -0.0078 0.0039  -0.0165 9   ASN A OD1 
140  N  ND2 . ASN A 8  ? 0.4005 0.3606 0.1605 0.0667  0.0240  0.0034  9   ASN A ND2 
147  N  N   . PRO A 9  ? 0.2859 0.1212 0.1506 -0.0405 -0.0179 0.0492  10  PRO A N   
148  C  CA  . PRO A 9  ? 0.2794 0.1003 0.1634 -0.0407 0.0071  0.0274  10  PRO A CA  
149  C  C   . PRO A 9  ? 0.2581 0.1123 0.1629 -0.0654 0.0061  0.0285  10  PRO A C   
150  O  O   . PRO A 9  ? 0.2461 0.1101 0.1570 -0.0548 -0.0031 0.0249  10  PRO A O   
151  C  CB  . PRO A 9  ? 0.3409 0.1111 0.2056 -0.0317 0.0007  0.0396  10  PRO A CB  
152  C  CG  . PRO A 9  ? 0.3273 0.1198 0.2569 -0.0230 0.0047  0.0684  10  PRO A CG  
153  C  CD  . PRO A 9  ? 0.3603 0.1265 0.2343 -0.0276 -0.0070 0.0597  10  PRO A CD  
161  N  N   . ARG A 10 ? 0.2602 0.1213 0.1433 -0.0422 0.0013  0.0480  11  ARG A N   
162  C  CA  . ARG A 10 ? 0.2671 0.1672 0.1839 -0.0775 0.0491  0.0437  11  ARG A CA  
163  C  C   . ARG A 10 ? 0.2312 0.1342 0.1670 -0.0626 0.0417  0.0331  11  ARG A C   
164  O  O   . ARG A 10 ? 0.2123 0.1408 0.1570 -0.0446 0.0174  -0.0048 11  ARG A O   
165  C  CB  . ARG A 10 ? 0.3672 0.2236 0.2167 -0.0701 0.0564  0.0829  11  ARG A CB  
166  C  CG  . ARG A 10 ? 0.5238 0.2918 0.2657 -0.0655 0.0748  0.1077  11  ARG A CG  
167  C  CD  . ARG A 10 ? 0.7479 0.3658 0.3402 -0.0529 0.0634  0.0985  11  ARG A CD  
168  N  NE  . ARG A 10 ? 0.9203 0.4543 0.4523 -0.0314 0.0381  0.0543  11  ARG A NE  
169  C  CZ  . ARG A 10 ? 0.9916 0.5234 0.6034 -0.0086 -0.0117 0.0178  11  ARG A CZ  
170  N  NH1 . ARG A 10 ? 1.0066 0.5351 0.6852 0.0170  -0.0496 0.0280  11  ARG A NH1 
171  N  NH2 . ARG A 10 ? 1.0025 0.5670 0.6385 -0.0103 -0.0106 -0.0156 11  ARG A NH2 
185  N  N   . VAL A 11 ? 0.2133 0.1159 0.1306 -0.0684 -0.0107 0.0151  12  VAL A N   
186  C  CA  . VAL A 11 ? 0.1781 0.1072 0.1349 -0.0536 0.0235  0.0181  12  VAL A CA  
187  C  C   . VAL A 11 ? 0.1525 0.0826 0.1368 -0.0133 0.0032  0.0149  12  VAL A C   
188  O  O   . VAL A 11 ? 0.1478 0.0842 0.1568 -0.0199 0.0029  -0.0037 12  VAL A O   
189  C  CB  . VAL A 11 ? 0.2064 0.1185 0.1364 -0.0431 -0.0043 0.0061  12  VAL A CB  
190  C  CG1 . VAL A 11 ? 0.1774 0.1230 0.1577 -0.0527 -0.0331 -0.0063 12  VAL A CG1 
191  C  CG2 . VAL A 11 ? 0.2614 0.1496 0.1270 -0.0345 -0.0015 -0.0245 12  VAL A CG2 
201  N  N   . ALA A 12 ? 0.1493 0.0970 0.1409 0.0036  -0.0031 0.0099  13  ALA A N   
202  C  CA  . ALA A 12 ? 0.1554 0.0712 0.1214 -0.0254 -0.0081 -0.0174 13  ALA A CA  
203  C  C   . ALA A 12 ? 0.1624 0.0549 0.1504 -0.0129 -0.0020 0.0232  13  ALA A C   
204  O  O   . ALA A 12 ? 0.1545 0.0711 0.1412 -0.0323 0.0113  0.0079  13  ALA A O   
205  C  CB  . ALA A 12 ? 0.1755 0.0915 0.0999 -0.0260 0.0069  0.0079  13  ALA A CB  
211  N  N   . GLN A 13 ? 0.1938 0.0760 0.1266 -0.0372 -0.0161 0.0148  14  GLN A N   
212  C  CA  . GLN A 13 ? 0.1484 0.0990 0.1784 -0.0592 -0.0216 0.0172  14  GLN A CA  
213  C  C   . GLN A 13 ? 0.1250 0.1066 0.1582 -0.0582 -0.0135 0.0164  14  GLN A C   
214  O  O   . GLN A 13 ? 0.1401 0.1128 0.1529 -0.0373 -0.0252 0.0139  14  GLN A O   
215  C  CB  . GLN A 13 ? 0.2097 0.1388 0.2078 -0.0911 -0.0096 0.0012  14  GLN A CB  
216  C  CG  . GLN A 13 ? 0.1992 0.1285 0.2559 -0.0825 -0.0154 -0.0027 14  GLN A CG  
217  C  CD  . GLN A 13 ? 0.2408 0.1530 0.3193 -0.0654 -0.0467 -0.0599 14  GLN A CD  
218  O  OE1 . GLN A 13 ? 0.2931 0.1829 0.4309 -0.0274 -0.0357 -0.0882 14  GLN A OE1 
219  N  NE2 . GLN A 13 ? 0.3131 0.1397 0.2389 -0.0371 -0.0224 -0.0795 14  GLN A NE2 
228  N  N   . ALA A 14 ? 0.1405 0.1148 0.1505 -0.0498 -0.0024 0.0113  15  ALA A N   
229  C  CA  . ALA A 14 ? 0.1825 0.1165 0.1535 -0.0524 0.0162  -0.0066 15  ALA A CA  
230  C  C   . ALA A 14 ? 0.1245 0.1170 0.1518 -0.0631 0.0071  -0.0202 15  ALA A C   
231  O  O   . ALA A 14 ? 0.1336 0.1548 0.1586 -0.0474 0.0098  -0.0069 15  ALA A O   
232  C  CB  . ALA A 14 ? 0.1548 0.1289 0.1769 -0.0578 0.0222  -0.0059 15  ALA A CB  
238  N  N   . PHE A 15 ? 0.1104 0.1011 0.1481 -0.0346 -0.0020 -0.0009 16  PHE A N   
239  C  CA  . PHE A 15 ? 0.1276 0.1015 0.1336 -0.0107 0.0246  0.0196  16  PHE A CA  
240  C  C   . PHE A 15 ? 0.1303 0.0982 0.1222 0.0103  0.0191  0.0176  16  PHE A C   
241  O  O   . PHE A 15 ? 0.1292 0.1171 0.1712 -0.0055 -0.0009 0.0247  16  PHE A O   
242  C  CB  . PHE A 15 ? 0.1254 0.0854 0.1505 -0.0382 0.0120  -0.0001 16  PHE A CB  
243  C  CG  . PHE A 15 ? 0.1224 0.0934 0.1125 -0.0441 0.0103  0.0088  16  PHE A CG  
244  C  CD1 . PHE A 15 ? 0.1513 0.0857 0.1436 -0.0307 0.0187  0.0113  16  PHE A CD1 
245  C  CD2 . PHE A 15 ? 0.1457 0.0871 0.1758 -0.0231 0.0329  0.0116  16  PHE A CD2 
246  C  CE1 . PHE A 15 ? 0.1612 0.0927 0.1329 -0.0314 0.0107  -0.0125 16  PHE A CE1 
247  C  CE2 . PHE A 15 ? 0.1670 0.0864 0.1496 -0.0376 0.0376  -0.0003 16  PHE A CE2 
248  C  CZ  . PHE A 15 ? 0.2019 0.0762 0.1252 -0.0440 0.0231  -0.0087 16  PHE A CZ  
258  N  N   . VAL A 16 ? 0.1054 0.0970 0.1355 0.0029  0.0097  0.0234  17  VAL A N   
259  C  CA  . VAL A 16 ? 0.1351 0.1274 0.1119 0.0068  0.0015  -0.0087 17  VAL A CA  
260  C  C   . VAL A 16 ? 0.1385 0.1043 0.1491 0.0174  0.0056  0.0105  17  VAL A C   
261  O  O   . VAL A 16 ? 0.1309 0.1265 0.1623 0.0032  -0.0052 -0.0263 17  VAL A O   
262  C  CB  . VAL A 16 ? 0.1674 0.1735 0.1256 0.0388  -0.0209 -0.0113 17  VAL A CB  
263  C  CG1 . VAL A 16 ? 0.2067 0.1972 0.1238 0.0401  -0.0140 -0.0063 17  VAL A CG1 
264  C  CG2 . VAL A 16 ? 0.1528 0.1879 0.1646 0.0537  -0.0260 -0.0134 17  VAL A CG2 
274  N  N   . ASP A 17 ? 0.0962 0.1257 0.1487 -0.0152 -0.0185 -0.0243 18  ASP A N   
275  C  CA  . ASP A 17 ? 0.1121 0.1447 0.1915 -0.0231 -0.0026 -0.0357 18  ASP A CA  
276  C  C   . ASP A 17 ? 0.1204 0.1492 0.1697 0.0133  -0.0040 -0.0455 18  ASP A C   
277  O  O   . ASP A 17 ? 0.1364 0.1497 0.2215 0.0063  -0.0079 -0.0456 18  ASP A O   
278  C  CB  . ASP A 17 ? 0.1603 0.1782 0.2459 -0.0277 -0.0228 -0.0285 18  ASP A CB  
279  C  CG  . ASP A 17 ? 0.1792 0.2089 0.3490 -0.0541 -0.0323 0.0000  18  ASP A CG  
280  O  OD1 . ASP A 17 ? 0.2873 0.1778 0.3648 -0.0531 -0.0950 -0.0140 18  ASP A OD1 
281  O  OD2 . ASP A 17 ? 0.1559 0.2496 0.4519 -0.0221 0.0022  0.0581  18  ASP A OD2 
286  N  N   . TYR A 18 ? 0.1358 0.1318 0.1729 0.0148  -0.0070 -0.0217 19  TYR A N   
287  C  CA  . TYR A 18 ? 0.1354 0.1394 0.2029 -0.0039 -0.0025 -0.0200 19  TYR A CA  
288  C  C   . TYR A 18 ? 0.1039 0.1463 0.1791 -0.0028 -0.0052 -0.0201 19  TYR A C   
289  O  O   . TYR A 18 ? 0.1241 0.1888 0.2132 0.0378  -0.0083 -0.0307 19  TYR A O   
290  C  CB  . TYR A 18 ? 0.1570 0.1308 0.1892 0.0299  0.0084  -0.0079 19  TYR A CB  
291  C  CG  . TYR A 18 ? 0.2120 0.1013 0.1951 0.0244  0.0209  -0.0102 19  TYR A CG  
292  C  CD1 . TYR A 18 ? 0.2257 0.1358 0.2248 0.0555  0.0339  -0.0329 19  TYR A CD1 
293  C  CD2 . TYR A 18 ? 0.2575 0.1079 0.2103 0.0162  0.0426  0.0181  19  TYR A CD2 
294  C  CE1 . TYR A 18 ? 0.2594 0.1455 0.2747 0.0670  0.0264  -0.0124 19  TYR A CE1 
295  C  CE2 . TYR A 18 ? 0.3060 0.1246 0.2410 0.0404  0.0437  0.0182  19  TYR A CE2 
296  C  CZ  . TYR A 18 ? 0.2944 0.1367 0.2874 0.0732  0.0430  0.0132  19  TYR A CZ  
297  O  OH  . TYR A 18 ? 0.3486 0.1641 0.3588 0.0936  0.0226  0.0405  19  TYR A OH  
307  N  N   . MSE A 19 ? 0.1177 0.1409 0.1890 0.0166  -0.0158 -0.0123 20  MSE A N   
308  C  CA  . MSE A 19 ? 0.1380 0.1416 0.1756 0.0390  0.0043  0.0080  20  MSE A CA  
309  C  C   . MSE A 19 ? 0.1659 0.1841 0.1848 0.0367  -0.0119 -0.0114 20  MSE A C   
310  O  O   . MSE A 19 ? 0.1882 0.1889 0.1965 0.0583  -0.0297 -0.0217 20  MSE A O   
311  C  CB  . MSE A 19 ? 0.1632 0.1450 0.1477 -0.0069 0.0043  0.0180  20  MSE A CB  
312  C  CG  . MSE A 19 ? 0.1994 0.1310 0.2017 -0.0046 0.0008  0.0077  20  MSE A CG  
313  SE SE  . MSE A 19 ? 0.2991 0.1820 0.2694 -0.0014 -0.0265 0.0137  20  MSE A SE  
314  C  CE  . MSE A 19 ? 0.3101 0.1579 0.2242 0.0031  -0.0029 0.0219  20  MSE A CE  
324  N  N   . ALA A 20 ? 0.1234 0.2368 0.1646 0.0274  -0.0555 -0.0253 21  ALA A N   
325  C  CA  . ALA A 20 ? 0.1303 0.2678 0.2061 0.0082  -0.0573 -0.0296 21  ALA A CA  
326  C  C   . ALA A 20 ? 0.1590 0.3117 0.2182 0.0275  -0.0465 -0.0417 21  ALA A C   
327  O  O   . ALA A 20 ? 0.1793 0.3433 0.2317 0.0562  -0.0747 -0.0448 21  ALA A O   
328  C  CB  . ALA A 20 ? 0.1682 0.2761 0.2129 -0.0150 -0.0558 -0.0475 21  ALA A CB  
334  N  N   . THR A 21 ? 0.1594 0.3314 0.2365 0.0640  -0.0506 -0.0188 22  THR A N   
335  C  CA  . THR A 21 ? 0.1851 0.3630 0.3093 0.0992  -0.0536 -0.0420 22  THR A CA  
336  C  C   . THR A 21 ? 0.2092 0.3751 0.3463 0.1355  -0.0611 -0.0159 22  THR A C   
337  O  O   . THR A 21 ? 0.2127 0.4113 0.3576 0.1441  -0.0493 -0.0370 22  THR A O   
338  C  CB  . THR A 21 ? 0.1709 0.3646 0.3517 0.1042  -0.0587 -0.0391 22  THR A CB  
339  O  OG1 . THR A 21 ? 0.1865 0.3598 0.3286 0.1194  -0.0572 -0.0479 22  THR A OG1 
340  C  CG2 . THR A 21 ? 0.1540 0.3692 0.3764 0.0781  -0.0695 -0.0175 22  THR A CG2 
348  N  N   . GLN A 22 ? 0.2252 0.3776 0.3574 0.1416  -0.0647 0.0152  23  GLN A N   
349  C  CA  . GLN A 22 ? 0.2606 0.4008 0.3585 0.1172  -0.0370 0.0561  23  GLN A CA  
350  C  C   . GLN A 22 ? 0.2388 0.4229 0.3036 0.1110  -0.0155 0.0684  23  GLN A C   
351  O  O   . GLN A 22 ? 0.3037 0.4614 0.3235 0.1063  -0.0046 0.0862  23  GLN A O   
352  C  CB  . GLN A 22 ? 0.2852 0.3780 0.3835 0.1027  -0.0540 0.0712  23  GLN A CB  
353  C  CG  . GLN A 22 ? 0.3610 0.3855 0.4120 0.1273  -0.0895 0.0268  23  GLN A CG  
354  C  CD  . GLN A 22 ? 0.4692 0.4111 0.5196 0.1517  -0.1096 -0.0518 23  GLN A CD  
355  O  OE1 . GLN A 22 ? 0.5717 0.4183 0.5855 0.1833  -0.1253 -0.0703 23  GLN A OE1 
356  N  NE2 . GLN A 22 ? 0.3752 0.4210 0.5844 0.1723  -0.1405 -0.1011 23  GLN A NE2 
365  N  N   . GLY A 23 ? 0.2238 0.4248 0.3132 0.0962  -0.0845 0.0356  24  GLY A N   
366  C  CA  . GLY A 23 ? 0.2543 0.4165 0.2802 0.0974  -0.0902 0.0111  24  GLY A CA  
367  C  C   . GLY A 23 ? 0.2468 0.4093 0.2905 0.1043  -0.0829 -0.0242 24  GLY A C   
368  O  O   . GLY A 23 ? 0.2769 0.4476 0.3465 0.1509  -0.0914 -0.0511 24  GLY A O   
372  N  N   . VAL A 24 ? 0.1933 0.3358 0.2196 0.0769  -0.0661 0.0000  25  VAL A N   
373  C  CA  . VAL A 24 ? 0.2379 0.2883 0.1487 0.0331  -0.0213 0.0082  25  VAL A CA  
374  C  C   . VAL A 24 ? 0.2037 0.2470 0.1180 0.0191  -0.0500 0.0102  25  VAL A C   
375  O  O   . VAL A 24 ? 0.2033 0.2466 0.1559 0.0017  -0.0488 0.0275  25  VAL A O   
376  C  CB  . VAL A 24 ? 0.3087 0.2626 0.1731 0.0153  0.0299  0.0318  25  VAL A CB  
377  C  CG1 . VAL A 24 ? 0.3009 0.2665 0.1998 0.0043  0.0487  0.0337  25  VAL A CG1 
378  C  CG2 . VAL A 24 ? 0.3748 0.2469 0.2093 0.0141  0.0353  0.0419  25  VAL A CG2 
388  N  N   . ILE A 25 ? 0.1913 0.2602 0.1613 0.0460  -0.0134 0.0019  26  ILE A N   
389  C  CA  . ILE A 25 ? 0.1745 0.2429 0.1675 0.0148  -0.0273 -0.0158 26  ILE A CA  
390  C  C   . ILE A 25 ? 0.1724 0.2128 0.1320 0.0002  -0.0040 -0.0161 26  ILE A C   
391  O  O   . ILE A 25 ? 0.1922 0.2386 0.1318 0.0235  -0.0157 -0.0021 26  ILE A O   
392  C  CB  . ILE A 25 ? 0.1912 0.2860 0.2460 -0.0378 -0.0653 -0.0179 26  ILE A CB  
393  C  CG1 . ILE A 25 ? 0.2373 0.3390 0.2580 -0.0309 -0.0927 -0.0380 26  ILE A CG1 
394  C  CG2 . ILE A 25 ? 0.2868 0.2880 0.2357 -0.0445 -0.0383 -0.0267 26  ILE A CG2 
395  C  CD1 . ILE A 25 ? 0.2616 0.3657 0.4032 -0.0290 -0.0258 -0.0323 26  ILE A CD1 
407  N  N   . LEU A 26 ? 0.1285 0.1584 0.1513 -0.0229 0.0015  -0.0162 27  LEU A N   
408  C  CA  . LEU A 26 ? 0.1437 0.1274 0.1057 -0.0380 -0.0043 -0.0020 27  LEU A CA  
409  C  C   . LEU A 26 ? 0.1424 0.1202 0.1213 -0.0382 0.0130  -0.0041 27  LEU A C   
410  O  O   . LEU A 26 ? 0.1427 0.1414 0.1867 -0.0257 0.0110  0.0077  27  LEU A O   
411  C  CB  . LEU A 26 ? 0.1396 0.1223 0.1512 -0.0236 -0.0110 0.0118  27  LEU A CB  
412  C  CG  . LEU A 26 ? 0.1181 0.1429 0.1925 -0.0051 -0.0108 0.0209  27  LEU A CG  
413  C  CD1 . LEU A 26 ? 0.1349 0.1404 0.2148 -0.0130 -0.0106 -0.0029 27  LEU A CD1 
414  C  CD2 . LEU A 26 ? 0.1897 0.1354 0.2544 0.0151  -0.0052 0.0523  27  LEU A CD2 
426  N  N   . THR A 27 ? 0.1187 0.1133 0.1118 -0.0197 0.0077  -0.0068 28  THR A N   
427  C  CA  . THR A 27 ? 0.1417 0.1110 0.0801 -0.0414 -0.0113 0.0063  28  THR A CA  
428  C  C   . THR A 27 ? 0.1364 0.0903 0.0995 -0.0423 -0.0005 0.0057  28  THR A C   
429  O  O   . THR A 27 ? 0.1455 0.1030 0.1342 -0.0468 -0.0132 0.0215  28  THR A O   
430  C  CB  . THR A 27 ? 0.1316 0.1491 0.1315 -0.0208 -0.0259 -0.0083 28  THR A CB  
431  O  OG1 . THR A 27 ? 0.1987 0.1441 0.1378 -0.0006 0.0076  -0.0025 28  THR A OG1 
432  C  CG2 . THR A 27 ? 0.1821 0.1608 0.1331 -0.0319 -0.0060 -0.0275 28  THR A CG2 
440  N  N   . ILE A 28 ? 0.1707 0.0938 0.1170 -0.0120 -0.0144 0.0048  29  ILE A N   
441  C  CA  . ILE A 28 ? 0.1819 0.0838 0.1035 0.0068  -0.0067 -0.0089 29  ILE A CA  
442  C  C   . ILE A 28 ? 0.2220 0.0694 0.1012 -0.0288 -0.0152 0.0006  29  ILE A C   
443  O  O   . ILE A 28 ? 0.2694 0.0818 0.1385 -0.0253 -0.0345 -0.0047 29  ILE A O   
444  C  CB  . ILE A 28 ? 0.1793 0.1144 0.1051 -0.0442 -0.0039 -0.0210 29  ILE A CB  
445  C  CG1 . ILE A 28 ? 0.2355 0.1330 0.1228 -0.0012 0.0278  -0.0420 29  ILE A CG1 
446  C  CG2 . ILE A 28 ? 0.2177 0.1241 0.1269 -0.0520 0.0071  -0.0159 29  ILE A CG2 
447  C  CD1 . ILE A 28 ? 0.2647 0.1367 0.1688 -0.0136 -0.0067 -0.0363 29  ILE A CD1 
459  N  N   . GLN A 29 ? 0.2053 0.0933 0.1666 -0.0117 -0.0584 -0.0037 30  GLN A N   
460  C  CA  . GLN A 29 ? 0.2452 0.0900 0.2150 0.0031  -0.0537 0.0024  30  GLN A CA  
461  C  C   . GLN A 29 ? 0.2773 0.0811 0.2193 0.0111  -0.0309 0.0099  30  GLN A C   
462  O  O   . GLN A 29 ? 0.2310 0.0901 0.2161 -0.0030 -0.0130 -0.0082 30  GLN A O   
463  C  CB  . GLN A 29 ? 0.2445 0.1088 0.2792 0.0248  -0.0625 0.0149  30  GLN A CB  
464  C  CG  . GLN A 29 ? 0.4011 0.1609 0.3453 0.0150  -0.0092 0.0117  30  GLN A CG  
465  C  CD  . GLN A 29 ? 0.4578 0.1898 0.3599 -0.0099 -0.0639 -0.0265 30  GLN A CD  
466  O  OE1 . GLN A 29 ? 0.3939 0.2302 0.4478 0.0090  -0.1068 -0.0517 30  GLN A OE1 
467  N  NE2 . GLN A 29 ? 0.6138 0.1933 0.2296 -0.0079 -0.0431 -0.0114 30  GLN A NE2 
476  N  N   . GLN A 30 ? 0.3379 0.0976 0.2685 0.0050  -0.0479 0.0033  31  GLN A N   
477  C  CA  . GLN A 30 ? 0.3517 0.1401 0.3213 -0.0005 -0.0732 0.0225  31  GLN A CA  
478  C  C   . GLN A 30 ? 0.3253 0.1389 0.2720 0.0085  -0.0862 0.0102  31  GLN A C   
479  O  O   . GLN A 30 ? 0.3249 0.1613 0.2671 -0.0330 -0.0283 -0.0309 31  GLN A O   
480  C  CB  . GLN A 30 ? 0.4628 0.2079 0.4361 -0.0049 -0.0350 0.0367  31  GLN A CB  
481  C  CG  . GLN A 30 ? 0.5936 0.3188 0.5552 0.0107  -0.0650 -0.0124 31  GLN A CG  
482  C  CD  . GLN A 30 ? 0.6511 0.3913 0.6256 0.0396  -0.1271 -0.0708 31  GLN A CD  
483  O  OE1 . GLN A 30 ? 0.6907 0.4593 0.5845 0.0514  -0.1629 -0.1663 31  GLN A OE1 
484  N  NE2 . GLN A 30 ? 0.6353 0.3998 0.7214 0.0509  -0.1204 -0.0375 31  GLN A NE2 
493  N  N   . HIS A 31 ? 0.3107 0.1567 0.2777 0.0623  -0.0726 0.0472  32  HIS A N   
494  C  CA  . HIS A 31 ? 0.2948 0.2607 0.2931 0.0334  -0.0831 0.0561  32  HIS A CA  
495  C  C   . HIS A 31 ? 0.3133 0.3450 0.2997 -0.0166 -0.0793 0.0901  32  HIS A C   
496  O  O   . HIS A 31 ? 0.4180 0.4028 0.3001 -0.0646 -0.0166 0.0857  32  HIS A O   
497  C  CB  . HIS A 31 ? 0.2714 0.2918 0.3887 0.0868  -0.1052 0.0380  32  HIS A CB  
498  C  CG  . HIS A 31 ? 0.3508 0.3055 0.4953 0.0784  -0.0930 0.0201  32  HIS A CG  
499  N  ND1 . HIS A 31 ? 0.3248 0.3071 0.6005 0.0428  -0.1111 0.0369  32  HIS A ND1 
500  C  CD2 . HIS A 31 ? 0.3627 0.3243 0.4952 0.0659  -0.0541 0.0156  32  HIS A CD2 
501  C  CE1 . HIS A 31 ? 0.3465 0.2933 0.5960 0.0366  -0.0745 0.0745  32  HIS A CE1 
502  N  NE2 . HIS A 31 ? 0.3534 0.2964 0.5272 0.0398  -0.0460 0.0553  32  HIS A NE2 
511  N  N   . ASN A 32 ? 0.3900 0.3769 0.3500 0.0173  -0.0852 0.0806  33  ASN A N   
512  C  CA  . ASN A 32 ? 0.4446 0.3520 0.3432 0.0433  -0.0427 0.0618  33  ASN A CA  
513  C  C   . ASN A 32 ? 0.3625 0.2987 0.2443 0.0695  -0.0711 0.0818  33  ASN A C   
514  O  O   . ASN A 32 ? 0.3160 0.3402 0.2756 0.0483  -0.0783 0.0797  33  ASN A O   
515  C  CB  . ASN A 32 ? 0.5085 0.3224 0.4170 0.0620  -0.0241 0.0192  33  ASN A CB  
516  C  CG  . ASN A 32 ? 0.5649 0.3093 0.4321 0.0804  -0.1046 -0.0406 33  ASN A CG  
517  O  OD1 . ASN A 32 ? 0.5849 0.3074 0.4155 0.0947  -0.1679 -0.0675 33  ASN A OD1 
518  N  ND2 . ASN A 32 ? 0.5740 0.2886 0.4561 0.1106  -0.1417 -0.0552 33  ASN A ND2 
525  N  N   . GLN A 33 ? 0.3334 0.2464 0.2227 0.0432  -0.0367 0.1113  34  GLN A N   
526  C  CA  . GLN A 33 ? 0.3292 0.1930 0.2255 0.0238  -0.0493 0.1017  34  GLN A CA  
527  C  C   . GLN A 33 ? 0.2521 0.1023 0.2096 0.0037  -0.0521 0.0417  34  GLN A C   
528  O  O   . GLN A 33 ? 0.3208 0.1012 0.2743 -0.0096 -0.0655 0.0192  34  GLN A O   
529  C  CB  . GLN A 33 ? 0.3293 0.2796 0.3311 0.0521  -0.0338 0.1158  34  GLN A CB  
530  C  CG  . GLN A 33 ? 0.5268 0.4038 0.2818 0.0634  0.0361  0.1123  34  GLN A CG  
531  C  CD  . GLN A 33 ? 0.6665 0.5234 0.2537 0.1197  0.0686  0.0841  34  GLN A CD  
532  O  OE1 . GLN A 33 ? 0.6960 0.5637 0.2582 0.1047  0.1055  0.0917  34  GLN A OE1 
533  N  NE2 . GLN A 33 ? 0.7105 0.5650 0.2457 0.1747  0.0396  0.0544  34  GLN A NE2 
542  N  N   . SER A 34 ? 0.1945 0.0935 0.1593 0.0132  -0.0643 0.0161  35  SER A N   
543  C  CA  . SER A 34 ? 0.1878 0.0886 0.1524 0.0225  -0.0405 -0.0149 35  SER A CA  
544  C  C   . SER A 34 ? 0.1896 0.0755 0.1511 0.0092  -0.0291 -0.0116 35  SER A C   
545  O  O   . SER A 34 ? 0.1749 0.0813 0.1707 0.0321  -0.0411 -0.0222 35  SER A O   
546  C  CB  . SER A 34 ? 0.1549 0.1084 0.1767 0.0486  -0.0177 -0.0277 35  SER A CB  
547  O  OG  . SER A 34 ? 0.2013 0.1823 0.1793 0.0387  -0.0399 -0.0294 35  SER A OG  
553  N  N   . ASP A 35 ? 0.1581 0.0754 0.1270 0.0253  -0.0312 -0.0035 36  ASP A N   
554  C  CA  . ASP A 35 ? 0.2018 0.0941 0.1180 0.0026  -0.0060 -0.0227 36  ASP A CA  
555  C  C   . ASP A 35 ? 0.1609 0.0810 0.1370 -0.0004 -0.0073 -0.0086 36  ASP A C   
556  O  O   . ASP A 35 ? 0.2074 0.0996 0.1310 0.0366  -0.0176 -0.0256 36  ASP A O   
557  C  CB  . ASP A 35 ? 0.2353 0.1193 0.1427 -0.0390 0.0083  -0.0118 36  ASP A CB  
558  C  CG  . ASP A 35 ? 0.3138 0.1569 0.2252 -0.0908 0.0219  0.0102  36  ASP A CG  
559  O  OD1 . ASP A 35 ? 0.3481 0.1834 0.1789 -0.0571 -0.0006 0.0114  36  ASP A OD1 
560  O  OD2 . ASP A 35 ? 0.4308 0.2242 0.2462 -0.1184 0.0401  -0.0046 36  ASP A OD2 
565  N  N   . VAL A 36 ? 0.1232 0.1027 0.1277 0.0142  -0.0061 -0.0363 37  VAL A N   
566  C  CA  . VAL A 36 ? 0.1188 0.1122 0.1053 0.0260  -0.0124 -0.0250 37  VAL A CA  
567  C  C   . VAL A 36 ? 0.1199 0.1147 0.1022 0.0231  0.0136  -0.0167 37  VAL A C   
568  O  O   . VAL A 36 ? 0.1127 0.1334 0.1287 0.0232  0.0039  -0.0158 37  VAL A O   
569  C  CB  . VAL A 36 ? 0.1241 0.1189 0.1514 0.0156  -0.0146 -0.0316 37  VAL A CB  
570  C  CG1 . VAL A 36 ? 0.1712 0.1201 0.1385 0.0046  -0.0004 -0.0002 37  VAL A CG1 
571  C  CG2 . VAL A 36 ? 0.1314 0.1440 0.1889 -0.0026 -0.0214 -0.0368 37  VAL A CG2 
581  N  N   . TRP A 37 ? 0.0922 0.1199 0.1174 0.0286  0.0002  -0.0240 38  TRP A N   
582  C  CA  . TRP A 37 ? 0.0928 0.1192 0.1449 0.0270  0.0024  -0.0193 38  TRP A CA  
583  C  C   . TRP A 37 ? 0.1486 0.1331 0.1294 0.0435  -0.0121 0.0121  38  TRP A C   
584  O  O   . TRP A 37 ? 0.1378 0.1497 0.1305 0.0343  -0.0016 -0.0023 38  TRP A O   
585  C  CB  . TRP A 37 ? 0.1142 0.1223 0.1936 -0.0023 0.0080  -0.0297 38  TRP A CB  
586  C  CG  . TRP A 37 ? 0.1130 0.1496 0.2258 -0.0115 0.0328  -0.0191 38  TRP A CG  
587  C  CD1 . TRP A 37 ? 0.1556 0.1709 0.2291 -0.0550 0.0104  -0.0005 38  TRP A CD1 
588  C  CD2 . TRP A 37 ? 0.1788 0.1959 0.2329 0.0008  0.0400  -0.0196 38  TRP A CD2 
589  N  NE1 . TRP A 37 ? 0.1696 0.1922 0.2455 -0.0216 0.0410  0.0266  38  TRP A NE1 
590  C  CE2 . TRP A 37 ? 0.2022 0.2114 0.2359 -0.0085 0.0581  0.0095  38  TRP A CE2 
591  C  CE3 . TRP A 37 ? 0.1600 0.2278 0.2915 0.0073  0.0511  -0.0283 38  TRP A CE3 
592  C  CZ2 . TRP A 37 ? 0.2143 0.2336 0.3303 -0.0014 0.0863  -0.0028 38  TRP A CZ2 
593  C  CZ3 . TRP A 37 ? 0.2418 0.2391 0.3371 0.0027  0.0899  -0.0042 38  TRP A CZ3 
594  C  CH2 . TRP A 37 ? 0.2218 0.2562 0.3608 0.0001  0.0904  -0.0030 38  TRP A CH2 
605  N  N   . LEU A 38 ? 0.1314 0.1654 0.1430 0.0579  -0.0197 -0.0025 39  LEU A N   
606  C  CA  . LEU A 38 ? 0.1144 0.2058 0.1380 0.0728  -0.0090 -0.0101 39  LEU A CA  
607  C  C   . LEU A 38 ? 0.1054 0.2364 0.1615 0.0499  -0.0067 -0.0375 39  LEU A C   
608  O  O   . LEU A 38 ? 0.1148 0.2426 0.1909 0.0169  -0.0257 -0.0447 39  LEU A O   
609  C  CB  . LEU A 38 ? 0.1172 0.2011 0.1560 0.0644  -0.0075 0.0196  39  LEU A CB  
610  C  CG  . LEU A 38 ? 0.1162 0.2327 0.1816 0.0751  -0.0250 0.0014  39  LEU A CG  
611  C  CD1 . LEU A 38 ? 0.1807 0.2738 0.2360 0.0753  0.0004  0.0245  39  LEU A CD1 
612  C  CD2 . LEU A 38 ? 0.1561 0.2100 0.1722 0.0902  -0.0260 0.0214  39  LEU A CD2 
624  N  N   . ALA A 39 ? 0.1359 0.2724 0.1943 0.0191  -0.0449 -0.0355 40  ALA A N   
625  C  CA  . ALA A 39 ? 0.1736 0.3449 0.1884 0.0675  -0.0382 -0.0677 40  ALA A CA  
626  C  C   . ALA A 39 ? 0.1799 0.4191 0.2335 0.0826  -0.0542 -0.0573 40  ALA A C   
627  O  O   . ALA A 39 ? 0.1962 0.4526 0.2679 0.0928  -0.0806 -0.0411 40  ALA A O   
628  C  CB  . ALA A 39 ? 0.2503 0.3704 0.2243 0.0587  -0.0453 -0.1182 40  ALA A CB  
634  N  N   . ASP A 40 ? 0.2122 0.4186 0.1885 0.1116  -0.0395 0.0254  41  ASP A N   
635  C  CA  . ASP A 40 ? 0.2400 0.4229 0.2761 0.1267  -0.0146 0.0650  41  ASP A CA  
636  C  C   . ASP A 40 ? 0.2201 0.3286 0.2958 0.1015  -0.0182 0.0944  41  ASP A C   
637  O  O   . ASP A 40 ? 0.1923 0.3056 0.4089 0.0650  -0.0312 0.1318  41  ASP A O   
638  C  CB  . ASP A 40 ? 0.2878 0.4801 0.3452 0.1055  -0.0168 0.1188  41  ASP A CB  
639  C  CG  . ASP A 40 ? 0.3967 0.5685 0.6118 -0.0021 0.0019  0.0703  41  ASP A CG  
640  O  OD1 . ASP A 40 ? 0.4428 0.5708 0.6674 -0.0852 -0.0303 0.0413  41  ASP A OD1 
641  O  OD2 . ASP A 40 ? 0.4036 0.6200 0.7453 -0.0271 0.0511  0.0548  41  ASP A OD2 
646  N  N   . GLU A 41 ? 0.2453 0.2910 0.2268 0.0795  -0.0186 0.0357  42  GLU A N   
647  C  CA  . GLU A 41 ? 0.2262 0.2534 0.2400 0.0596  -0.0176 0.0167  42  GLU A CA  
648  C  C   . GLU A 41 ? 0.1791 0.2419 0.2129 0.0481  -0.0099 0.0261  42  GLU A C   
649  O  O   . GLU A 41 ? 0.1563 0.2235 0.2213 0.0065  -0.0195 0.0055  42  GLU A O   
650  C  CB  . GLU A 41 ? 0.3210 0.2674 0.2719 0.0440  -0.0157 0.0215  42  GLU A CB  
651  C  CG  . GLU A 41 ? 0.3446 0.3018 0.3083 0.0320  -0.0160 0.0069  42  GLU A CG  
652  C  CD  . GLU A 41 ? 0.3304 0.3213 0.4063 0.0582  0.0007  -0.0064 42  GLU A CD  
653  O  OE1 . GLU A 41 ? 0.3484 0.3182 0.3279 0.0922  0.0277  -0.0180 42  GLU A OE1 
654  O  OE2 . GLU A 41 ? 0.2963 0.3347 0.5390 0.0460  -0.0244 -0.0010 42  GLU A OE2 
661  N  N   . SER A 42 ? 0.1711 0.2263 0.1974 0.0248  -0.0377 0.0276  43  SER A N   
662  C  CA  . SER A 42 ? 0.1505 0.2594 0.2306 0.0370  -0.0546 0.0302  43  SER A CA  
663  C  C   . SER A 42 ? 0.1476 0.2601 0.2016 0.0195  -0.0730 0.0474  43  SER A C   
664  O  O   . SER A 42 ? 0.1659 0.2397 0.2737 0.0221  -0.0933 0.0630  43  SER A O   
665  C  CB  . SER A 42 ? 0.2182 0.2832 0.2150 0.0870  -0.0347 0.0341  43  SER A CB  
666  O  OG  . SER A 42 ? 0.2724 0.3177 0.1771 0.0973  -0.0564 0.0352  43  SER A OG  
672  N  N   . GLN A 43 ? 0.1594 0.2742 0.1936 0.0176  -0.0632 0.0546  44  GLN A N   
673  C  CA  . GLN A 43 ? 0.1489 0.3166 0.2081 0.0210  -0.0466 0.0600  44  GLN A CA  
674  C  C   . GLN A 43 ? 0.1080 0.2281 0.2007 -0.0092 -0.0275 0.0873  44  GLN A C   
675  O  O   . GLN A 43 ? 0.1216 0.2293 0.2385 -0.0194 -0.0487 0.1114  44  GLN A O   
676  C  CB  . GLN A 43 ? 0.2146 0.4166 0.2040 0.0136  -0.0607 0.0862  44  GLN A CB  
677  C  CG  . GLN A 43 ? 0.2588 0.5087 0.2252 0.0042  -0.0646 0.0962  44  GLN A CG  
678  C  CD  . GLN A 43 ? 0.3895 0.6047 0.2245 0.0088  -0.0328 0.0697  44  GLN A CD  
679  O  OE1 . GLN A 43 ? 0.5086 0.6240 0.2410 0.0222  0.0642  0.0937  44  GLN A OE1 
680  N  NE2 . GLN A 43 ? 0.3474 0.6444 0.2805 0.0090  -0.0531 0.0419  44  GLN A NE2 
689  N  N   . ALA A 44 ? 0.1365 0.2041 0.1570 0.0058  -0.0101 0.0415  45  ALA A N   
690  C  CA  . ALA A 44 ? 0.1490 0.1712 0.1605 0.0099  -0.0019 0.0141  45  ALA A CA  
691  C  C   . ALA A 44 ? 0.1430 0.1595 0.2441 0.0415  -0.0315 -0.0128 45  ALA A C   
692  O  O   . ALA A 44 ? 0.1494 0.1342 0.2955 0.0172  -0.0559 0.0036  45  ALA A O   
693  C  CB  . ALA A 44 ? 0.1480 0.2038 0.1465 0.0062  0.0122  -0.0124 45  ALA A CB  
699  N  N   . GLU A 45 ? 0.1445 0.1683 0.3513 0.0284  -0.0373 0.0180  46  GLU A N   
700  C  CA  . GLU A 45 ? 0.1818 0.1807 0.3962 0.0459  -0.0593 0.0073  46  GLU A CA  
701  C  C   . GLU A 45 ? 0.2335 0.1873 0.4354 0.0361  -0.1047 0.0435  46  GLU A C   
702  O  O   . GLU A 45 ? 0.2554 0.1523 0.4885 0.0088  -0.1157 0.0391  46  GLU A O   
703  C  CB  . GLU A 45 ? 0.2182 0.2433 0.4144 0.0288  -0.0489 -0.0045 46  GLU A CB  
704  C  CG  . GLU A 45 ? 0.2807 0.3049 0.3610 0.0138  -0.0100 -0.0020 46  GLU A CG  
705  C  CD  . GLU A 45 ? 0.3132 0.3531 0.3498 -0.0090 0.0177  -0.0053 46  GLU A CD  
712  N  N   . ARG A 46 ? 0.2133 0.1969 0.4107 -0.0303 -0.1141 0.1192  47  ARG A N   
713  C  CA  . ARG A 46 ? 0.2302 0.2503 0.4620 -0.0128 -0.0611 0.1603  47  ARG A CA  
714  C  C   . ARG A 46 ? 0.1780 0.2014 0.4054 -0.0280 -0.0733 0.1374  47  ARG A C   
715  O  O   . ARG A 46 ? 0.1635 0.1989 0.4590 -0.0375 -0.0885 0.1345  47  ARG A O   
716  C  CB  . ARG A 46 ? 0.2449 0.3276 0.5234 -0.0050 -0.0221 0.2289  47  ARG A CB  
717  C  CG  . ARG A 46 ? 0.3003 0.4330 0.6105 0.0329  0.0085  0.2205  47  ARG A CG  
718  C  CD  . ARG A 46 ? 0.4016 0.5305 0.7189 0.0531  0.0073  0.1692  47  ARG A CD  
719  N  NE  . ARG A 46 ? 0.5553 0.6075 0.8030 0.0700  0.0031  0.1148  47  ARG A NE  
720  C  CZ  . ARG A 46 ? 0.7050 0.6552 0.8793 0.0511  -0.0146 0.0741  47  ARG A CZ  
721  N  NH1 . ARG A 46 ? 0.8075 0.6690 0.8959 0.0530  -0.0067 0.0456  47  ARG A NH1 
722  N  NH2 . ARG A 46 ? 0.7100 0.6678 0.9171 0.0246  -0.0409 0.0758  47  ARG A NH2 
736  N  N   . VAL A 47 ? 0.1654 0.1738 0.2894 -0.0399 -0.0774 0.0846  48  VAL A N   
737  C  CA  . VAL A 47 ? 0.1324 0.1263 0.2211 -0.0045 -0.0589 0.0550  48  VAL A CA  
738  C  C   . VAL A 47 ? 0.0929 0.0745 0.2457 -0.0064 -0.0425 0.0216  48  VAL A C   
739  O  O   . VAL A 47 ? 0.1163 0.0964 0.2560 0.0024  -0.0358 -0.0195 48  VAL A O   
740  C  CB  . VAL A 47 ? 0.1522 0.1310 0.1787 -0.0108 -0.0328 0.0048  48  VAL A CB  
741  C  CG1 . VAL A 47 ? 0.1745 0.0871 0.2183 0.0074  -0.0438 -0.0091 48  VAL A CG1 
742  C  CG2 . VAL A 47 ? 0.1392 0.1703 0.1953 -0.0044 -0.0338 0.0030  48  VAL A CG2 
752  N  N   . ARG A 48 ? 0.1202 0.0916 0.2773 0.0069  -0.0638 0.0160  49  ARG A N   
753  C  CA  . ARG A 48 ? 0.1310 0.1062 0.2914 0.0317  -0.0254 -0.0384 49  ARG A CA  
754  C  C   . ARG A 48 ? 0.1300 0.1208 0.3434 0.0278  -0.0370 -0.0448 49  ARG A C   
755  O  O   . ARG A 48 ? 0.1611 0.1295 0.3848 0.0263  -0.0356 -0.0628 49  ARG A O   
756  C  CB  . ARG A 48 ? 0.1493 0.1307 0.3073 0.0502  -0.0442 -0.0146 49  ARG A CB  
757  C  CG  . ARG A 48 ? 0.1521 0.1544 0.2483 0.0462  -0.0191 -0.0211 49  ARG A CG  
758  C  CD  . ARG A 48 ? 0.1956 0.2065 0.3092 0.0507  -0.0078 -0.0098 49  ARG A CD  
759  N  NE  . ARG A 48 ? 0.1876 0.2457 0.3556 0.0223  0.0147  0.0110  49  ARG A NE  
760  C  CZ  . ARG A 48 ? 0.2319 0.2793 0.3522 0.0158  -0.0153 0.0461  49  ARG A CZ  
761  N  NH1 . ARG A 48 ? 0.2689 0.2642 0.3291 0.0346  -0.0583 0.0256  49  ARG A NH1 
762  N  NH2 . ARG A 48 ? 0.2554 0.2988 0.3554 -0.0034 0.0025  0.0681  49  ARG A NH2 
776  N  N   . ALA A 49 ? 0.1433 0.1216 0.3904 0.0195  -0.0633 -0.0431 50  ALA A N   
777  C  CA  . ALA A 49 ? 0.1626 0.1215 0.3991 0.0234  -0.0541 -0.0324 50  ALA A CA  
778  C  C   . ALA A 49 ? 0.1609 0.0888 0.2987 0.0186  -0.0378 -0.0139 50  ALA A C   
779  O  O   . ALA A 49 ? 0.1688 0.0946 0.3045 0.0179  -0.0355 -0.0357 50  ALA A O   
780  C  CB  . ALA A 49 ? 0.1970 0.1317 0.4713 0.0145  -0.0650 -0.0033 50  ALA A CB  
786  N  N   . GLU A 50 ? 0.1716 0.0851 0.2666 0.0254  -0.0417 -0.0158 51  GLU A N   
787  C  CA  A GLU A 50 ? 0.1157 0.0836 0.2310 0.0266  -0.0382 -0.0118 51  GLU A CA  
788  C  CA  B GLU A 50 ? 0.1353 0.0859 0.2834 0.0114  -0.0348 -0.0203 51  GLU A CA  
789  C  C   . GLU A 50 ? 0.1471 0.0753 0.2046 0.0230  -0.0121 -0.0311 51  GLU A C   
790  O  O   . GLU A 50 ? 0.1476 0.1042 0.1774 0.0134  -0.0203 -0.0413 51  GLU A O   
791  C  CB  A GLU A 50 ? 0.1451 0.0762 0.1798 0.0230  -0.0545 0.0097  51  GLU A CB  
792  C  CB  B GLU A 50 ? 0.1697 0.0976 0.2597 -0.0275 -0.0132 0.0064  51  GLU A CB  
793  C  CG  A GLU A 50 ? 0.1971 0.0990 0.1728 0.0226  -0.0602 -0.0324 51  GLU A CG  
794  C  CG  B GLU A 50 ? 0.1828 0.1137 0.1969 -0.0252 0.0231  0.0220  51  GLU A CG  
795  C  CD  A GLU A 50 ? 0.2112 0.1248 0.2869 0.0462  -0.0428 -0.0404 51  GLU A CD  
796  C  CD  B GLU A 50 ? 0.1560 0.1161 0.2067 -0.0209 0.0059  0.0179  51  GLU A CD  
797  O  OE1 A GLU A 50 ? 0.2176 0.1125 0.3451 0.0447  0.0098  -0.0228 51  GLU A OE1 
798  O  OE1 B GLU A 50 ? 0.1550 0.1532 0.2432 -0.0174 -0.0111 0.0128  51  GLU A OE1 
799  O  OE2 A GLU A 50 ? 0.1459 0.1500 0.3493 0.0336  -0.0763 -0.0965 51  GLU A OE2 
800  O  OE2 B GLU A 50 ? 0.1565 0.0760 0.1705 0.0062  -0.0261 0.0435  51  GLU A OE2 
813  N  N   . LEU A 51 ? 0.1195 0.0800 0.2206 0.0239  -0.0195 -0.0339 52  LEU A N   
814  C  CA  . LEU A 51 ? 0.1525 0.0740 0.1992 0.0407  -0.0036 -0.0004 52  LEU A CA  
815  C  C   . LEU A 51 ? 0.1693 0.0685 0.1809 0.0391  0.0051  -0.0169 52  LEU A C   
816  O  O   . LEU A 51 ? 0.1572 0.0838 0.1669 0.0408  0.0102  -0.0375 52  LEU A O   
817  C  CB  . LEU A 51 ? 0.1437 0.0843 0.1722 0.0220  -0.0166 -0.0265 52  LEU A CB  
818  C  CG  . LEU A 51 ? 0.1666 0.0746 0.2049 0.0236  -0.0128 -0.0171 52  LEU A CG  
819  C  CD1 . LEU A 51 ? 0.1869 0.0846 0.2073 0.0278  -0.0331 -0.0222 52  LEU A CD1 
820  C  CD2 . LEU A 51 ? 0.1073 0.0983 0.2169 0.0203  0.0006  0.0021  52  LEU A CD2 
832  N  N   . ALA A 52 ? 0.1404 0.1047 0.2088 0.0295  -0.0120 -0.0628 53  ALA A N   
833  C  CA  . ALA A 52 ? 0.1504 0.1070 0.2134 0.0151  0.0290  -0.0638 53  ALA A CA  
834  C  C   . ALA A 52 ? 0.1792 0.0960 0.2280 0.0364  0.0144  -0.0442 53  ALA A C   
835  O  O   . ALA A 52 ? 0.1815 0.1111 0.2098 0.0318  0.0171  -0.0457 53  ALA A O   
836  C  CB  . ALA A 52 ? 0.1591 0.1281 0.2731 0.0415  0.0255  -0.0562 53  ALA A CB  
842  N  N   . ARG A 53 ? 0.1457 0.0810 0.1920 0.0307  -0.0164 -0.0407 54  ARG A N   
843  C  CA  . ARG A 53 ? 0.1620 0.0827 0.1864 0.0088  -0.0010 -0.0283 54  ARG A CA  
844  C  C   . ARG A 53 ? 0.1394 0.0861 0.1515 0.0116  0.0008  -0.0322 54  ARG A C   
845  O  O   . ARG A 53 ? 0.1593 0.1082 0.1515 0.0057  -0.0139 -0.0422 54  ARG A O   
846  C  CB  . ARG A 53 ? 0.1870 0.1111 0.2612 0.0286  -0.0189 -0.0236 54  ARG A CB  
847  C  CG  . ARG A 53 ? 0.1956 0.0988 0.2520 -0.0002 -0.0014 -0.0236 54  ARG A CG  
848  C  CD  . ARG A 53 ? 0.2296 0.1115 0.2275 -0.0045 0.0312  -0.0218 54  ARG A CD  
849  N  NE  . ARG A 53 ? 0.1911 0.1133 0.2828 0.0278  0.0318  -0.0169 54  ARG A NE  
850  C  CZ  . ARG A 53 ? 0.1953 0.1366 0.2802 -0.0489 0.0355  -0.0299 54  ARG A CZ  
851  N  NH1 . ARG A 53 ? 0.2649 0.1643 0.2399 -0.0520 0.0140  -0.0411 54  ARG A NH1 
852  N  NH2 . ARG A 53 ? 0.2908 0.1693 0.2175 -0.0592 0.0344  -0.0529 54  ARG A NH2 
866  N  N   . PHE A 54 ? 0.1217 0.0993 0.1538 0.0090  0.0131  -0.0448 55  PHE A N   
867  C  CA  . PHE A 54 ? 0.1098 0.1011 0.1431 0.0262  0.0188  -0.0495 55  PHE A CA  
868  C  C   . PHE A 54 ? 0.1404 0.0990 0.1529 0.0346  0.0133  -0.0510 55  PHE A C   
869  O  O   . PHE A 54 ? 0.1322 0.1261 0.1804 0.0180  -0.0115 -0.0263 55  PHE A O   
870  C  CB  . PHE A 54 ? 0.1110 0.1023 0.1381 0.0059  0.0178  -0.0296 55  PHE A CB  
871  C  CG  . PHE A 54 ? 0.1076 0.0975 0.1642 0.0272  0.0174  -0.0361 55  PHE A CG  
872  C  CD1 . PHE A 54 ? 0.1319 0.0963 0.1828 0.0283  0.0067  0.0127  55  PHE A CD1 
873  C  CD2 . PHE A 54 ? 0.1594 0.0793 0.1181 0.0130  -0.0026 -0.0177 55  PHE A CD2 
874  C  CE1 . PHE A 54 ? 0.1402 0.0945 0.1824 0.0477  0.0265  -0.0228 55  PHE A CE1 
875  C  CE2 . PHE A 54 ? 0.1583 0.0830 0.1486 0.0186  0.0194  0.0000  55  PHE A CE2 
876  C  CZ  . PHE A 54 ? 0.1757 0.0705 0.1782 0.0329  -0.0024 0.0017  55  PHE A CZ  
886  N  N   . LEU A 55 ? 0.1472 0.0921 0.1542 0.0371  0.0200  -0.0397 56  LEU A N   
887  C  CA  . LEU A 55 ? 0.1892 0.0974 0.1473 0.0281  0.0212  -0.0145 56  LEU A CA  
888  C  C   . LEU A 55 ? 0.1725 0.1000 0.1806 0.0040  0.0058  -0.0057 56  LEU A C   
889  O  O   . LEU A 55 ? 0.2037 0.1269 0.1808 0.0167  -0.0315 -0.0134 56  LEU A O   
890  C  CB  . LEU A 55 ? 0.2459 0.0909 0.1451 0.0214  0.0315  -0.0178 56  LEU A CB  
891  C  CG  . LEU A 55 ? 0.2459 0.1117 0.2005 0.0152  0.0228  0.0290  56  LEU A CG  
892  C  CD1 . LEU A 55 ? 0.2807 0.1533 0.2159 0.0227  0.0376  0.0188  56  LEU A CD1 
893  C  CD2 . LEU A 55 ? 0.2920 0.1202 0.2092 -0.0100 0.0073  0.0473  56  LEU A CD2 
905  N  N   . GLU A 56 ? 0.2315 0.1151 0.1778 -0.0051 -0.0209 -0.0233 57  GLU A N   
906  C  CA  . GLU A 56 ? 0.3037 0.1390 0.1766 0.0275  -0.0365 0.0081  57  GLU A CA  
907  C  C   . GLU A 56 ? 0.3128 0.1357 0.1169 -0.0194 -0.0371 -0.0050 57  GLU A C   
908  O  O   . GLU A 56 ? 0.3293 0.1305 0.1832 -0.0088 -0.0793 -0.0212 57  GLU A O   
909  C  CB  . GLU A 56 ? 0.4307 0.1848 0.2999 0.0550  -0.0594 0.0268  57  GLU A CB  
910  C  CG  . GLU A 56 ? 0.6214 0.3170 0.5136 0.0501  -0.0816 0.0629  57  GLU A CG  
911  C  CD  . GLU A 56 ? 0.7815 0.4116 0.7569 0.0337  -0.0479 0.0822  57  GLU A CD  
912  O  OE1 . GLU A 56 ? 0.8029 0.4342 0.8838 0.1035  -0.0440 0.1376  57  GLU A OE1 
913  O  OE2 . GLU A 56 ? 0.8623 0.4598 0.8104 -0.0417 -0.0074 0.0557  57  GLU A OE2 
920  N  N   . ASN A 57 ? 0.2355 0.1675 0.1584 -0.0416 -0.0537 0.0196  58  ASN A N   
921  C  CA  . ASN A 57 ? 0.2091 0.2355 0.2250 -0.0516 -0.0499 0.0204  58  ASN A CA  
922  C  C   . ASN A 57 ? 0.1759 0.2372 0.2060 -0.0363 -0.0280 0.0179  58  ASN A C   
923  O  O   . ASN A 57 ? 0.1965 0.2148 0.2017 -0.0435 -0.0064 0.0161  58  ASN A O   
924  C  CB  . ASN A 57 ? 0.2279 0.3365 0.3259 -0.0807 -0.0170 -0.0490 58  ASN A CB  
925  C  CG  . ASN A 57 ? 0.2345 0.4212 0.4080 -0.0778 -0.0145 -0.0737 58  ASN A CG  
926  O  OD1 . ASN A 57 ? 0.2457 0.4466 0.3795 -0.0388 -0.0302 -0.0227 58  ASN A OD1 
927  N  ND2 . ASN A 57 ? 0.2721 0.4658 0.5088 -0.1067 0.0002  -0.1485 58  ASN A ND2 
934  N  N   . PRO A 58 ? 0.1498 0.2492 0.1839 -0.0260 -0.0222 0.0274  59  PRO A N   
935  C  CA  . PRO A 58 ? 0.1470 0.2462 0.2518 -0.0246 0.0158  0.0105  59  PRO A CA  
936  C  C   . PRO A 58 ? 0.1674 0.2659 0.2861 0.0033  -0.0199 0.0028  59  PRO A C   
937  O  O   . PRO A 58 ? 0.1989 0.2561 0.3405 0.0006  0.0044  -0.0129 59  PRO A O   
938  C  CB  . PRO A 58 ? 0.1575 0.2592 0.2783 -0.0378 0.0383  0.0202  59  PRO A CB  
939  C  CG  . PRO A 58 ? 0.2304 0.2685 0.2455 -0.0108 0.0120  0.0410  59  PRO A CG  
940  C  CD  . PRO A 58 ? 0.1889 0.2565 0.1867 -0.0022 -0.0103 0.0502  59  PRO A CD  
948  N  N   . ALA A 59 ? 0.1135 0.2913 0.2961 -0.0137 -0.0322 0.0199  60  ALA A N   
949  C  CA  . ALA A 59 ? 0.1398 0.3092 0.3113 -0.0056 -0.0286 0.0320  60  ALA A CA  
950  C  C   . ALA A 59 ? 0.1898 0.2922 0.2842 -0.0218 0.0013  0.0008  60  ALA A C   
951  O  O   . ALA A 59 ? 0.1913 0.3074 0.3365 -0.0417 0.0074  -0.0293 60  ALA A O   
952  C  CB  . ALA A 59 ? 0.1650 0.3492 0.3390 0.0035  -0.0685 0.0385  60  ALA A CB  
958  N  N   . ASP A 60 ? 0.1897 0.2413 0.2266 -0.0452 0.0105  -0.0176 61  ASP A N   
959  C  CA  . ASP A 60 ? 0.2094 0.2024 0.2745 -0.0229 -0.0086 -0.0434 61  ASP A CA  
960  C  C   . ASP A 60 ? 0.1975 0.1773 0.2866 -0.0235 0.0214  -0.0225 61  ASP A C   
961  O  O   . ASP A 60 ? 0.1748 0.1575 0.2745 -0.0059 0.0437  0.0209  61  ASP A O   
962  C  CB  . ASP A 60 ? 0.2841 0.1745 0.2613 -0.0273 0.0451  -0.0617 61  ASP A CB  
963  C  CG  . ASP A 60 ? 0.3180 0.1643 0.3161 -0.0370 0.0690  -0.0905 61  ASP A CG  
964  O  OD1 . ASP A 60 ? 0.4192 0.2096 0.3736 -0.0754 0.0958  -0.1202 61  ASP A OD1 
965  O  OD2 . ASP A 60 ? 0.2091 0.1280 0.3230 0.0048  0.0568  -0.0515 61  ASP A OD2 
970  N  N   . PRO A 61 ? 0.1622 0.1640 0.3470 -0.0427 0.0547  -0.0521 62  PRO A N   
971  C  CA  . PRO A 61 ? 0.1528 0.1403 0.3308 -0.0369 0.0812  -0.0099 62  PRO A CA  
972  C  C   . PRO A 61 ? 0.1634 0.1344 0.3024 -0.0380 0.0851  0.0020  62  PRO A C   
973  O  O   . PRO A 61 ? 0.1949 0.1387 0.2782 0.0025  0.0706  -0.0046 62  PRO A O   
974  C  CB  . PRO A 61 ? 0.2060 0.1608 0.4039 -0.0504 0.0728  -0.0372 62  PRO A CB  
975  C  CG  . PRO A 61 ? 0.2273 0.1769 0.3841 -0.0584 0.1043  -0.0498 62  PRO A CG  
976  C  CD  . PRO A 61 ? 0.1949 0.1796 0.3749 -0.0632 0.0953  -0.0663 62  PRO A CD  
984  N  N   . ARG A 62 ? 0.1735 0.1282 0.2690 -0.0026 0.0880  -0.0073 63  ARG A N   
985  C  CA  . ARG A 62 ? 0.1755 0.1263 0.2448 0.0108  0.0591  0.0065  63  ARG A CA  
986  C  C   . ARG A 62 ? 0.2026 0.1030 0.2358 0.0288  0.0787  -0.0057 63  ARG A C   
987  O  O   . ARG A 62 ? 0.2535 0.1344 0.2366 0.0193  0.0977  -0.0062 63  ARG A O   
988  C  CB  . ARG A 62 ? 0.2060 0.1163 0.3004 0.0335  0.0637  0.0130  63  ARG A CB  
989  C  CG  . ARG A 62 ? 0.2289 0.1264 0.3540 0.0372  0.1035  0.0064  63  ARG A CG  
990  C  CD  . ARG A 62 ? 0.2404 0.1262 0.3564 0.0098  0.1306  0.0372  63  ARG A CD  
991  N  NE  . ARG A 62 ? 0.2806 0.1318 0.4368 0.0114  0.1131  0.0103  63  ARG A NE  
992  C  CZ  . ARG A 62 ? 0.2758 0.1416 0.4980 0.0152  0.0931  0.0047  63  ARG A CZ  
993  N  NH1 . ARG A 62 ? 0.2172 0.1590 0.5354 -0.0004 0.0572  -0.0520 63  ARG A NH1 
994  N  NH2 . ARG A 62 ? 0.3045 0.1499 0.5197 0.0236  0.0960  0.0016  63  ARG A NH2 
1008 N  N   . TYR A 63 ? 0.1601 0.0934 0.1996 0.0181  0.0723  -0.0223 64  TYR A N   
1009 C  CA  . TYR A 63 ? 0.1766 0.0819 0.2514 0.0152  0.0610  -0.0001 64  TYR A CA  
1010 C  C   . TYR A 63 ? 0.1441 0.0964 0.2973 0.0082  0.0609  -0.0260 64  TYR A C   
1011 O  O   . TYR A 63 ? 0.2222 0.1074 0.3358 0.0081  0.0346  -0.0495 64  TYR A O   
1012 C  CB  . TYR A 63 ? 0.1868 0.0796 0.2106 0.0326  0.0477  0.0011  64  TYR A CB  
1013 C  CG  . TYR A 63 ? 0.1732 0.0930 0.1818 0.0368  0.0573  -0.0156 64  TYR A CG  
1014 C  CD1 . TYR A 63 ? 0.1472 0.0992 0.1916 0.0236  0.0330  -0.0227 64  TYR A CD1 
1015 C  CD2 . TYR A 63 ? 0.1422 0.1147 0.1879 0.0143  0.0620  -0.0451 64  TYR A CD2 
1016 C  CE1 . TYR A 63 ? 0.1509 0.1019 0.1854 0.0000  0.0334  -0.0201 64  TYR A CE1 
1017 C  CE2 . TYR A 63 ? 0.1649 0.1038 0.1751 -0.0054 0.0657  -0.0287 64  TYR A CE2 
1018 C  CZ  . TYR A 63 ? 0.1440 0.1180 0.2071 0.0207  0.0601  -0.0264 64  TYR A CZ  
1019 O  OH  . TYR A 63 ? 0.1847 0.1300 0.2470 0.0254  0.0647  -0.0223 64  TYR A OH  
1029 N  N   . LEU A 64 ? 0.1482 0.1040 0.3499 0.0105  0.0654  -0.0071 65  LEU A N   
1030 C  CA  . LEU A 64 ? 0.1370 0.1346 0.4118 0.0158  0.0380  0.0152  65  LEU A CA  
1031 C  C   . LEU A 64 ? 0.1574 0.1619 0.3911 0.0262  0.0470  -0.0429 65  LEU A C   
1032 O  O   . LEU A 64 ? 0.1851 0.1812 0.4012 0.0502  0.0086  -0.0874 65  LEU A O   
1033 C  CB  . LEU A 64 ? 0.1821 0.1884 0.4609 0.0129  -0.0152 0.0426  65  LEU A CB  
1034 C  CG  . LEU A 64 ? 0.3070 0.2525 0.4656 -0.0449 -0.0246 0.0753  65  LEU A CG  
1035 C  CD1 . LEU A 64 ? 0.3395 0.2719 0.4195 -0.0864 -0.0298 0.0681  65  LEU A CD1 
1036 C  CD2 . LEU A 64 ? 0.3508 0.2835 0.5163 -0.0722 -0.0304 0.1060  65  LEU A CD2 
1048 N  N   . ALA A 65 ? 0.1827 0.1736 0.3557 0.0086  0.1058  -0.0433 66  ALA A N   
1049 C  CA  . ALA A 65 ? 0.3390 0.2282 0.3108 -0.0254 0.1545  -0.0491 66  ALA A CA  
1050 C  C   . ALA A 65 ? 0.3006 0.2149 0.2748 -0.0070 0.1541  -0.0308 66  ALA A C   
1051 O  O   . ALA A 65 ? 0.3450 0.2003 0.3264 -0.0136 0.1463  0.0027  66  ALA A O   
1052 C  CB  . ALA A 65 ? 0.4113 0.2650 0.3559 -0.0948 0.1790  -0.0496 66  ALA A CB  
1058 N  N   A ALA A 66 ? 0.2886 0.2027 0.2428 0.0280  0.1012  -0.0239 67  ALA A N   
1059 C  CA  A ALA A 66 ? 0.2722 0.2520 0.2347 -0.0035 0.0685  -0.0583 67  ALA A CA  
1060 C  C   A ALA A 66 ? 0.3960 0.2889 0.2863 -0.0821 0.0960  -0.0708 67  ALA A C   
1061 O  O   A ALA A 66 ? 0.4344 0.2801 0.3492 -0.1061 0.1843  -0.1131 67  ALA A O   
1062 C  CB  A ALA A 66 ? 0.2620 0.2734 0.3076 0.0202  0.0027  -0.1086 67  ALA A CB  
1068 C  C   . ACT B .  ? 0.5402 0.3667 0.3278 0.0715  0.0776  0.1389  101 ACT A C   
1069 O  O   . ACT B .  ? 0.6030 0.3461 0.3556 0.0976  0.0574  0.1515  101 ACT A O   
1070 O  OXT . ACT B .  ? 0.4949 0.3580 0.2873 0.0490  0.1085  0.1529  101 ACT A OXT 
1071 C  CH3 . ACT B .  ? 0.4937 0.3691 0.3437 0.0572  0.0622  0.1487  101 ACT A CH3 
# 
